data_1EW4
# 
_entry.id   1EW4 
# 
_audit_conform.dict_name       mmcif_pdbx.dic 
_audit_conform.dict_version    5.385 
_audit_conform.dict_location   http://mmcif.pdb.org/dictionaries/ascii/mmcif_pdbx.dic 
# 
loop_
_database_2.database_id 
_database_2.database_code 
_database_2.pdbx_database_accession 
_database_2.pdbx_DOI 
PDB   1EW4         pdb_00001ew4 10.2210/pdb1ew4/pdb 
RCSB  RCSB010949   ?            ?                   
WWPDB D_1000010949 ?            ?                   
# 
loop_
_pdbx_audit_revision_history.ordinal 
_pdbx_audit_revision_history.data_content_type 
_pdbx_audit_revision_history.major_revision 
_pdbx_audit_revision_history.minor_revision 
_pdbx_audit_revision_history.revision_date 
1 'Structure model' 1 0 2000-08-09 
2 'Structure model' 1 1 2008-04-27 
3 'Structure model' 1 2 2011-07-13 
4 'Structure model' 1 3 2024-02-07 
# 
_pdbx_audit_revision_details.ordinal             1 
_pdbx_audit_revision_details.revision_ordinal    1 
_pdbx_audit_revision_details.data_content_type   'Structure model' 
_pdbx_audit_revision_details.provider            repository 
_pdbx_audit_revision_details.type                'Initial release' 
_pdbx_audit_revision_details.description         ? 
_pdbx_audit_revision_details.details             ? 
# 
loop_
_pdbx_audit_revision_group.ordinal 
_pdbx_audit_revision_group.revision_ordinal 
_pdbx_audit_revision_group.data_content_type 
_pdbx_audit_revision_group.group 
1 2 'Structure model' 'Version format compliance' 
2 3 'Structure model' 'Version format compliance' 
3 4 'Structure model' 'Data collection'           
4 4 'Structure model' 'Database references'       
# 
loop_
_pdbx_audit_revision_category.ordinal 
_pdbx_audit_revision_category.revision_ordinal 
_pdbx_audit_revision_category.data_content_type 
_pdbx_audit_revision_category.category 
1 4 'Structure model' chem_comp_atom 
2 4 'Structure model' chem_comp_bond 
3 4 'Structure model' database_2     
# 
loop_
_pdbx_audit_revision_item.ordinal 
_pdbx_audit_revision_item.revision_ordinal 
_pdbx_audit_revision_item.data_content_type 
_pdbx_audit_revision_item.item 
1 4 'Structure model' '_database_2.pdbx_DOI'                
2 4 'Structure model' '_database_2.pdbx_database_accession' 
# 
_pdbx_database_status.status_code                     REL 
_pdbx_database_status.entry_id                        1EW4 
_pdbx_database_status.recvd_initial_deposition_date   2000-04-22 
_pdbx_database_status.deposit_site                    RCSB 
_pdbx_database_status.process_site                    RCSB 
_pdbx_database_status.status_code_sf                  REL 
_pdbx_database_status.SG_entry                        . 
_pdbx_database_status.pdb_format_compatible           Y 
_pdbx_database_status.status_code_mr                  ? 
_pdbx_database_status.status_code_cs                  ? 
_pdbx_database_status.status_code_nmr_data            ? 
_pdbx_database_status.methods_development_category    ? 
# 
loop_
_audit_author.name 
_audit_author.pdbx_ordinal 
'Suh, S.W.'  1 
'Cho, S.'    2 
'Lee, M.G.'  3 
'Yang, J.K.' 4 
'Lee, J.Y.'  5 
'Song, H.K.' 6 
# 
_citation.id                        primary 
_citation.title                     
;Crystal structure of Escherichia coli CyaY protein reveals a previously unidentified fold for the evolutionarily conserved frataxin family.
;
_citation.journal_abbrev            Proc.Natl.Acad.Sci.USA 
_citation.journal_volume            97 
_citation.page_first                8932 
_citation.page_last                 8937 
_citation.year                      2000 
_citation.journal_id_ASTM           PNASA6 
_citation.country                   US 
_citation.journal_id_ISSN           0027-8424 
_citation.journal_id_CSD            0040 
_citation.book_publisher            ? 
_citation.pdbx_database_id_PubMed   10908679 
_citation.pdbx_database_id_DOI      10.1073/pnas.160270897 
# 
loop_
_citation_author.citation_id 
_citation_author.name 
_citation_author.ordinal 
_citation_author.identifier_ORCID 
primary 'Cho, S.J.'  1 ? 
primary 'Lee, M.G.'  2 ? 
primary 'Yang, J.K.' 3 ? 
primary 'Lee, J.Y.'  4 ? 
primary 'Song, H.K.' 5 ? 
primary 'Suh, S.W.'  6 ? 
# 
loop_
_entity.id 
_entity.type 
_entity.src_method 
_entity.pdbx_description 
_entity.formula_weight 
_entity.pdbx_number_of_molecules 
_entity.pdbx_ec 
_entity.pdbx_mutation 
_entity.pdbx_fragment 
_entity.details 
1 polymer man 'CYAY PROTEIN' 12242.358 1   ? ? ? ? 
2 water   nat water          18.015    122 ? ? ? ? 
# 
_entity_poly.entity_id                      1 
_entity_poly.type                           'polypeptide(L)' 
_entity_poly.nstd_linkage                   no 
_entity_poly.nstd_monomer                   no 
_entity_poly.pdbx_seq_one_letter_code       
;MNDSEFHRLADQLWLTIEERLDDWDGDSDIDCEINGGVLTITFENGSKIIINRQEPLHQVWLATKQGGYHFDLKGDEWIC
DRSGETFWDLLEQAATQQAGETVSFR
;
_entity_poly.pdbx_seq_one_letter_code_can   
;MNDSEFHRLADQLWLTIEERLDDWDGDSDIDCEINGGVLTITFENGSKIIINRQEPLHQVWLATKQGGYHFDLKGDEWIC
DRSGETFWDLLEQAATQQAGETVSFR
;
_entity_poly.pdbx_strand_id                 A 
_entity_poly.pdbx_target_identifier         ? 
# 
_pdbx_entity_nonpoly.entity_id   2 
_pdbx_entity_nonpoly.name        water 
_pdbx_entity_nonpoly.comp_id     HOH 
# 
loop_
_entity_poly_seq.entity_id 
_entity_poly_seq.num 
_entity_poly_seq.mon_id 
_entity_poly_seq.hetero 
1 1   MET n 
1 2   ASN n 
1 3   ASP n 
1 4   SER n 
1 5   GLU n 
1 6   PHE n 
1 7   HIS n 
1 8   ARG n 
1 9   LEU n 
1 10  ALA n 
1 11  ASP n 
1 12  GLN n 
1 13  LEU n 
1 14  TRP n 
1 15  LEU n 
1 16  THR n 
1 17  ILE n 
1 18  GLU n 
1 19  GLU n 
1 20  ARG n 
1 21  LEU n 
1 22  ASP n 
1 23  ASP n 
1 24  TRP n 
1 25  ASP n 
1 26  GLY n 
1 27  ASP n 
1 28  SER n 
1 29  ASP n 
1 30  ILE n 
1 31  ASP n 
1 32  CYS n 
1 33  GLU n 
1 34  ILE n 
1 35  ASN n 
1 36  GLY n 
1 37  GLY n 
1 38  VAL n 
1 39  LEU n 
1 40  THR n 
1 41  ILE n 
1 42  THR n 
1 43  PHE n 
1 44  GLU n 
1 45  ASN n 
1 46  GLY n 
1 47  SER n 
1 48  LYS n 
1 49  ILE n 
1 50  ILE n 
1 51  ILE n 
1 52  ASN n 
1 53  ARG n 
1 54  GLN n 
1 55  GLU n 
1 56  PRO n 
1 57  LEU n 
1 58  HIS n 
1 59  GLN n 
1 60  VAL n 
1 61  TRP n 
1 62  LEU n 
1 63  ALA n 
1 64  THR n 
1 65  LYS n 
1 66  GLN n 
1 67  GLY n 
1 68  GLY n 
1 69  TYR n 
1 70  HIS n 
1 71  PHE n 
1 72  ASP n 
1 73  LEU n 
1 74  LYS n 
1 75  GLY n 
1 76  ASP n 
1 77  GLU n 
1 78  TRP n 
1 79  ILE n 
1 80  CYS n 
1 81  ASP n 
1 82  ARG n 
1 83  SER n 
1 84  GLY n 
1 85  GLU n 
1 86  THR n 
1 87  PHE n 
1 88  TRP n 
1 89  ASP n 
1 90  LEU n 
1 91  LEU n 
1 92  GLU n 
1 93  GLN n 
1 94  ALA n 
1 95  ALA n 
1 96  THR n 
1 97  GLN n 
1 98  GLN n 
1 99  ALA n 
1 100 GLY n 
1 101 GLU n 
1 102 THR n 
1 103 VAL n 
1 104 SER n 
1 105 PHE n 
1 106 ARG n 
# 
_entity_src_gen.entity_id                          1 
_entity_src_gen.pdbx_src_id                        1 
_entity_src_gen.pdbx_alt_source_flag               sample 
_entity_src_gen.pdbx_seq_type                      ? 
_entity_src_gen.pdbx_beg_seq_num                   ? 
_entity_src_gen.pdbx_end_seq_num                   ? 
_entity_src_gen.gene_src_common_name               ? 
_entity_src_gen.gene_src_genus                     Escherichia 
_entity_src_gen.pdbx_gene_src_gene                 ? 
_entity_src_gen.gene_src_species                   ? 
_entity_src_gen.gene_src_strain                    ? 
_entity_src_gen.gene_src_tissue                    ? 
_entity_src_gen.gene_src_tissue_fraction           ? 
_entity_src_gen.gene_src_details                   ? 
_entity_src_gen.pdbx_gene_src_fragment             ? 
_entity_src_gen.pdbx_gene_src_scientific_name      'Escherichia coli' 
_entity_src_gen.pdbx_gene_src_ncbi_taxonomy_id     562 
_entity_src_gen.pdbx_gene_src_variant              ? 
_entity_src_gen.pdbx_gene_src_cell_line            ? 
_entity_src_gen.pdbx_gene_src_atcc                 ? 
_entity_src_gen.pdbx_gene_src_organ                ? 
_entity_src_gen.pdbx_gene_src_organelle            ? 
_entity_src_gen.pdbx_gene_src_cell                 ? 
_entity_src_gen.pdbx_gene_src_cellular_location    ? 
_entity_src_gen.host_org_common_name               ? 
_entity_src_gen.pdbx_host_org_scientific_name      'Escherichia coli BL21(DE3)' 
_entity_src_gen.pdbx_host_org_ncbi_taxonomy_id     469008 
_entity_src_gen.host_org_genus                     Escherichia 
_entity_src_gen.pdbx_host_org_gene                 ? 
_entity_src_gen.pdbx_host_org_organ                ? 
_entity_src_gen.host_org_species                   'Escherichia coli' 
_entity_src_gen.pdbx_host_org_tissue               ? 
_entity_src_gen.pdbx_host_org_tissue_fraction      ? 
_entity_src_gen.pdbx_host_org_strain               'BL21(DE3)' 
_entity_src_gen.pdbx_host_org_variant              ? 
_entity_src_gen.pdbx_host_org_cell_line            ? 
_entity_src_gen.pdbx_host_org_atcc                 ? 
_entity_src_gen.pdbx_host_org_culture_collection   ? 
_entity_src_gen.pdbx_host_org_cell                 ? 
_entity_src_gen.pdbx_host_org_organelle            ? 
_entity_src_gen.pdbx_host_org_cellular_location    ? 
_entity_src_gen.pdbx_host_org_vector_type          PLASMID 
_entity_src_gen.pdbx_host_org_vector               ? 
_entity_src_gen.host_org_details                   ? 
_entity_src_gen.expression_system_id               ? 
_entity_src_gen.plasmid_name                       PET22B-CYAY 
_entity_src_gen.plasmid_details                    ? 
_entity_src_gen.pdbx_description                   ? 
# 
loop_
_chem_comp.id 
_chem_comp.type 
_chem_comp.mon_nstd_flag 
_chem_comp.name 
_chem_comp.pdbx_synonyms 
_chem_comp.formula 
_chem_comp.formula_weight 
ALA 'L-peptide linking' y ALANINE         ? 'C3 H7 N O2'     89.093  
ARG 'L-peptide linking' y ARGININE        ? 'C6 H15 N4 O2 1' 175.209 
ASN 'L-peptide linking' y ASPARAGINE      ? 'C4 H8 N2 O3'    132.118 
ASP 'L-peptide linking' y 'ASPARTIC ACID' ? 'C4 H7 N O4'     133.103 
CYS 'L-peptide linking' y CYSTEINE        ? 'C3 H7 N O2 S'   121.158 
GLN 'L-peptide linking' y GLUTAMINE       ? 'C5 H10 N2 O3'   146.144 
GLU 'L-peptide linking' y 'GLUTAMIC ACID' ? 'C5 H9 N O4'     147.129 
GLY 'peptide linking'   y GLYCINE         ? 'C2 H5 N O2'     75.067  
HIS 'L-peptide linking' y HISTIDINE       ? 'C6 H10 N3 O2 1' 156.162 
HOH non-polymer         . WATER           ? 'H2 O'           18.015  
ILE 'L-peptide linking' y ISOLEUCINE      ? 'C6 H13 N O2'    131.173 
LEU 'L-peptide linking' y LEUCINE         ? 'C6 H13 N O2'    131.173 
LYS 'L-peptide linking' y LYSINE          ? 'C6 H15 N2 O2 1' 147.195 
MET 'L-peptide linking' y METHIONINE      ? 'C5 H11 N O2 S'  149.211 
PHE 'L-peptide linking' y PHENYLALANINE   ? 'C9 H11 N O2'    165.189 
PRO 'L-peptide linking' y PROLINE         ? 'C5 H9 N O2'     115.130 
SER 'L-peptide linking' y SERINE          ? 'C3 H7 N O3'     105.093 
THR 'L-peptide linking' y THREONINE       ? 'C4 H9 N O3'     119.119 
TRP 'L-peptide linking' y TRYPTOPHAN      ? 'C11 H12 N2 O2'  204.225 
TYR 'L-peptide linking' y TYROSINE        ? 'C9 H11 N O3'    181.189 
VAL 'L-peptide linking' y VALINE          ? 'C5 H11 N O2'    117.146 
# 
loop_
_pdbx_poly_seq_scheme.asym_id 
_pdbx_poly_seq_scheme.entity_id 
_pdbx_poly_seq_scheme.seq_id 
_pdbx_poly_seq_scheme.mon_id 
_pdbx_poly_seq_scheme.ndb_seq_num 
_pdbx_poly_seq_scheme.pdb_seq_num 
_pdbx_poly_seq_scheme.auth_seq_num 
_pdbx_poly_seq_scheme.pdb_mon_id 
_pdbx_poly_seq_scheme.auth_mon_id 
_pdbx_poly_seq_scheme.pdb_strand_id 
_pdbx_poly_seq_scheme.pdb_ins_code 
_pdbx_poly_seq_scheme.hetero 
A 1 1   MET 1   1   1   MET MET A . n 
A 1 2   ASN 2   2   2   ASN ASN A . n 
A 1 3   ASP 3   3   3   ASP ASP A . n 
A 1 4   SER 4   4   4   SER SER A . n 
A 1 5   GLU 5   5   5   GLU GLU A . n 
A 1 6   PHE 6   6   6   PHE PHE A . n 
A 1 7   HIS 7   7   7   HIS HIS A . n 
A 1 8   ARG 8   8   8   ARG ARG A . n 
A 1 9   LEU 9   9   9   LEU LEU A . n 
A 1 10  ALA 10  10  10  ALA ALA A . n 
A 1 11  ASP 11  11  11  ASP ASP A . n 
A 1 12  GLN 12  12  12  GLN GLN A . n 
A 1 13  LEU 13  13  13  LEU LEU A . n 
A 1 14  TRP 14  14  14  TRP TRP A . n 
A 1 15  LEU 15  15  15  LEU LEU A . n 
A 1 16  THR 16  16  16  THR THR A . n 
A 1 17  ILE 17  17  17  ILE ILE A . n 
A 1 18  GLU 18  18  18  GLU GLU A . n 
A 1 19  GLU 19  19  19  GLU GLU A . n 
A 1 20  ARG 20  20  20  ARG ARG A . n 
A 1 21  LEU 21  21  21  LEU LEU A . n 
A 1 22  ASP 22  22  22  ASP ASP A . n 
A 1 23  ASP 23  23  23  ASP ASP A . n 
A 1 24  TRP 24  24  24  TRP TRP A . n 
A 1 25  ASP 25  25  25  ASP ASP A . n 
A 1 26  GLY 26  26  26  GLY GLY A . n 
A 1 27  ASP 27  27  27  ASP ASP A . n 
A 1 28  SER 28  28  28  SER SER A . n 
A 1 29  ASP 29  29  29  ASP ASP A . n 
A 1 30  ILE 30  30  30  ILE ILE A . n 
A 1 31  ASP 31  31  31  ASP ASP A . n 
A 1 32  CYS 32  32  32  CYS CYS A . n 
A 1 33  GLU 33  33  33  GLU GLU A . n 
A 1 34  ILE 34  34  34  ILE ILE A . n 
A 1 35  ASN 35  35  35  ASN ASN A . n 
A 1 36  GLY 36  36  36  GLY GLY A . n 
A 1 37  GLY 37  37  37  GLY GLY A . n 
A 1 38  VAL 38  38  38  VAL VAL A . n 
A 1 39  LEU 39  39  39  LEU LEU A . n 
A 1 40  THR 40  40  40  THR THR A . n 
A 1 41  ILE 41  41  41  ILE ILE A . n 
A 1 42  THR 42  42  42  THR THR A . n 
A 1 43  PHE 43  43  43  PHE PHE A . n 
A 1 44  GLU 44  44  44  GLU GLU A . n 
A 1 45  ASN 45  45  45  ASN ASN A . n 
A 1 46  GLY 46  46  46  GLY GLY A . n 
A 1 47  SER 47  47  47  SER SER A . n 
A 1 48  LYS 48  48  48  LYS LYS A . n 
A 1 49  ILE 49  49  49  ILE ILE A . n 
A 1 50  ILE 50  50  50  ILE ILE A . n 
A 1 51  ILE 51  51  51  ILE ILE A . n 
A 1 52  ASN 52  52  52  ASN ASN A . n 
A 1 53  ARG 53  53  53  ARG ARG A . n 
A 1 54  GLN 54  54  54  GLN GLN A . n 
A 1 55  GLU 55  55  55  GLU GLU A . n 
A 1 56  PRO 56  56  56  PRO PRO A . n 
A 1 57  LEU 57  57  57  LEU LEU A . n 
A 1 58  HIS 58  58  58  HIS HIS A . n 
A 1 59  GLN 59  59  59  GLN GLN A . n 
A 1 60  VAL 60  60  60  VAL VAL A . n 
A 1 61  TRP 61  61  61  TRP TRP A . n 
A 1 62  LEU 62  62  62  LEU LEU A . n 
A 1 63  ALA 63  63  63  ALA ALA A . n 
A 1 64  THR 64  64  64  THR THR A . n 
A 1 65  LYS 65  65  65  LYS LYS A . n 
A 1 66  GLN 66  66  66  GLN GLN A . n 
A 1 67  GLY 67  67  67  GLY GLY A . n 
A 1 68  GLY 68  68  68  GLY GLY A . n 
A 1 69  TYR 69  69  69  TYR TYR A . n 
A 1 70  HIS 70  70  70  HIS HIS A . n 
A 1 71  PHE 71  71  71  PHE PHE A . n 
A 1 72  ASP 72  72  72  ASP ASP A . n 
A 1 73  LEU 73  73  73  LEU LEU A . n 
A 1 74  LYS 74  74  74  LYS LYS A . n 
A 1 75  GLY 75  75  75  GLY GLY A . n 
A 1 76  ASP 76  76  76  ASP ASP A . n 
A 1 77  GLU 77  77  77  GLU GLU A . n 
A 1 78  TRP 78  78  78  TRP TRP A . n 
A 1 79  ILE 79  79  79  ILE ILE A . n 
A 1 80  CYS 80  80  80  CYS CYS A . n 
A 1 81  ASP 81  81  81  ASP ASP A . n 
A 1 82  ARG 82  82  82  ARG ARG A . n 
A 1 83  SER 83  83  83  SER SER A . n 
A 1 84  GLY 84  84  84  GLY GLY A . n 
A 1 85  GLU 85  85  85  GLU GLU A . n 
A 1 86  THR 86  86  86  THR THR A . n 
A 1 87  PHE 87  87  87  PHE PHE A . n 
A 1 88  TRP 88  88  88  TRP TRP A . n 
A 1 89  ASP 89  89  89  ASP ASP A . n 
A 1 90  LEU 90  90  90  LEU LEU A . n 
A 1 91  LEU 91  91  91  LEU LEU A . n 
A 1 92  GLU 92  92  92  GLU GLU A . n 
A 1 93  GLN 93  93  93  GLN GLN A . n 
A 1 94  ALA 94  94  94  ALA ALA A . n 
A 1 95  ALA 95  95  95  ALA ALA A . n 
A 1 96  THR 96  96  96  THR THR A . n 
A 1 97  GLN 97  97  97  GLN GLN A . n 
A 1 98  GLN 98  98  98  GLN GLN A . n 
A 1 99  ALA 99  99  99  ALA ALA A . n 
A 1 100 GLY 100 100 100 GLY GLY A . n 
A 1 101 GLU 101 101 101 GLU GLU A . n 
A 1 102 THR 102 102 102 THR THR A . n 
A 1 103 VAL 103 103 103 VAL VAL A . n 
A 1 104 SER 104 104 104 SER SER A . n 
A 1 105 PHE 105 105 105 PHE PHE A . n 
A 1 106 ARG 106 106 106 ARG ARG A . n 
# 
loop_
_pdbx_nonpoly_scheme.asym_id 
_pdbx_nonpoly_scheme.entity_id 
_pdbx_nonpoly_scheme.mon_id 
_pdbx_nonpoly_scheme.ndb_seq_num 
_pdbx_nonpoly_scheme.pdb_seq_num 
_pdbx_nonpoly_scheme.auth_seq_num 
_pdbx_nonpoly_scheme.pdb_mon_id 
_pdbx_nonpoly_scheme.auth_mon_id 
_pdbx_nonpoly_scheme.pdb_strand_id 
_pdbx_nonpoly_scheme.pdb_ins_code 
B 2 HOH 1   107 107 HOH TIP A . 
B 2 HOH 2   108 108 HOH TIP A . 
B 2 HOH 3   109 109 HOH TIP A . 
B 2 HOH 4   110 110 HOH TIP A . 
B 2 HOH 5   111 111 HOH TIP A . 
B 2 HOH 6   112 112 HOH TIP A . 
B 2 HOH 7   113 113 HOH TIP A . 
B 2 HOH 8   114 114 HOH TIP A . 
B 2 HOH 9   115 115 HOH TIP A . 
B 2 HOH 10  116 116 HOH TIP A . 
B 2 HOH 11  117 117 HOH TIP A . 
B 2 HOH 12  118 118 HOH TIP A . 
B 2 HOH 13  119 119 HOH TIP A . 
B 2 HOH 14  120 120 HOH TIP A . 
B 2 HOH 15  121 121 HOH TIP A . 
B 2 HOH 16  122 122 HOH TIP A . 
B 2 HOH 17  123 123 HOH TIP A . 
B 2 HOH 18  124 124 HOH TIP A . 
B 2 HOH 19  125 125 HOH TIP A . 
B 2 HOH 20  126 126 HOH TIP A . 
B 2 HOH 21  127 127 HOH TIP A . 
B 2 HOH 22  128 128 HOH TIP A . 
B 2 HOH 23  129 129 HOH TIP A . 
B 2 HOH 24  130 130 HOH TIP A . 
B 2 HOH 25  131 131 HOH TIP A . 
B 2 HOH 26  132 132 HOH TIP A . 
B 2 HOH 27  133 133 HOH TIP A . 
B 2 HOH 28  134 134 HOH TIP A . 
B 2 HOH 29  135 135 HOH TIP A . 
B 2 HOH 30  136 136 HOH TIP A . 
B 2 HOH 31  137 137 HOH TIP A . 
B 2 HOH 32  138 138 HOH TIP A . 
B 2 HOH 33  139 139 HOH TIP A . 
B 2 HOH 34  140 140 HOH TIP A . 
B 2 HOH 35  141 141 HOH TIP A . 
B 2 HOH 36  142 142 HOH TIP A . 
B 2 HOH 37  143 143 HOH TIP A . 
B 2 HOH 38  144 144 HOH TIP A . 
B 2 HOH 39  145 145 HOH TIP A . 
B 2 HOH 40  146 146 HOH TIP A . 
B 2 HOH 41  147 147 HOH TIP A . 
B 2 HOH 42  148 148 HOH TIP A . 
B 2 HOH 43  149 149 HOH TIP A . 
B 2 HOH 44  150 150 HOH TIP A . 
B 2 HOH 45  151 151 HOH TIP A . 
B 2 HOH 46  152 152 HOH TIP A . 
B 2 HOH 47  153 153 HOH TIP A . 
B 2 HOH 48  154 154 HOH TIP A . 
B 2 HOH 49  155 155 HOH TIP A . 
B 2 HOH 50  156 156 HOH TIP A . 
B 2 HOH 51  157 157 HOH TIP A . 
B 2 HOH 52  158 158 HOH TIP A . 
B 2 HOH 53  159 159 HOH TIP A . 
B 2 HOH 54  160 160 HOH TIP A . 
B 2 HOH 55  161 161 HOH TIP A . 
B 2 HOH 56  162 162 HOH TIP A . 
B 2 HOH 57  163 163 HOH TIP A . 
B 2 HOH 58  164 164 HOH TIP A . 
B 2 HOH 59  165 165 HOH TIP A . 
B 2 HOH 60  166 166 HOH TIP A . 
B 2 HOH 61  167 167 HOH TIP A . 
B 2 HOH 62  168 168 HOH TIP A . 
B 2 HOH 63  169 169 HOH TIP A . 
B 2 HOH 64  170 170 HOH TIP A . 
B 2 HOH 65  171 171 HOH TIP A . 
B 2 HOH 66  172 172 HOH TIP A . 
B 2 HOH 67  173 173 HOH TIP A . 
B 2 HOH 68  174 174 HOH TIP A . 
B 2 HOH 69  175 175 HOH TIP A . 
B 2 HOH 70  176 176 HOH TIP A . 
B 2 HOH 71  177 177 HOH TIP A . 
B 2 HOH 72  178 178 HOH TIP A . 
B 2 HOH 73  179 179 HOH TIP A . 
B 2 HOH 74  180 180 HOH TIP A . 
B 2 HOH 75  181 181 HOH TIP A . 
B 2 HOH 76  182 182 HOH TIP A . 
B 2 HOH 77  183 183 HOH TIP A . 
B 2 HOH 78  184 184 HOH TIP A . 
B 2 HOH 79  185 185 HOH TIP A . 
B 2 HOH 80  186 186 HOH TIP A . 
B 2 HOH 81  187 187 HOH TIP A . 
B 2 HOH 82  188 188 HOH TIP A . 
B 2 HOH 83  189 189 HOH TIP A . 
B 2 HOH 84  190 190 HOH TIP A . 
B 2 HOH 85  191 191 HOH TIP A . 
B 2 HOH 86  192 192 HOH TIP A . 
B 2 HOH 87  193 193 HOH TIP A . 
B 2 HOH 88  194 194 HOH TIP A . 
B 2 HOH 89  195 195 HOH TIP A . 
B 2 HOH 90  196 196 HOH TIP A . 
B 2 HOH 91  197 197 HOH TIP A . 
B 2 HOH 92  198 198 HOH TIP A . 
B 2 HOH 93  199 199 HOH TIP A . 
B 2 HOH 94  200 200 HOH TIP A . 
B 2 HOH 95  201 201 HOH TIP A . 
B 2 HOH 96  202 202 HOH TIP A . 
B 2 HOH 97  203 203 HOH TIP A . 
B 2 HOH 98  204 204 HOH TIP A . 
B 2 HOH 99  205 205 HOH TIP A . 
B 2 HOH 100 206 206 HOH TIP A . 
B 2 HOH 101 207 207 HOH TIP A . 
B 2 HOH 102 208 208 HOH TIP A . 
B 2 HOH 103 209 209 HOH TIP A . 
B 2 HOH 104 210 210 HOH TIP A . 
B 2 HOH 105 211 211 HOH TIP A . 
B 2 HOH 106 212 212 HOH TIP A . 
B 2 HOH 107 213 213 HOH TIP A . 
B 2 HOH 108 214 214 HOH TIP A . 
B 2 HOH 109 215 215 HOH TIP A . 
B 2 HOH 110 216 216 HOH TIP A . 
B 2 HOH 111 217 217 HOH TIP A . 
B 2 HOH 112 218 218 HOH TIP A . 
B 2 HOH 113 219 219 HOH TIP A . 
B 2 HOH 114 220 220 HOH TIP A . 
B 2 HOH 115 221 221 HOH TIP A . 
B 2 HOH 116 222 222 HOH TIP A . 
B 2 HOH 117 223 223 HOH TIP A . 
B 2 HOH 118 224 224 HOH TIP A . 
B 2 HOH 119 225 225 HOH TIP A . 
B 2 HOH 120 226 226 HOH TIP A . 
B 2 HOH 121 227 227 HOH TIP A . 
B 2 HOH 122 228 228 HOH TIP A . 
# 
loop_
_software.name 
_software.classification 
_software.version 
_software.citation_id 
_software.pdbx_ordinal 
SHARP     phasing          .   ? 1 
CNS       refinement       0.9 ? 2 
DENZO     'data reduction' .   ? 3 
SCALEPACK 'data scaling'   .   ? 4 
# 
_cell.entry_id           1EW4 
_cell.length_a           44.178 
_cell.length_b           44.178 
_cell.length_c           98.286 
_cell.angle_alpha        90.00 
_cell.angle_beta         90.00 
_cell.angle_gamma        120.00 
_cell.Z_PDB              6 
_cell.pdbx_unique_axis   ? 
# 
_symmetry.entry_id                         1EW4 
_symmetry.space_group_name_H-M             'P 32 2 1' 
_symmetry.pdbx_full_space_group_name_H-M   ? 
_symmetry.cell_setting                     ? 
_symmetry.Int_Tables_number                154 
# 
_exptl.entry_id          1EW4 
_exptl.method            'X-RAY DIFFRACTION' 
_exptl.crystals_number   1 
# 
_exptl_crystal.id                    1 
_exptl_crystal.density_meas          ? 
_exptl_crystal.density_percent_sol   45.61 
_exptl_crystal.density_Matthews      2.26 
_exptl_crystal.description           ? 
# 
_exptl_crystal_grow.crystal_id      1 
_exptl_crystal_grow.method          'VAPOR DIFFUSION, HANGING DROP' 
_exptl_crystal_grow.pH              5.12 
_exptl_crystal_grow.temp            296 
_exptl_crystal_grow.temp_details    ? 
_exptl_crystal_grow.pdbx_details    
;0.1 M sodium acetate,  
34% PEG 4000, pH 5.12, VAPOR DIFFUSION, HANGING DROP, temperature 296K
;
_exptl_crystal_grow.pdbx_pH_range   . 
# 
_diffrn.id                     1 
_diffrn.ambient_temp           100 
_diffrn.ambient_temp_details   ? 
_diffrn.crystal_id             1 
# 
_diffrn_detector.diffrn_id              1 
_diffrn_detector.detector               'IMAGE PLATE' 
_diffrn_detector.type                   FUJI 
_diffrn_detector.pdbx_collection_date   2000-02-25 
_diffrn_detector.details                ? 
# 
_diffrn_radiation.diffrn_id                        1 
_diffrn_radiation.wavelength_id                    1 
_diffrn_radiation.monochromator                    ? 
_diffrn_radiation.pdbx_monochromatic_or_laue_m_l   M 
_diffrn_radiation.pdbx_diffrn_protocol             'SINGLE WAVELENGTH' 
_diffrn_radiation.pdbx_scattering_type             x-ray 
# 
_diffrn_radiation_wavelength.id           1 
_diffrn_radiation_wavelength.wavelength   1.000 
_diffrn_radiation_wavelength.wt           1.0 
# 
_diffrn_source.diffrn_id                   1 
_diffrn_source.source                      SYNCHROTRON 
_diffrn_source.type                        'PHOTON FACTORY BEAMLINE BL-6A' 
_diffrn_source.pdbx_wavelength             1.000 
_diffrn_source.pdbx_synchrotron_site       'Photon Factory' 
_diffrn_source.pdbx_synchrotron_beamline   BL-6A 
_diffrn_source.pdbx_wavelength_list        ? 
# 
_reflns.entry_id                     1EW4 
_reflns.observed_criterion_sigma_I   ? 
_reflns.observed_criterion_sigma_F   ? 
_reflns.d_resolution_low             50 
_reflns.d_resolution_high            1.4 
_reflns.number_obs                   204695 
_reflns.number_all                   22616 
_reflns.percent_possible_obs         99.9 
_reflns.pdbx_Rmerge_I_obs            0.0410000 
_reflns.pdbx_Rsym_value              ? 
_reflns.pdbx_netI_over_sigmaI        46 
_reflns.B_iso_Wilson_estimate        16.5 
_reflns.pdbx_redundancy              9.0 
_reflns.R_free_details               ? 
_reflns.limit_h_max                  ? 
_reflns.limit_h_min                  ? 
_reflns.limit_k_max                  ? 
_reflns.limit_k_min                  ? 
_reflns.limit_l_max                  ? 
_reflns.limit_l_min                  ? 
_reflns.observed_criterion_F_max     ? 
_reflns.observed_criterion_F_min     ? 
_reflns.pdbx_diffrn_id               1 
_reflns.pdbx_ordinal                 1 
# 
_reflns_shell.d_res_high             1.4 
_reflns_shell.d_res_low              1.45 
_reflns_shell.percent_possible_obs   ? 
_reflns_shell.percent_possible_all   99.4 
_reflns_shell.Rmerge_I_obs           0.3990000 
_reflns_shell.meanI_over_sigI_obs    ? 
_reflns_shell.pdbx_Rsym_value        ? 
_reflns_shell.pdbx_redundancy        6.5 
_reflns_shell.number_unique_all      2190 
_reflns_shell.pdbx_diffrn_id         ? 
_reflns_shell.pdbx_ordinal           1 
# 
_refine.entry_id                                 1EW4 
_refine.ls_number_reflns_obs                     19479 
_refine.ls_number_reflns_all                     ? 
_refine.pdbx_ls_sigma_I                          ? 
_refine.pdbx_ls_sigma_F                          2.0 
_refine.pdbx_data_cutoff_high_absF               1533641.61 
_refine.pdbx_data_cutoff_low_absF                0.00 
_refine.ls_d_res_low                             19.13 
_refine.ls_d_res_high                            1.40 
_refine.ls_percent_reflns_obs                    86.1 
_refine.ls_R_factor_obs                          0.1880000 
_refine.ls_R_factor_all                          ? 
_refine.ls_R_factor_R_work                       0.1880000 
_refine.ls_R_factor_R_free                       0.2130000 
_refine.ls_R_factor_R_free_error                 0.005 
_refine.ls_R_factor_R_free_error_details         ? 
_refine.ls_percent_reflns_R_free                 10.0 
_refine.ls_number_reflns_R_free                  1944 
_refine.ls_number_parameters                     ? 
_refine.ls_number_restraints                     ? 
_refine.occupancy_min                            ? 
_refine.occupancy_max                            ? 
_refine.B_iso_mean                               20.9 
_refine.aniso_B[1][1]                            -0.22 
_refine.aniso_B[2][2]                            -0.22 
_refine.aniso_B[3][3]                            0.44 
_refine.aniso_B[1][2]                            0.00 
_refine.aniso_B[1][3]                            0.00 
_refine.aniso_B[2][3]                            0.00 
_refine.solvent_model_details                    'FLAT MODEL' 
_refine.solvent_model_param_ksol                 0.312 
_refine.solvent_model_param_bsol                 33.32 
_refine.pdbx_ls_cross_valid_method               THROUGHOUT 
_refine.details                                  ? 
_refine.pdbx_starting_model                      ? 
_refine.pdbx_method_to_determine_struct          ? 
_refine.pdbx_isotropic_thermal_model             RESTRAINED 
_refine.pdbx_stereochemistry_target_values       'maximum likelihood target using amplitudes' 
_refine.pdbx_stereochem_target_val_spec_case     ? 
_refine.pdbx_R_Free_selection_details            RANDOM 
_refine.pdbx_overall_ESU_R_Free                  ? 
_refine.overall_SU_B                             ? 
_refine.ls_redundancy_reflns_obs                 ? 
_refine.B_iso_min                                ? 
_refine.B_iso_max                                ? 
_refine.overall_SU_ML                            ? 
_refine.pdbx_overall_ESU_R                       ? 
_refine.pdbx_data_cutoff_high_rms_absF           ? 
_refine.pdbx_refine_id                           'X-RAY DIFFRACTION' 
_refine.pdbx_diffrn_id                           1 
_refine.pdbx_TLS_residual_ADP_flag               ? 
_refine.correlation_coeff_Fo_to_Fc               ? 
_refine.correlation_coeff_Fo_to_Fc_free          ? 
_refine.pdbx_solvent_vdw_probe_radii             ? 
_refine.pdbx_solvent_ion_probe_radii             ? 
_refine.pdbx_solvent_shrinkage_radii             ? 
_refine.pdbx_overall_phase_error                 ? 
_refine.overall_SU_R_Cruickshank_DPI             ? 
_refine.pdbx_overall_SU_R_free_Cruickshank_DPI   ? 
_refine.pdbx_overall_SU_R_Blow_DPI               ? 
_refine.pdbx_overall_SU_R_free_Blow_DPI          ? 
# 
_refine_analyze.entry_id                        1EW4 
_refine_analyze.Luzzati_coordinate_error_obs    0.15 
_refine_analyze.Luzzati_sigma_a_obs             0.02 
_refine_analyze.Luzzati_d_res_low_obs           5.00 
_refine_analyze.Luzzati_coordinate_error_free   0.17 
_refine_analyze.Luzzati_sigma_a_free            0.04 
_refine_analyze.Luzzati_d_res_low_free          ? 
_refine_analyze.number_disordered_residues      ? 
_refine_analyze.occupancy_sum_hydrogen          ? 
_refine_analyze.occupancy_sum_non_hydrogen      ? 
_refine_analyze.pdbx_Luzzati_d_res_high_obs     ? 
_refine_analyze.pdbx_refine_id                  'X-RAY DIFFRACTION' 
# 
_refine_hist.pdbx_refine_id                   'X-RAY DIFFRACTION' 
_refine_hist.cycle_id                         LAST 
_refine_hist.pdbx_number_atoms_protein        863 
_refine_hist.pdbx_number_atoms_nucleic_acid   0 
_refine_hist.pdbx_number_atoms_ligand         0 
_refine_hist.number_atoms_solvent             122 
_refine_hist.number_atoms_total               985 
_refine_hist.d_res_high                       1.40 
_refine_hist.d_res_low                        19.13 
# 
loop_
_refine_ls_restr.type 
_refine_ls_restr.dev_ideal 
_refine_ls_restr.dev_ideal_target 
_refine_ls_restr.weight 
_refine_ls_restr.number 
_refine_ls_restr.pdbx_refine_id 
_refine_ls_restr.pdbx_restraint_function 
c_bond_d           0.011 ?    ? ? 'X-RAY DIFFRACTION' ? 
c_angle_deg        1.48  ?    ? ? 'X-RAY DIFFRACTION' ? 
c_dihedral_angle_d 24.1  ?    ? ? 'X-RAY DIFFRACTION' ? 
c_improper_angle_d 0.66  ?    ? ? 'X-RAY DIFFRACTION' ? 
c_mcbond_it        2.07  1.50 ? ? 'X-RAY DIFFRACTION' ? 
c_mcangle_it       3.19  2.00 ? ? 'X-RAY DIFFRACTION' ? 
c_scbond_it        4.02  2.00 ? ? 'X-RAY DIFFRACTION' ? 
c_scangle_it       5.86  2.50 ? ? 'X-RAY DIFFRACTION' ? 
# 
_refine_ls_shell.pdbx_total_number_of_bins_used   6 
_refine_ls_shell.d_res_high                       1.40 
_refine_ls_shell.d_res_low                        1.49 
_refine_ls_shell.number_reflns_R_work             1829 
_refine_ls_shell.R_factor_R_work                  0.1870000 
_refine_ls_shell.percent_reflns_obs               55.2 
_refine_ls_shell.R_factor_R_free                  0.2160000 
_refine_ls_shell.R_factor_R_free_error            0.015 
_refine_ls_shell.percent_reflns_R_free            10.6 
_refine_ls_shell.number_reflns_R_free             217 
_refine_ls_shell.redundancy_reflns_obs            ? 
_refine_ls_shell.number_reflns_all                ? 
_refine_ls_shell.number_reflns_obs                ? 
_refine_ls_shell.pdbx_refine_id                   'X-RAY DIFFRACTION' 
_refine_ls_shell.R_factor_all                     ? 
# 
loop_
_pdbx_xplor_file.serial_no 
_pdbx_xplor_file.param_file 
_pdbx_xplor_file.topol_file 
_pdbx_xplor_file.pdbx_refine_id 
1 PROTEIN_REP.PARAM PROTEIN.TOP 'X-RAY DIFFRACTION' 
2 WATER_REP.PARAM   WATER.TOP   'X-RAY DIFFRACTION' 
# 
_struct.entry_id                  1EW4 
_struct.title                     'CRYSTAL STRUCTURE OF ESCHERICHIA COLI CYAY PROTEIN REVEALS A NOVEL FOLD FOR THE FRATAXIN FAMILY' 
_struct.pdbx_model_details        ? 
_struct.pdbx_CASP_flag            ? 
_struct.pdbx_model_type_details   ? 
# 
_struct_keywords.entry_id        1EW4 
_struct_keywords.pdbx_keywords   'UNKNOWN FUNCTION' 
_struct_keywords.text            'Friedreich ataxia, frataxin family, CyaY, iron homeostasis, UNKNOWN FUNCTION' 
# 
loop_
_struct_asym.id 
_struct_asym.pdbx_blank_PDB_chainid_flag 
_struct_asym.pdbx_modified 
_struct_asym.entity_id 
_struct_asym.details 
A N N 1 ? 
B N N 2 ? 
# 
_struct_ref.id                         1 
_struct_ref.db_code                    CYAY_ECOLI 
_struct_ref.db_name                    UNP 
_struct_ref.entity_id                  1 
_struct_ref.pdbx_db_accession          P27838 
_struct_ref.pdbx_align_begin           ? 
_struct_ref.pdbx_seq_one_letter_code   ? 
_struct_ref.pdbx_db_isoform            ? 
# 
_struct_ref_seq.align_id                      1 
_struct_ref_seq.ref_id                        1 
_struct_ref_seq.pdbx_PDB_id_code              1EW4 
_struct_ref_seq.pdbx_strand_id                A 
_struct_ref_seq.seq_align_beg                 1 
_struct_ref_seq.pdbx_seq_align_beg_ins_code   ? 
_struct_ref_seq.seq_align_end                 106 
_struct_ref_seq.pdbx_seq_align_end_ins_code   ? 
_struct_ref_seq.pdbx_db_accession             P27838 
_struct_ref_seq.db_align_beg                  1 
_struct_ref_seq.pdbx_db_align_beg_ins_code    ? 
_struct_ref_seq.db_align_end                  106 
_struct_ref_seq.pdbx_db_align_end_ins_code    ? 
_struct_ref_seq.pdbx_auth_seq_align_beg       1 
_struct_ref_seq.pdbx_auth_seq_align_end       106 
# 
_pdbx_struct_assembly.id                   1 
_pdbx_struct_assembly.details              author_defined_assembly 
_pdbx_struct_assembly.method_details       ? 
_pdbx_struct_assembly.oligomeric_details   monomeric 
_pdbx_struct_assembly.oligomeric_count     1 
# 
_pdbx_struct_assembly_gen.assembly_id       1 
_pdbx_struct_assembly_gen.oper_expression   1 
_pdbx_struct_assembly_gen.asym_id_list      A,B 
# 
_pdbx_struct_oper_list.id                   1 
_pdbx_struct_oper_list.type                 'identity operation' 
_pdbx_struct_oper_list.name                 1_555 
_pdbx_struct_oper_list.symmetry_operation   x,y,z 
_pdbx_struct_oper_list.matrix[1][1]         1.0000000000 
_pdbx_struct_oper_list.matrix[1][2]         0.0000000000 
_pdbx_struct_oper_list.matrix[1][3]         0.0000000000 
_pdbx_struct_oper_list.vector[1]            0.0000000000 
_pdbx_struct_oper_list.matrix[2][1]         0.0000000000 
_pdbx_struct_oper_list.matrix[2][2]         1.0000000000 
_pdbx_struct_oper_list.matrix[2][3]         0.0000000000 
_pdbx_struct_oper_list.vector[2]            0.0000000000 
_pdbx_struct_oper_list.matrix[3][1]         0.0000000000 
_pdbx_struct_oper_list.matrix[3][2]         0.0000000000 
_pdbx_struct_oper_list.matrix[3][3]         1.0000000000 
_pdbx_struct_oper_list.vector[3]            0.0000000000 
# 
_struct_biol.id                    1 
_struct_biol.pdbx_parent_biol_id   ? 
_struct_biol.details               ? 
# 
loop_
_struct_conf.conf_type_id 
_struct_conf.id 
_struct_conf.pdbx_PDB_helix_id 
_struct_conf.beg_label_comp_id 
_struct_conf.beg_label_asym_id 
_struct_conf.beg_label_seq_id 
_struct_conf.pdbx_beg_PDB_ins_code 
_struct_conf.end_label_comp_id 
_struct_conf.end_label_asym_id 
_struct_conf.end_label_seq_id 
_struct_conf.pdbx_end_PDB_ins_code 
_struct_conf.beg_auth_comp_id 
_struct_conf.beg_auth_asym_id 
_struct_conf.beg_auth_seq_id 
_struct_conf.end_auth_comp_id 
_struct_conf.end_auth_asym_id 
_struct_conf.end_auth_seq_id 
_struct_conf.pdbx_PDB_helix_class 
_struct_conf.details 
_struct_conf.pdbx_PDB_helix_length 
HELX_P HELX_P1 1 ASN A 2  ? ASP A 23  ? ASN A 2  ASP A 23  1 ? 22 
HELX_P HELX_P2 2 THR A 86 ? GLY A 100 ? THR A 86 GLY A 100 1 ? 15 
# 
_struct_conf_type.id          HELX_P 
_struct_conf_type.criteria    ? 
_struct_conf_type.reference   ? 
# 
_struct_sheet.id               A 
_struct_sheet.type             ? 
_struct_sheet.number_strands   6 
_struct_sheet.details          ? 
# 
loop_
_struct_sheet_order.sheet_id 
_struct_sheet_order.range_id_1 
_struct_sheet_order.range_id_2 
_struct_sheet_order.offset 
_struct_sheet_order.sense 
A 1 2 ? anti-parallel 
A 2 3 ? anti-parallel 
A 3 4 ? anti-parallel 
A 4 5 ? anti-parallel 
A 5 6 ? anti-parallel 
# 
loop_
_struct_sheet_range.sheet_id 
_struct_sheet_range.id 
_struct_sheet_range.beg_label_comp_id 
_struct_sheet_range.beg_label_asym_id 
_struct_sheet_range.beg_label_seq_id 
_struct_sheet_range.pdbx_beg_PDB_ins_code 
_struct_sheet_range.end_label_comp_id 
_struct_sheet_range.end_label_asym_id 
_struct_sheet_range.end_label_seq_id 
_struct_sheet_range.pdbx_end_PDB_ins_code 
_struct_sheet_range.beg_auth_comp_id 
_struct_sheet_range.beg_auth_asym_id 
_struct_sheet_range.beg_auth_seq_id 
_struct_sheet_range.end_auth_comp_id 
_struct_sheet_range.end_auth_asym_id 
_struct_sheet_range.end_auth_seq_id 
A 1 ASP A 31 ? ASN A 35 ? ASP A 31 ASN A 35 
A 2 VAL A 38 ? THR A 42 ? VAL A 38 THR A 42 
A 3 LYS A 48 ? GLN A 54 ? LYS A 48 GLN A 54 
A 4 GLN A 59 ? ALA A 63 ? GLN A 59 ALA A 63 
A 5 GLY A 68 ? LYS A 74 ? GLY A 68 LYS A 74 
A 6 GLU A 77 ? CYS A 80 ? GLU A 77 CYS A 80 
# 
loop_
_pdbx_struct_sheet_hbond.sheet_id 
_pdbx_struct_sheet_hbond.range_id_1 
_pdbx_struct_sheet_hbond.range_id_2 
_pdbx_struct_sheet_hbond.range_1_label_atom_id 
_pdbx_struct_sheet_hbond.range_1_label_comp_id 
_pdbx_struct_sheet_hbond.range_1_label_asym_id 
_pdbx_struct_sheet_hbond.range_1_label_seq_id 
_pdbx_struct_sheet_hbond.range_1_PDB_ins_code 
_pdbx_struct_sheet_hbond.range_1_auth_atom_id 
_pdbx_struct_sheet_hbond.range_1_auth_comp_id 
_pdbx_struct_sheet_hbond.range_1_auth_asym_id 
_pdbx_struct_sheet_hbond.range_1_auth_seq_id 
_pdbx_struct_sheet_hbond.range_2_label_atom_id 
_pdbx_struct_sheet_hbond.range_2_label_comp_id 
_pdbx_struct_sheet_hbond.range_2_label_asym_id 
_pdbx_struct_sheet_hbond.range_2_label_seq_id 
_pdbx_struct_sheet_hbond.range_2_PDB_ins_code 
_pdbx_struct_sheet_hbond.range_2_auth_atom_id 
_pdbx_struct_sheet_hbond.range_2_auth_comp_id 
_pdbx_struct_sheet_hbond.range_2_auth_asym_id 
_pdbx_struct_sheet_hbond.range_2_auth_seq_id 
A 1 2 N ASN A 35 ? N ASN A 35 O VAL A 38 ? O VAL A 38 
A 2 3 N ILE A 41 ? N ILE A 41 O ILE A 49 ? O ILE A 49 
A 3 4 N GLN A 54 ? N GLN A 54 O GLN A 59 ? O GLN A 59 
A 4 5 N LEU A 62 ? N LEU A 62 O TYR A 69 ? O TYR A 69 
A 5 6 N LYS A 74 ? N LYS A 74 O GLU A 77 ? O GLU A 77 
# 
_pdbx_validate_close_contact.id               1 
_pdbx_validate_close_contact.PDB_model_num    1 
_pdbx_validate_close_contact.auth_atom_id_1   OE2 
_pdbx_validate_close_contact.auth_asym_id_1   A 
_pdbx_validate_close_contact.auth_comp_id_1   GLU 
_pdbx_validate_close_contact.auth_seq_id_1    55 
_pdbx_validate_close_contact.PDB_ins_code_1   ? 
_pdbx_validate_close_contact.label_alt_id_1   ? 
_pdbx_validate_close_contact.auth_atom_id_2   O 
_pdbx_validate_close_contact.auth_asym_id_2   A 
_pdbx_validate_close_contact.auth_comp_id_2   HOH 
_pdbx_validate_close_contact.auth_seq_id_2    119 
_pdbx_validate_close_contact.PDB_ins_code_2   ? 
_pdbx_validate_close_contact.label_alt_id_2   ? 
_pdbx_validate_close_contact.dist             2.12 
# 
loop_
_chem_comp_atom.comp_id 
_chem_comp_atom.atom_id 
_chem_comp_atom.type_symbol 
_chem_comp_atom.pdbx_aromatic_flag 
_chem_comp_atom.pdbx_stereo_config 
_chem_comp_atom.pdbx_ordinal 
ALA N    N N N 1   
ALA CA   C N S 2   
ALA C    C N N 3   
ALA O    O N N 4   
ALA CB   C N N 5   
ALA OXT  O N N 6   
ALA H    H N N 7   
ALA H2   H N N 8   
ALA HA   H N N 9   
ALA HB1  H N N 10  
ALA HB2  H N N 11  
ALA HB3  H N N 12  
ALA HXT  H N N 13  
ARG N    N N N 14  
ARG CA   C N S 15  
ARG C    C N N 16  
ARG O    O N N 17  
ARG CB   C N N 18  
ARG CG   C N N 19  
ARG CD   C N N 20  
ARG NE   N N N 21  
ARG CZ   C N N 22  
ARG NH1  N N N 23  
ARG NH2  N N N 24  
ARG OXT  O N N 25  
ARG H    H N N 26  
ARG H2   H N N 27  
ARG HA   H N N 28  
ARG HB2  H N N 29  
ARG HB3  H N N 30  
ARG HG2  H N N 31  
ARG HG3  H N N 32  
ARG HD2  H N N 33  
ARG HD3  H N N 34  
ARG HE   H N N 35  
ARG HH11 H N N 36  
ARG HH12 H N N 37  
ARG HH21 H N N 38  
ARG HH22 H N N 39  
ARG HXT  H N N 40  
ASN N    N N N 41  
ASN CA   C N S 42  
ASN C    C N N 43  
ASN O    O N N 44  
ASN CB   C N N 45  
ASN CG   C N N 46  
ASN OD1  O N N 47  
ASN ND2  N N N 48  
ASN OXT  O N N 49  
ASN H    H N N 50  
ASN H2   H N N 51  
ASN HA   H N N 52  
ASN HB2  H N N 53  
ASN HB3  H N N 54  
ASN HD21 H N N 55  
ASN HD22 H N N 56  
ASN HXT  H N N 57  
ASP N    N N N 58  
ASP CA   C N S 59  
ASP C    C N N 60  
ASP O    O N N 61  
ASP CB   C N N 62  
ASP CG   C N N 63  
ASP OD1  O N N 64  
ASP OD2  O N N 65  
ASP OXT  O N N 66  
ASP H    H N N 67  
ASP H2   H N N 68  
ASP HA   H N N 69  
ASP HB2  H N N 70  
ASP HB3  H N N 71  
ASP HD2  H N N 72  
ASP HXT  H N N 73  
CYS N    N N N 74  
CYS CA   C N R 75  
CYS C    C N N 76  
CYS O    O N N 77  
CYS CB   C N N 78  
CYS SG   S N N 79  
CYS OXT  O N N 80  
CYS H    H N N 81  
CYS H2   H N N 82  
CYS HA   H N N 83  
CYS HB2  H N N 84  
CYS HB3  H N N 85  
CYS HG   H N N 86  
CYS HXT  H N N 87  
GLN N    N N N 88  
GLN CA   C N S 89  
GLN C    C N N 90  
GLN O    O N N 91  
GLN CB   C N N 92  
GLN CG   C N N 93  
GLN CD   C N N 94  
GLN OE1  O N N 95  
GLN NE2  N N N 96  
GLN OXT  O N N 97  
GLN H    H N N 98  
GLN H2   H N N 99  
GLN HA   H N N 100 
GLN HB2  H N N 101 
GLN HB3  H N N 102 
GLN HG2  H N N 103 
GLN HG3  H N N 104 
GLN HE21 H N N 105 
GLN HE22 H N N 106 
GLN HXT  H N N 107 
GLU N    N N N 108 
GLU CA   C N S 109 
GLU C    C N N 110 
GLU O    O N N 111 
GLU CB   C N N 112 
GLU CG   C N N 113 
GLU CD   C N N 114 
GLU OE1  O N N 115 
GLU OE2  O N N 116 
GLU OXT  O N N 117 
GLU H    H N N 118 
GLU H2   H N N 119 
GLU HA   H N N 120 
GLU HB2  H N N 121 
GLU HB3  H N N 122 
GLU HG2  H N N 123 
GLU HG3  H N N 124 
GLU HE2  H N N 125 
GLU HXT  H N N 126 
GLY N    N N N 127 
GLY CA   C N N 128 
GLY C    C N N 129 
GLY O    O N N 130 
GLY OXT  O N N 131 
GLY H    H N N 132 
GLY H2   H N N 133 
GLY HA2  H N N 134 
GLY HA3  H N N 135 
GLY HXT  H N N 136 
HIS N    N N N 137 
HIS CA   C N S 138 
HIS C    C N N 139 
HIS O    O N N 140 
HIS CB   C N N 141 
HIS CG   C Y N 142 
HIS ND1  N Y N 143 
HIS CD2  C Y N 144 
HIS CE1  C Y N 145 
HIS NE2  N Y N 146 
HIS OXT  O N N 147 
HIS H    H N N 148 
HIS H2   H N N 149 
HIS HA   H N N 150 
HIS HB2  H N N 151 
HIS HB3  H N N 152 
HIS HD1  H N N 153 
HIS HD2  H N N 154 
HIS HE1  H N N 155 
HIS HE2  H N N 156 
HIS HXT  H N N 157 
HOH O    O N N 158 
HOH H1   H N N 159 
HOH H2   H N N 160 
ILE N    N N N 161 
ILE CA   C N S 162 
ILE C    C N N 163 
ILE O    O N N 164 
ILE CB   C N S 165 
ILE CG1  C N N 166 
ILE CG2  C N N 167 
ILE CD1  C N N 168 
ILE OXT  O N N 169 
ILE H    H N N 170 
ILE H2   H N N 171 
ILE HA   H N N 172 
ILE HB   H N N 173 
ILE HG12 H N N 174 
ILE HG13 H N N 175 
ILE HG21 H N N 176 
ILE HG22 H N N 177 
ILE HG23 H N N 178 
ILE HD11 H N N 179 
ILE HD12 H N N 180 
ILE HD13 H N N 181 
ILE HXT  H N N 182 
LEU N    N N N 183 
LEU CA   C N S 184 
LEU C    C N N 185 
LEU O    O N N 186 
LEU CB   C N N 187 
LEU CG   C N N 188 
LEU CD1  C N N 189 
LEU CD2  C N N 190 
LEU OXT  O N N 191 
LEU H    H N N 192 
LEU H2   H N N 193 
LEU HA   H N N 194 
LEU HB2  H N N 195 
LEU HB3  H N N 196 
LEU HG   H N N 197 
LEU HD11 H N N 198 
LEU HD12 H N N 199 
LEU HD13 H N N 200 
LEU HD21 H N N 201 
LEU HD22 H N N 202 
LEU HD23 H N N 203 
LEU HXT  H N N 204 
LYS N    N N N 205 
LYS CA   C N S 206 
LYS C    C N N 207 
LYS O    O N N 208 
LYS CB   C N N 209 
LYS CG   C N N 210 
LYS CD   C N N 211 
LYS CE   C N N 212 
LYS NZ   N N N 213 
LYS OXT  O N N 214 
LYS H    H N N 215 
LYS H2   H N N 216 
LYS HA   H N N 217 
LYS HB2  H N N 218 
LYS HB3  H N N 219 
LYS HG2  H N N 220 
LYS HG3  H N N 221 
LYS HD2  H N N 222 
LYS HD3  H N N 223 
LYS HE2  H N N 224 
LYS HE3  H N N 225 
LYS HZ1  H N N 226 
LYS HZ2  H N N 227 
LYS HZ3  H N N 228 
LYS HXT  H N N 229 
MET N    N N N 230 
MET CA   C N S 231 
MET C    C N N 232 
MET O    O N N 233 
MET CB   C N N 234 
MET CG   C N N 235 
MET SD   S N N 236 
MET CE   C N N 237 
MET OXT  O N N 238 
MET H    H N N 239 
MET H2   H N N 240 
MET HA   H N N 241 
MET HB2  H N N 242 
MET HB3  H N N 243 
MET HG2  H N N 244 
MET HG3  H N N 245 
MET HE1  H N N 246 
MET HE2  H N N 247 
MET HE3  H N N 248 
MET HXT  H N N 249 
PHE N    N N N 250 
PHE CA   C N S 251 
PHE C    C N N 252 
PHE O    O N N 253 
PHE CB   C N N 254 
PHE CG   C Y N 255 
PHE CD1  C Y N 256 
PHE CD2  C Y N 257 
PHE CE1  C Y N 258 
PHE CE2  C Y N 259 
PHE CZ   C Y N 260 
PHE OXT  O N N 261 
PHE H    H N N 262 
PHE H2   H N N 263 
PHE HA   H N N 264 
PHE HB2  H N N 265 
PHE HB3  H N N 266 
PHE HD1  H N N 267 
PHE HD2  H N N 268 
PHE HE1  H N N 269 
PHE HE2  H N N 270 
PHE HZ   H N N 271 
PHE HXT  H N N 272 
PRO N    N N N 273 
PRO CA   C N S 274 
PRO C    C N N 275 
PRO O    O N N 276 
PRO CB   C N N 277 
PRO CG   C N N 278 
PRO CD   C N N 279 
PRO OXT  O N N 280 
PRO H    H N N 281 
PRO HA   H N N 282 
PRO HB2  H N N 283 
PRO HB3  H N N 284 
PRO HG2  H N N 285 
PRO HG3  H N N 286 
PRO HD2  H N N 287 
PRO HD3  H N N 288 
PRO HXT  H N N 289 
SER N    N N N 290 
SER CA   C N S 291 
SER C    C N N 292 
SER O    O N N 293 
SER CB   C N N 294 
SER OG   O N N 295 
SER OXT  O N N 296 
SER H    H N N 297 
SER H2   H N N 298 
SER HA   H N N 299 
SER HB2  H N N 300 
SER HB3  H N N 301 
SER HG   H N N 302 
SER HXT  H N N 303 
THR N    N N N 304 
THR CA   C N S 305 
THR C    C N N 306 
THR O    O N N 307 
THR CB   C N R 308 
THR OG1  O N N 309 
THR CG2  C N N 310 
THR OXT  O N N 311 
THR H    H N N 312 
THR H2   H N N 313 
THR HA   H N N 314 
THR HB   H N N 315 
THR HG1  H N N 316 
THR HG21 H N N 317 
THR HG22 H N N 318 
THR HG23 H N N 319 
THR HXT  H N N 320 
TRP N    N N N 321 
TRP CA   C N S 322 
TRP C    C N N 323 
TRP O    O N N 324 
TRP CB   C N N 325 
TRP CG   C Y N 326 
TRP CD1  C Y N 327 
TRP CD2  C Y N 328 
TRP NE1  N Y N 329 
TRP CE2  C Y N 330 
TRP CE3  C Y N 331 
TRP CZ2  C Y N 332 
TRP CZ3  C Y N 333 
TRP CH2  C Y N 334 
TRP OXT  O N N 335 
TRP H    H N N 336 
TRP H2   H N N 337 
TRP HA   H N N 338 
TRP HB2  H N N 339 
TRP HB3  H N N 340 
TRP HD1  H N N 341 
TRP HE1  H N N 342 
TRP HE3  H N N 343 
TRP HZ2  H N N 344 
TRP HZ3  H N N 345 
TRP HH2  H N N 346 
TRP HXT  H N N 347 
TYR N    N N N 348 
TYR CA   C N S 349 
TYR C    C N N 350 
TYR O    O N N 351 
TYR CB   C N N 352 
TYR CG   C Y N 353 
TYR CD1  C Y N 354 
TYR CD2  C Y N 355 
TYR CE1  C Y N 356 
TYR CE2  C Y N 357 
TYR CZ   C Y N 358 
TYR OH   O N N 359 
TYR OXT  O N N 360 
TYR H    H N N 361 
TYR H2   H N N 362 
TYR HA   H N N 363 
TYR HB2  H N N 364 
TYR HB3  H N N 365 
TYR HD1  H N N 366 
TYR HD2  H N N 367 
TYR HE1  H N N 368 
TYR HE2  H N N 369 
TYR HH   H N N 370 
TYR HXT  H N N 371 
VAL N    N N N 372 
VAL CA   C N S 373 
VAL C    C N N 374 
VAL O    O N N 375 
VAL CB   C N N 376 
VAL CG1  C N N 377 
VAL CG2  C N N 378 
VAL OXT  O N N 379 
VAL H    H N N 380 
VAL H2   H N N 381 
VAL HA   H N N 382 
VAL HB   H N N 383 
VAL HG11 H N N 384 
VAL HG12 H N N 385 
VAL HG13 H N N 386 
VAL HG21 H N N 387 
VAL HG22 H N N 388 
VAL HG23 H N N 389 
VAL HXT  H N N 390 
# 
loop_
_chem_comp_bond.comp_id 
_chem_comp_bond.atom_id_1 
_chem_comp_bond.atom_id_2 
_chem_comp_bond.value_order 
_chem_comp_bond.pdbx_aromatic_flag 
_chem_comp_bond.pdbx_stereo_config 
_chem_comp_bond.pdbx_ordinal 
ALA N   CA   sing N N 1   
ALA N   H    sing N N 2   
ALA N   H2   sing N N 3   
ALA CA  C    sing N N 4   
ALA CA  CB   sing N N 5   
ALA CA  HA   sing N N 6   
ALA C   O    doub N N 7   
ALA C   OXT  sing N N 8   
ALA CB  HB1  sing N N 9   
ALA CB  HB2  sing N N 10  
ALA CB  HB3  sing N N 11  
ALA OXT HXT  sing N N 12  
ARG N   CA   sing N N 13  
ARG N   H    sing N N 14  
ARG N   H2   sing N N 15  
ARG CA  C    sing N N 16  
ARG CA  CB   sing N N 17  
ARG CA  HA   sing N N 18  
ARG C   O    doub N N 19  
ARG C   OXT  sing N N 20  
ARG CB  CG   sing N N 21  
ARG CB  HB2  sing N N 22  
ARG CB  HB3  sing N N 23  
ARG CG  CD   sing N N 24  
ARG CG  HG2  sing N N 25  
ARG CG  HG3  sing N N 26  
ARG CD  NE   sing N N 27  
ARG CD  HD2  sing N N 28  
ARG CD  HD3  sing N N 29  
ARG NE  CZ   sing N N 30  
ARG NE  HE   sing N N 31  
ARG CZ  NH1  sing N N 32  
ARG CZ  NH2  doub N N 33  
ARG NH1 HH11 sing N N 34  
ARG NH1 HH12 sing N N 35  
ARG NH2 HH21 sing N N 36  
ARG NH2 HH22 sing N N 37  
ARG OXT HXT  sing N N 38  
ASN N   CA   sing N N 39  
ASN N   H    sing N N 40  
ASN N   H2   sing N N 41  
ASN CA  C    sing N N 42  
ASN CA  CB   sing N N 43  
ASN CA  HA   sing N N 44  
ASN C   O    doub N N 45  
ASN C   OXT  sing N N 46  
ASN CB  CG   sing N N 47  
ASN CB  HB2  sing N N 48  
ASN CB  HB3  sing N N 49  
ASN CG  OD1  doub N N 50  
ASN CG  ND2  sing N N 51  
ASN ND2 HD21 sing N N 52  
ASN ND2 HD22 sing N N 53  
ASN OXT HXT  sing N N 54  
ASP N   CA   sing N N 55  
ASP N   H    sing N N 56  
ASP N   H2   sing N N 57  
ASP CA  C    sing N N 58  
ASP CA  CB   sing N N 59  
ASP CA  HA   sing N N 60  
ASP C   O    doub N N 61  
ASP C   OXT  sing N N 62  
ASP CB  CG   sing N N 63  
ASP CB  HB2  sing N N 64  
ASP CB  HB3  sing N N 65  
ASP CG  OD1  doub N N 66  
ASP CG  OD2  sing N N 67  
ASP OD2 HD2  sing N N 68  
ASP OXT HXT  sing N N 69  
CYS N   CA   sing N N 70  
CYS N   H    sing N N 71  
CYS N   H2   sing N N 72  
CYS CA  C    sing N N 73  
CYS CA  CB   sing N N 74  
CYS CA  HA   sing N N 75  
CYS C   O    doub N N 76  
CYS C   OXT  sing N N 77  
CYS CB  SG   sing N N 78  
CYS CB  HB2  sing N N 79  
CYS CB  HB3  sing N N 80  
CYS SG  HG   sing N N 81  
CYS OXT HXT  sing N N 82  
GLN N   CA   sing N N 83  
GLN N   H    sing N N 84  
GLN N   H2   sing N N 85  
GLN CA  C    sing N N 86  
GLN CA  CB   sing N N 87  
GLN CA  HA   sing N N 88  
GLN C   O    doub N N 89  
GLN C   OXT  sing N N 90  
GLN CB  CG   sing N N 91  
GLN CB  HB2  sing N N 92  
GLN CB  HB3  sing N N 93  
GLN CG  CD   sing N N 94  
GLN CG  HG2  sing N N 95  
GLN CG  HG3  sing N N 96  
GLN CD  OE1  doub N N 97  
GLN CD  NE2  sing N N 98  
GLN NE2 HE21 sing N N 99  
GLN NE2 HE22 sing N N 100 
GLN OXT HXT  sing N N 101 
GLU N   CA   sing N N 102 
GLU N   H    sing N N 103 
GLU N   H2   sing N N 104 
GLU CA  C    sing N N 105 
GLU CA  CB   sing N N 106 
GLU CA  HA   sing N N 107 
GLU C   O    doub N N 108 
GLU C   OXT  sing N N 109 
GLU CB  CG   sing N N 110 
GLU CB  HB2  sing N N 111 
GLU CB  HB3  sing N N 112 
GLU CG  CD   sing N N 113 
GLU CG  HG2  sing N N 114 
GLU CG  HG3  sing N N 115 
GLU CD  OE1  doub N N 116 
GLU CD  OE2  sing N N 117 
GLU OE2 HE2  sing N N 118 
GLU OXT HXT  sing N N 119 
GLY N   CA   sing N N 120 
GLY N   H    sing N N 121 
GLY N   H2   sing N N 122 
GLY CA  C    sing N N 123 
GLY CA  HA2  sing N N 124 
GLY CA  HA3  sing N N 125 
GLY C   O    doub N N 126 
GLY C   OXT  sing N N 127 
GLY OXT HXT  sing N N 128 
HIS N   CA   sing N N 129 
HIS N   H    sing N N 130 
HIS N   H2   sing N N 131 
HIS CA  C    sing N N 132 
HIS CA  CB   sing N N 133 
HIS CA  HA   sing N N 134 
HIS C   O    doub N N 135 
HIS C   OXT  sing N N 136 
HIS CB  CG   sing N N 137 
HIS CB  HB2  sing N N 138 
HIS CB  HB3  sing N N 139 
HIS CG  ND1  sing Y N 140 
HIS CG  CD2  doub Y N 141 
HIS ND1 CE1  doub Y N 142 
HIS ND1 HD1  sing N N 143 
HIS CD2 NE2  sing Y N 144 
HIS CD2 HD2  sing N N 145 
HIS CE1 NE2  sing Y N 146 
HIS CE1 HE1  sing N N 147 
HIS NE2 HE2  sing N N 148 
HIS OXT HXT  sing N N 149 
HOH O   H1   sing N N 150 
HOH O   H2   sing N N 151 
ILE N   CA   sing N N 152 
ILE N   H    sing N N 153 
ILE N   H2   sing N N 154 
ILE CA  C    sing N N 155 
ILE CA  CB   sing N N 156 
ILE CA  HA   sing N N 157 
ILE C   O    doub N N 158 
ILE C   OXT  sing N N 159 
ILE CB  CG1  sing N N 160 
ILE CB  CG2  sing N N 161 
ILE CB  HB   sing N N 162 
ILE CG1 CD1  sing N N 163 
ILE CG1 HG12 sing N N 164 
ILE CG1 HG13 sing N N 165 
ILE CG2 HG21 sing N N 166 
ILE CG2 HG22 sing N N 167 
ILE CG2 HG23 sing N N 168 
ILE CD1 HD11 sing N N 169 
ILE CD1 HD12 sing N N 170 
ILE CD1 HD13 sing N N 171 
ILE OXT HXT  sing N N 172 
LEU N   CA   sing N N 173 
LEU N   H    sing N N 174 
LEU N   H2   sing N N 175 
LEU CA  C    sing N N 176 
LEU CA  CB   sing N N 177 
LEU CA  HA   sing N N 178 
LEU C   O    doub N N 179 
LEU C   OXT  sing N N 180 
LEU CB  CG   sing N N 181 
LEU CB  HB2  sing N N 182 
LEU CB  HB3  sing N N 183 
LEU CG  CD1  sing N N 184 
LEU CG  CD2  sing N N 185 
LEU CG  HG   sing N N 186 
LEU CD1 HD11 sing N N 187 
LEU CD1 HD12 sing N N 188 
LEU CD1 HD13 sing N N 189 
LEU CD2 HD21 sing N N 190 
LEU CD2 HD22 sing N N 191 
LEU CD2 HD23 sing N N 192 
LEU OXT HXT  sing N N 193 
LYS N   CA   sing N N 194 
LYS N   H    sing N N 195 
LYS N   H2   sing N N 196 
LYS CA  C    sing N N 197 
LYS CA  CB   sing N N 198 
LYS CA  HA   sing N N 199 
LYS C   O    doub N N 200 
LYS C   OXT  sing N N 201 
LYS CB  CG   sing N N 202 
LYS CB  HB2  sing N N 203 
LYS CB  HB3  sing N N 204 
LYS CG  CD   sing N N 205 
LYS CG  HG2  sing N N 206 
LYS CG  HG3  sing N N 207 
LYS CD  CE   sing N N 208 
LYS CD  HD2  sing N N 209 
LYS CD  HD3  sing N N 210 
LYS CE  NZ   sing N N 211 
LYS CE  HE2  sing N N 212 
LYS CE  HE3  sing N N 213 
LYS NZ  HZ1  sing N N 214 
LYS NZ  HZ2  sing N N 215 
LYS NZ  HZ3  sing N N 216 
LYS OXT HXT  sing N N 217 
MET N   CA   sing N N 218 
MET N   H    sing N N 219 
MET N   H2   sing N N 220 
MET CA  C    sing N N 221 
MET CA  CB   sing N N 222 
MET CA  HA   sing N N 223 
MET C   O    doub N N 224 
MET C   OXT  sing N N 225 
MET CB  CG   sing N N 226 
MET CB  HB2  sing N N 227 
MET CB  HB3  sing N N 228 
MET CG  SD   sing N N 229 
MET CG  HG2  sing N N 230 
MET CG  HG3  sing N N 231 
MET SD  CE   sing N N 232 
MET CE  HE1  sing N N 233 
MET CE  HE2  sing N N 234 
MET CE  HE3  sing N N 235 
MET OXT HXT  sing N N 236 
PHE N   CA   sing N N 237 
PHE N   H    sing N N 238 
PHE N   H2   sing N N 239 
PHE CA  C    sing N N 240 
PHE CA  CB   sing N N 241 
PHE CA  HA   sing N N 242 
PHE C   O    doub N N 243 
PHE C   OXT  sing N N 244 
PHE CB  CG   sing N N 245 
PHE CB  HB2  sing N N 246 
PHE CB  HB3  sing N N 247 
PHE CG  CD1  doub Y N 248 
PHE CG  CD2  sing Y N 249 
PHE CD1 CE1  sing Y N 250 
PHE CD1 HD1  sing N N 251 
PHE CD2 CE2  doub Y N 252 
PHE CD2 HD2  sing N N 253 
PHE CE1 CZ   doub Y N 254 
PHE CE1 HE1  sing N N 255 
PHE CE2 CZ   sing Y N 256 
PHE CE2 HE2  sing N N 257 
PHE CZ  HZ   sing N N 258 
PHE OXT HXT  sing N N 259 
PRO N   CA   sing N N 260 
PRO N   CD   sing N N 261 
PRO N   H    sing N N 262 
PRO CA  C    sing N N 263 
PRO CA  CB   sing N N 264 
PRO CA  HA   sing N N 265 
PRO C   O    doub N N 266 
PRO C   OXT  sing N N 267 
PRO CB  CG   sing N N 268 
PRO CB  HB2  sing N N 269 
PRO CB  HB3  sing N N 270 
PRO CG  CD   sing N N 271 
PRO CG  HG2  sing N N 272 
PRO CG  HG3  sing N N 273 
PRO CD  HD2  sing N N 274 
PRO CD  HD3  sing N N 275 
PRO OXT HXT  sing N N 276 
SER N   CA   sing N N 277 
SER N   H    sing N N 278 
SER N   H2   sing N N 279 
SER CA  C    sing N N 280 
SER CA  CB   sing N N 281 
SER CA  HA   sing N N 282 
SER C   O    doub N N 283 
SER C   OXT  sing N N 284 
SER CB  OG   sing N N 285 
SER CB  HB2  sing N N 286 
SER CB  HB3  sing N N 287 
SER OG  HG   sing N N 288 
SER OXT HXT  sing N N 289 
THR N   CA   sing N N 290 
THR N   H    sing N N 291 
THR N   H2   sing N N 292 
THR CA  C    sing N N 293 
THR CA  CB   sing N N 294 
THR CA  HA   sing N N 295 
THR C   O    doub N N 296 
THR C   OXT  sing N N 297 
THR CB  OG1  sing N N 298 
THR CB  CG2  sing N N 299 
THR CB  HB   sing N N 300 
THR OG1 HG1  sing N N 301 
THR CG2 HG21 sing N N 302 
THR CG2 HG22 sing N N 303 
THR CG2 HG23 sing N N 304 
THR OXT HXT  sing N N 305 
TRP N   CA   sing N N 306 
TRP N   H    sing N N 307 
TRP N   H2   sing N N 308 
TRP CA  C    sing N N 309 
TRP CA  CB   sing N N 310 
TRP CA  HA   sing N N 311 
TRP C   O    doub N N 312 
TRP C   OXT  sing N N 313 
TRP CB  CG   sing N N 314 
TRP CB  HB2  sing N N 315 
TRP CB  HB3  sing N N 316 
TRP CG  CD1  doub Y N 317 
TRP CG  CD2  sing Y N 318 
TRP CD1 NE1  sing Y N 319 
TRP CD1 HD1  sing N N 320 
TRP CD2 CE2  doub Y N 321 
TRP CD2 CE3  sing Y N 322 
TRP NE1 CE2  sing Y N 323 
TRP NE1 HE1  sing N N 324 
TRP CE2 CZ2  sing Y N 325 
TRP CE3 CZ3  doub Y N 326 
TRP CE3 HE3  sing N N 327 
TRP CZ2 CH2  doub Y N 328 
TRP CZ2 HZ2  sing N N 329 
TRP CZ3 CH2  sing Y N 330 
TRP CZ3 HZ3  sing N N 331 
TRP CH2 HH2  sing N N 332 
TRP OXT HXT  sing N N 333 
TYR N   CA   sing N N 334 
TYR N   H    sing N N 335 
TYR N   H2   sing N N 336 
TYR CA  C    sing N N 337 
TYR CA  CB   sing N N 338 
TYR CA  HA   sing N N 339 
TYR C   O    doub N N 340 
TYR C   OXT  sing N N 341 
TYR CB  CG   sing N N 342 
TYR CB  HB2  sing N N 343 
TYR CB  HB3  sing N N 344 
TYR CG  CD1  doub Y N 345 
TYR CG  CD2  sing Y N 346 
TYR CD1 CE1  sing Y N 347 
TYR CD1 HD1  sing N N 348 
TYR CD2 CE2  doub Y N 349 
TYR CD2 HD2  sing N N 350 
TYR CE1 CZ   doub Y N 351 
TYR CE1 HE1  sing N N 352 
TYR CE2 CZ   sing Y N 353 
TYR CE2 HE2  sing N N 354 
TYR CZ  OH   sing N N 355 
TYR OH  HH   sing N N 356 
TYR OXT HXT  sing N N 357 
VAL N   CA   sing N N 358 
VAL N   H    sing N N 359 
VAL N   H2   sing N N 360 
VAL CA  C    sing N N 361 
VAL CA  CB   sing N N 362 
VAL CA  HA   sing N N 363 
VAL C   O    doub N N 364 
VAL C   OXT  sing N N 365 
VAL CB  CG1  sing N N 366 
VAL CB  CG2  sing N N 367 
VAL CB  HB   sing N N 368 
VAL CG1 HG11 sing N N 369 
VAL CG1 HG12 sing N N 370 
VAL CG1 HG13 sing N N 371 
VAL CG2 HG21 sing N N 372 
VAL CG2 HG22 sing N N 373 
VAL CG2 HG23 sing N N 374 
VAL OXT HXT  sing N N 375 
# 
_atom_sites.entry_id                    1EW4 
_atom_sites.fract_transf_matrix[1][1]   0.01676552 
_atom_sites.fract_transf_matrix[1][2]   -0.01471785 
_atom_sites.fract_transf_matrix[1][3]   0.01361945 
_atom_sites.fract_transf_matrix[2][1]   0.02467185 
_atom_sites.fract_transf_matrix[2][2]   -0.00269046 
_atom_sites.fract_transf_matrix[2][3]   -0.00819781 
_atom_sites.fract_transf_matrix[3][1]   0.00270493 
_atom_sites.fract_transf_matrix[3][2]   0.00814174 
_atom_sites.fract_transf_matrix[3][3]   0.00546861 
_atom_sites.fract_transf_vector[1]      0.562479 
_atom_sites.fract_transf_vector[2]      0.697634 
_atom_sites.fract_transf_vector[3]      0.204794 
# 
loop_
_atom_type.symbol 
C 
N 
O 
S 
# 
loop_
_atom_site.group_PDB 
_atom_site.id 
_atom_site.type_symbol 
_atom_site.label_atom_id 
_atom_site.label_alt_id 
_atom_site.label_comp_id 
_atom_site.label_asym_id 
_atom_site.label_entity_id 
_atom_site.label_seq_id 
_atom_site.pdbx_PDB_ins_code 
_atom_site.Cartn_x 
_atom_site.Cartn_y 
_atom_site.Cartn_z 
_atom_site.occupancy 
_atom_site.B_iso_or_equiv 
_atom_site.pdbx_formal_charge 
_atom_site.auth_seq_id 
_atom_site.auth_comp_id 
_atom_site.auth_asym_id 
_atom_site.auth_atom_id 
_atom_site.pdbx_PDB_model_num 
ATOM   1   N N   . MET A 1 1   ? -11.986 -16.253 -3.306  1.00 30.16 ? 1   MET A N   1 
ATOM   2   C CA  . MET A 1 1   ? -11.611 -15.968 -1.893  1.00 31.16 ? 1   MET A CA  1 
ATOM   3   C C   . MET A 1 1   ? -12.862 -15.649 -1.084  1.00 28.39 ? 1   MET A C   1 
ATOM   4   O O   . MET A 1 1   ? -13.750 -14.940 -1.559  1.00 30.42 ? 1   MET A O   1 
ATOM   5   C CB  . MET A 1 1   ? -10.650 -14.774 -1.841  1.00 34.26 ? 1   MET A CB  1 
ATOM   6   C CG  . MET A 1 1   ? -10.155 -14.415 -0.448  1.00 34.30 ? 1   MET A CG  1 
ATOM   7   S SD  . MET A 1 1   ? -9.157  -12.897 -0.422  1.00 28.05 ? 1   MET A SD  1 
ATOM   8   C CE  . MET A 1 1   ? -7.636  -13.481 -1.098  1.00 37.90 ? 1   MET A CE  1 
ATOM   9   N N   . ASN A 1 2   ? -12.935 -16.189 0.130   1.00 25.31 ? 2   ASN A N   1 
ATOM   10  C CA  . ASN A 1 2   ? -14.064 -15.936 1.020   1.00 25.01 ? 2   ASN A CA  1 
ATOM   11  C C   . ASN A 1 2   ? -13.900 -14.551 1.638   1.00 19.03 ? 2   ASN A C   1 
ATOM   12  O O   . ASN A 1 2   ? -12.802 -13.987 1.648   1.00 17.55 ? 2   ASN A O   1 
ATOM   13  C CB  . ASN A 1 2   ? -14.104 -16.951 2.165   1.00 31.10 ? 2   ASN A CB  1 
ATOM   14  C CG  . ASN A 1 2   ? -14.593 -18.311 1.734   1.00 40.25 ? 2   ASN A CG  1 
ATOM   15  O OD1 . ASN A 1 2   ? -14.752 -19.207 2.561   1.00 44.79 ? 2   ASN A OD1 1 
ATOM   16  N ND2 . ASN A 1 2   ? -14.839 -18.478 0.442   1.00 47.17 ? 2   ASN A ND2 1 
ATOM   17  N N   . ASP A 1 3   ? -14.997 -14.020 2.170   1.00 17.60 ? 3   ASP A N   1 
ATOM   18  C CA  . ASP A 1 3   ? -14.981 -12.722 2.830   1.00 17.03 ? 3   ASP A CA  1 
ATOM   19  C C   . ASP A 1 3   ? -14.047 -12.758 4.047   1.00 15.97 ? 3   ASP A C   1 
ATOM   20  O O   . ASP A 1 3   ? -13.251 -11.849 4.264   1.00 14.14 ? 3   ASP A O   1 
ATOM   21  C CB  . ASP A 1 3   ? -16.391 -12.344 3.304   1.00 17.37 ? 3   ASP A CB  1 
ATOM   22  C CG  . ASP A 1 3   ? -17.362 -12.084 2.158   1.00 25.62 ? 3   ASP A CG  1 
ATOM   23  O OD1 . ASP A 1 3   ? -18.589 -12.057 2.412   1.00 25.77 ? 3   ASP A OD1 1 
ATOM   24  O OD2 . ASP A 1 3   ? -16.915 -11.895 1.014   1.00 25.92 ? 3   ASP A OD2 1 
ATOM   25  N N   . SER A 1 4   ? -14.148 -13.813 4.852   1.00 14.35 ? 4   SER A N   1 
ATOM   26  C CA  . SER A 1 4   ? -13.315 -13.926 6.040   1.00 14.12 ? 4   SER A CA  1 
ATOM   27  C C   . SER A 1 4   ? -11.832 -13.962 5.688   1.00 12.64 ? 4   SER A C   1 
ATOM   28  O O   . SER A 1 4   ? -11.029 -13.309 6.347   1.00 14.81 ? 4   SER A O   1 
ATOM   29  C CB  . SER A 1 4   ? -13.704 -15.173 6.846   1.00 15.89 ? 4   SER A CB  1 
ATOM   30  O OG  . SER A 1 4   ? -13.616 -16.336 6.053   1.00 17.61 ? 4   SER A OG  1 
ATOM   31  N N   . GLU A 1 5   ? -11.462 -14.705 4.648   1.00 13.85 ? 5   GLU A N   1 
ATOM   32  C CA  . GLU A 1 5   ? -10.061 -14.769 4.248   1.00 15.04 ? 5   GLU A CA  1 
ATOM   33  C C   . GLU A 1 5   ? -9.573  -13.378 3.812   1.00 15.27 ? 5   GLU A C   1 
ATOM   34  O O   . GLU A 1 5   ? -8.440  -12.995 4.084   1.00 14.93 ? 5   GLU A O   1 
ATOM   35  C CB  . GLU A 1 5   ? -9.871  -15.774 3.109   1.00 18.31 ? 5   GLU A CB  1 
ATOM   36  C CG  . GLU A 1 5   ? -8.433  -15.903 2.626   1.00 30.81 ? 5   GLU A CG  1 
ATOM   37  C CD  . GLU A 1 5   ? -7.498  -16.456 3.687   1.00 38.66 ? 5   GLU A CD  1 
ATOM   38  O OE1 . GLU A 1 5   ? -6.266  -16.415 3.466   1.00 41.01 ? 5   GLU A OE1 1 
ATOM   39  O OE2 . GLU A 1 5   ? -7.991  -16.937 4.735   1.00 41.60 ? 5   GLU A OE2 1 
ATOM   40  N N   . PHE A 1 6   ? -10.437 -12.622 3.147   1.00 12.00 ? 6   PHE A N   1 
ATOM   41  C CA  . PHE A 1 6   ? -10.056 -11.283 2.723   1.00 12.45 ? 6   PHE A CA  1 
ATOM   42  C C   . PHE A 1 6   ? -9.835  -10.403 3.951   1.00 11.88 ? 6   PHE A C   1 
ATOM   43  O O   . PHE A 1 6   ? -8.872  -9.654  3.994   1.00 11.99 ? 6   PHE A O   1 
ATOM   44  C CB  . PHE A 1 6   ? -11.130 -10.645 1.841   1.00 13.66 ? 6   PHE A CB  1 
ATOM   45  C CG  . PHE A 1 6   ? -10.788 -9.241  1.421   1.00 14.27 ? 6   PHE A CG  1 
ATOM   46  C CD1 . PHE A 1 6   ? -9.757  -9.002  0.506   1.00 13.71 ? 6   PHE A CD1 1 
ATOM   47  C CD2 . PHE A 1 6   ? -11.454 -8.165  1.972   1.00 15.90 ? 6   PHE A CD2 1 
ATOM   48  C CE1 . PHE A 1 6   ? -9.401  -7.699  0.150   1.00 13.78 ? 6   PHE A CE1 1 
ATOM   49  C CE2 . PHE A 1 6   ? -11.107 -6.864  1.627   1.00 15.56 ? 6   PHE A CE2 1 
ATOM   50  C CZ  . PHE A 1 6   ? -10.074 -6.638  0.713   1.00 12.86 ? 6   PHE A CZ  1 
ATOM   51  N N   . HIS A 1 7   ? -10.725 -10.479 4.941   1.00 12.34 ? 7   HIS A N   1 
ATOM   52  C CA  . HIS A 1 7   ? -10.553 -9.657  6.143   1.00 12.57 ? 7   HIS A CA  1 
ATOM   53  C C   . HIS A 1 7   ? -9.231  -9.991  6.821   1.00 12.73 ? 7   HIS A C   1 
ATOM   54  O O   . HIS A 1 7   ? -8.491  -9.103  7.230   1.00 13.36 ? 7   HIS A O   1 
ATOM   55  C CB  . HIS A 1 7   ? -11.716 -9.874  7.127   1.00 13.32 ? 7   HIS A CB  1 
ATOM   56  C CG  . HIS A 1 7   ? -13.066 -9.521  6.568   1.00 14.01 ? 7   HIS A CG  1 
ATOM   57  N ND1 . HIS A 1 7   ? -13.297 -8.385  5.820   1.00 23.56 ? 7   HIS A ND1 1 
ATOM   58  C CD2 . HIS A 1 7   ? -14.262 -10.143 6.684   1.00 14.26 ? 7   HIS A CD2 1 
ATOM   59  C CE1 . HIS A 1 7   ? -14.578 -8.330  5.496   1.00 21.98 ? 7   HIS A CE1 1 
ATOM   60  N NE2 . HIS A 1 7   ? -15.185 -9.385  6.009   1.00 21.68 ? 7   HIS A NE2 1 
ATOM   61  N N   . ARG A 1 8   ? -8.944  -11.279 6.935   1.00 12.79 ? 8   ARG A N   1 
ATOM   62  C CA  . ARG A 1 8   ? -7.699  -11.734 7.533   1.00 13.57 ? 8   ARG A CA  1 
ATOM   63  C C   . ARG A 1 8   ? -6.479  -11.179 6.789   1.00 11.12 ? 8   ARG A C   1 
ATOM   64  O O   . ARG A 1 8   ? -5.596  -10.570 7.387   1.00 12.76 ? 8   ARG A O   1 
ATOM   65  C CB  . ARG A 1 8   ? -7.637  -13.264 7.510   1.00 15.02 ? 8   ARG A CB  1 
ATOM   66  C CG  . ARG A 1 8   ? -6.296  -13.803 7.972   1.00 17.79 ? 8   ARG A CG  1 
ATOM   67  C CD  . ARG A 1 8   ? -6.101  -15.258 7.592   1.00 30.38 ? 8   ARG A CD  1 
ATOM   68  N NE  . ARG A 1 8   ? -4.742  -15.719 7.881   1.00 33.40 ? 8   ARG A NE  1 
ATOM   69  C CZ  . ARG A 1 8   ? -4.174  -15.665 9.084   1.00 42.17 ? 8   ARG A CZ  1 
ATOM   70  N NH1 . ARG A 1 8   ? -4.844  -15.170 10.117  1.00 45.45 ? 8   ARG A NH1 1 
ATOM   71  N NH2 . ARG A 1 8   ? -2.930  -16.101 9.258   1.00 40.31 ? 8   ARG A NH2 1 
ATOM   72  N N   . LEU A 1 9   ? -6.429  -11.390 5.476   1.00 12.06 ? 9   LEU A N   1 
ATOM   73  C CA  . LEU A 1 9   ? -5.286  -10.935 4.688   1.00 10.90 ? 9   LEU A CA  1 
ATOM   74  C C   . LEU A 1 9   ? -5.152  -9.412  4.638   1.00 10.81 ? 9   LEU A C   1 
ATOM   75  O O   . LEU A 1 9   ? -4.048  -8.868  4.748   1.00 12.80 ? 9   LEU A O   1 
ATOM   76  C CB  . LEU A 1 9   ? -5.391  -11.510 3.269   1.00 15.22 ? 9   LEU A CB  1 
ATOM   77  C CG  . LEU A 1 9   ? -5.495  -13.041 3.225   1.00 21.09 ? 9   LEU A CG  1 
ATOM   78  C CD1 . LEU A 1 9   ? -5.817  -13.527 1.815   1.00 24.31 ? 9   LEU A CD1 1 
ATOM   79  C CD2 . LEU A 1 9   ? -4.199  -13.635 3.718   1.00 22.23 ? 9   LEU A CD2 1 
ATOM   80  N N   . ALA A 1 10  ? -6.272  -8.714  4.472   1.00 11.04 ? 10  ALA A N   1 
ATOM   81  C CA  . ALA A 1 10  ? -6.215  -7.257  4.432   1.00 11.46 ? 10  ALA A CA  1 
ATOM   82  C C   . ALA A 1 10  ? -5.804  -6.679  5.786   1.00 13.84 ? 10  ALA A C   1 
ATOM   83  O O   . ALA A 1 10  ? -5.049  -5.716  5.833   1.00 13.48 ? 10  ALA A O   1 
ATOM   84  C CB  . ALA A 1 10  ? -7.569  -6.679  3.989   1.00 13.56 ? 10  ALA A CB  1 
ATOM   85  N N   . ASP A 1 11  ? -6.289  -7.262  6.883   1.00 12.40 ? 11  ASP A N   1 
ATOM   86  C CA  . ASP A 1 11  ? -5.919  -6.776  8.212   1.00 12.28 ? 11  ASP A CA  1 
ATOM   87  C C   . ASP A 1 11  ? -4.417  -6.915  8.409   1.00 12.46 ? 11  ASP A C   1 
ATOM   88  O O   . ASP A 1 11  ? -3.773  -6.030  8.947   1.00 13.41 ? 11  ASP A O   1 
ATOM   89  C CB  . ASP A 1 11  ? -6.631  -7.573  9.308   1.00 15.00 ? 11  ASP A CB  1 
ATOM   90  C CG  . ASP A 1 11  ? -8.000  -7.032  9.628   1.00 16.17 ? 11  ASP A CG  1 
ATOM   91  O OD1 . ASP A 1 11  ? -8.512  -6.225  8.831   1.00 17.40 ? 11  ASP A OD1 1 
ATOM   92  O OD2 . ASP A 1 11  ? -8.564  -7.409  10.681  1.00 16.83 ? 11  ASP A OD2 1 
ATOM   93  N N   . GLN A 1 12  ? -3.871  -8.037  7.963   1.00 12.05 ? 12  GLN A N   1 
ATOM   94  C CA  . GLN A 1 12  ? -2.446  -8.275  8.094   1.00 12.61 ? 12  GLN A CA  1 
ATOM   95  C C   . GLN A 1 12  ? -1.645  -7.275  7.258   1.00 14.03 ? 12  GLN A C   1 
ATOM   96  O O   . GLN A 1 12  ? -0.607  -6.802  7.685   1.00 15.26 ? 12  GLN A O   1 
ATOM   97  C CB  . GLN A 1 12  ? -2.099  -9.698  7.661   1.00 16.07 ? 12  GLN A CB  1 
ATOM   98  C CG  . GLN A 1 12  ? -0.621  -9.994  7.797   1.00 21.16 ? 12  GLN A CG  1 
ATOM   99  C CD  . GLN A 1 12  ? -0.091  -9.742  9.202   1.00 27.29 ? 12  GLN A CD  1 
ATOM   100 O OE1 . GLN A 1 12  ? 0.903   -9.035  9.392   1.00 33.82 ? 12  GLN A OE1 1 
ATOM   101 N NE2 . GLN A 1 12  ? -0.745  -10.329 10.190  1.00 25.96 ? 12  GLN A NE2 1 
ATOM   102 N N   . LEU A 1 13  ? -2.132  -6.978  6.059   1.00 12.66 ? 13  LEU A N   1 
ATOM   103 C CA  . LEU A 1 13  ? -1.468  -6.032  5.183   1.00 12.49 ? 13  LEU A CA  1 
ATOM   104 C C   . LEU A 1 13  ? -1.508  -4.635  5.798   1.00 11.62 ? 13  LEU A C   1 
ATOM   105 O O   . LEU A 1 13  ? -0.519  -3.911  5.755   1.00 13.69 ? 13  LEU A O   1 
ATOM   106 C CB  . LEU A 1 13  ? -2.139  -6.034  3.806   1.00 12.56 ? 13  LEU A CB  1 
ATOM   107 C CG  . LEU A 1 13  ? -1.512  -5.093  2.778   1.00 13.46 ? 13  LEU A CG  1 
ATOM   108 C CD1 . LEU A 1 13  ? -0.072  -5.497  2.504   1.00 14.89 ? 13  LEU A CD1 1 
ATOM   109 C CD2 . LEU A 1 13  ? -2.322  -5.144  1.502   1.00 14.57 ? 13  LEU A CD2 1 
ATOM   110 N N   . TRP A 1 14  ? -2.652  -4.260  6.365   1.00 13.02 ? 14  TRP A N   1 
ATOM   111 C CA  . TRP A 1 14  ? -2.775  -2.958  7.007   1.00 12.34 ? 14  TRP A CA  1 
ATOM   112 C C   . TRP A 1 14  ? -1.773  -2.814  8.153   1.00 12.85 ? 14  TRP A C   1 
ATOM   113 O O   . TRP A 1 14  ? -1.122  -1.781  8.306   1.00 12.78 ? 14  TRP A O   1 
ATOM   114 C CB  . TRP A 1 14  ? -4.198  -2.768  7.523   1.00 11.69 ? 14  TRP A CB  1 
ATOM   115 C CG  . TRP A 1 14  ? -5.045  -1.828  6.680   1.00 11.17 ? 14  TRP A CG  1 
ATOM   116 C CD1 . TRP A 1 14  ? -5.723  -0.733  7.130   1.00 14.01 ? 14  TRP A CD1 1 
ATOM   117 C CD2 . TRP A 1 14  ? -5.278  -1.889  5.259   1.00 10.63 ? 14  TRP A CD2 1 
ATOM   118 N NE1 . TRP A 1 14  ? -6.361  -0.102  6.082   1.00 14.55 ? 14  TRP A NE1 1 
ATOM   119 C CE2 . TRP A 1 14  ? -6.104  -0.789  4.927   1.00 11.53 ? 14  TRP A CE2 1 
ATOM   120 C CE3 . TRP A 1 14  ? -4.872  -2.758  4.240   1.00 10.67 ? 14  TRP A CE3 1 
ATOM   121 C CZ2 . TRP A 1 14  ? -6.528  -0.538  3.614   1.00 10.97 ? 14  TRP A CZ2 1 
ATOM   122 C CZ3 . TRP A 1 14  ? -5.294  -2.509  2.938   1.00 14.85 ? 14  TRP A CZ3 1 
ATOM   123 C CH2 . TRP A 1 14  ? -6.115  -1.405  2.638   1.00 12.69 ? 14  TRP A CH2 1 
ATOM   124 N N   . LEU A 1 15  ? -1.646  -3.857  8.963   1.00 13.23 ? 15  LEU A N   1 
ATOM   125 C CA  . LEU A 1 15  ? -0.719  -3.796  10.078  1.00 14.20 ? 15  LEU A CA  1 
ATOM   126 C C   . LEU A 1 15  ? 0.703   -3.652  9.559   1.00 13.31 ? 15  LEU A C   1 
ATOM   127 O O   . LEU A 1 15  ? 1.476   -2.836  10.063  1.00 12.41 ? 15  LEU A O   1 
ATOM   128 C CB  . LEU A 1 15  ? -0.825  -5.059  10.940  1.00 14.30 ? 15  LEU A CB  1 
ATOM   129 C CG  . LEU A 1 15  ? 0.187   -5.165  12.094  1.00 16.08 ? 15  LEU A CG  1 
ATOM   130 C CD1 . LEU A 1 15  ? 0.015   -3.988  13.031  1.00 19.03 ? 15  LEU A CD1 1 
ATOM   131 C CD2 . LEU A 1 15  ? -0.009  -6.475  12.847  1.00 18.88 ? 15  LEU A CD2 1 
ATOM   132 N N   . THR A 1 16  ? 1.053   -4.424  8.540   1.00 14.00 ? 16  THR A N   1 
ATOM   133 C CA  . THR A 1 16  ? 2.408   -4.352  8.012   1.00 14.26 ? 16  THR A CA  1 
ATOM   134 C C   . THR A 1 16  ? 2.727   -2.973  7.445   1.00 13.86 ? 16  THR A C   1 
ATOM   135 O O   . THR A 1 16  ? 3.827   -2.472  7.654   1.00 16.58 ? 16  THR A O   1 
ATOM   136 C CB  . THR A 1 16  ? 2.649   -5.424  6.933   1.00 16.71 ? 16  THR A CB  1 
ATOM   137 O OG1 . THR A 1 16  ? 2.433   -6.722  7.496   1.00 18.71 ? 16  THR A OG1 1 
ATOM   138 C CG2 . THR A 1 16  ? 4.078   -5.346  6.417   1.00 18.58 ? 16  THR A CG2 1 
ATOM   139 N N   . ILE A 1 17  ? 1.776   -2.364  6.732   1.00 15.18 ? 17  ILE A N   1 
ATOM   140 C CA  . ILE A 1 17  ? 1.990   -1.031  6.169   1.00 14.52 ? 17  ILE A CA  1 
ATOM   141 C C   . ILE A 1 17  ? 2.133   -0.013  7.307   1.00 15.27 ? 17  ILE A C   1 
ATOM   142 O O   . ILE A 1 17  ? 3.039   0.811   7.317   1.00 16.42 ? 17  ILE A O   1 
ATOM   143 C CB  . ILE A 1 17  ? 0.807   -0.583  5.272   1.00 14.61 ? 17  ILE A CB  1 
ATOM   144 C CG1 . ILE A 1 17  ? 0.687   -1.512  4.056   1.00 13.34 ? 17  ILE A CG1 1 
ATOM   145 C CG2 . ILE A 1 17  ? 1.021   0.870   4.834   1.00 14.82 ? 17  ILE A CG2 1 
ATOM   146 C CD1 . ILE A 1 17  ? -0.637  -1.392  3.324   1.00 17.60 ? 17  ILE A CD1 1 
ATOM   147 N N   . GLU A 1 18  ? 1.229   -0.082  8.279   1.00 14.37 ? 18  GLU A N   1 
ATOM   148 C CA  . GLU A 1 18  ? 1.249   0.861   9.402   1.00 14.32 ? 18  GLU A CA  1 
ATOM   149 C C   . GLU A 1 18  ? 2.544   0.768   10.207  1.00 16.65 ? 18  GLU A C   1 
ATOM   150 O O   . GLU A 1 18  ? 3.152   1.781   10.545  1.00 18.87 ? 18  GLU A O   1 
ATOM   151 C CB  . GLU A 1 18  ? 0.039   0.602   10.309  1.00 14.00 ? 18  GLU A CB  1 
ATOM   152 C CG  . GLU A 1 18  ? -1.283  0.962   9.639   1.00 14.19 ? 18  GLU A CG  1 
ATOM   153 C CD  . GLU A 1 18  ? -2.488  0.328   10.297  1.00 16.44 ? 18  GLU A CD  1 
ATOM   154 O OE1 . GLU A 1 18  ? -2.328  -0.368  11.317  1.00 16.77 ? 18  GLU A OE1 1 
ATOM   155 O OE2 . GLU A 1 18  ? -3.611  0.523   9.783   1.00 18.16 ? 18  GLU A OE2 1 
ATOM   156 N N   . GLU A 1 19  ? 2.973   -0.448  10.498  1.00 15.56 ? 19  GLU A N   1 
ATOM   157 C CA  . GLU A 1 19  ? 4.196   -0.631  11.260  1.00 16.48 ? 19  GLU A CA  1 
ATOM   158 C C   . GLU A 1 19  ? 5.403   -0.151  10.471  1.00 18.19 ? 19  GLU A C   1 
ATOM   159 O O   . GLU A 1 19  ? 6.257   0.548   11.007  1.00 20.34 ? 19  GLU A O   1 
ATOM   160 C CB  . GLU A 1 19  ? 4.352   -2.101  11.626  1.00 19.66 ? 19  GLU A CB  1 
ATOM   161 C CG  . GLU A 1 19  ? 3.417   -2.532  12.754  1.00 22.83 ? 19  GLU A CG  1 
ATOM   162 C CD  . GLU A 1 19  ? 3.521   -4.013  13.081  1.00 27.46 ? 19  GLU A CD  1 
ATOM   163 O OE1 . GLU A 1 19  ? 3.170   -4.393  14.224  1.00 29.99 ? 19  GLU A OE1 1 
ATOM   164 O OE2 . GLU A 1 19  ? 3.934   -4.798  12.200  1.00 29.38 ? 19  GLU A OE2 1 
ATOM   165 N N   . ARG A 1 20  ? 5.459   -0.520  9.197   1.00 17.28 ? 20  ARG A N   1 
ATOM   166 C CA  . ARG A 1 20  ? 6.576   -0.124  8.355   1.00 20.46 ? 20  ARG A CA  1 
ATOM   167 C C   . ARG A 1 20  ? 6.654   1.387   8.208   1.00 22.03 ? 20  ARG A C   1 
ATOM   168 O O   . ARG A 1 20  ? 7.741   1.960   8.276   1.00 24.35 ? 20  ARG A O   1 
ATOM   169 C CB  . ARG A 1 20  ? 6.470   -0.815  6.993   1.00 19.56 ? 20  ARG A CB  1 
ATOM   170 C CG  . ARG A 1 20  ? 6.821   -2.298  7.102   1.00 18.99 ? 20  ARG A CG  1 
ATOM   171 C CD  . ARG A 1 20  ? 6.709   -3.067  5.800   1.00 20.79 ? 20  ARG A CD  1 
ATOM   172 N NE  . ARG A 1 20  ? 7.162   -4.445  5.990   1.00 21.74 ? 20  ARG A NE  1 
ATOM   173 C CZ  . ARG A 1 20  ? 7.163   -5.379  5.044   1.00 29.81 ? 20  ARG A CZ  1 
ATOM   174 N NH1 . ARG A 1 20  ? 7.597   -6.600  5.322   1.00 25.82 ? 20  ARG A NH1 1 
ATOM   175 N NH2 . ARG A 1 20  ? 6.731   -5.097  3.820   1.00 28.85 ? 20  ARG A NH2 1 
ATOM   176 N N   . LEU A 1 21  ? 5.509   2.040   8.042   1.00 21.22 ? 21  LEU A N   1 
ATOM   177 C CA  . LEU A 1 21  ? 5.507   3.493   7.901   1.00 25.40 ? 21  LEU A CA  1 
ATOM   178 C C   . LEU A 1 21  ? 5.749   4.213   9.222   1.00 30.81 ? 21  LEU A C   1 
ATOM   179 O O   . LEU A 1 21  ? 6.247   5.341   9.241   1.00 33.77 ? 21  LEU A O   1 
ATOM   180 C CB  . LEU A 1 21  ? 4.196   3.960   7.274   1.00 28.26 ? 21  LEU A CB  1 
ATOM   181 C CG  . LEU A 1 21  ? 4.229   3.985   5.744   1.00 22.43 ? 21  LEU A CG  1 
ATOM   182 C CD1 . LEU A 1 21  ? 5.170   5.097   5.296   1.00 32.12 ? 21  LEU A CD1 1 
ATOM   183 C CD2 . LEU A 1 21  ? 4.688   2.644   5.190   1.00 24.91 ? 21  LEU A CD2 1 
ATOM   184 N N   . ASP A 1 22  ? 5.396   3.563   10.326  1.00 32.96 ? 22  ASP A N   1 
ATOM   185 C CA  . ASP A 1 22  ? 5.601   4.146   11.644  1.00 34.83 ? 22  ASP A CA  1 
ATOM   186 C C   . ASP A 1 22  ? 7.058   3.967   12.060  1.00 31.95 ? 22  ASP A C   1 
ATOM   187 O O   . ASP A 1 22  ? 7.618   4.798   12.774  1.00 32.55 ? 22  ASP A O   1 
ATOM   188 C CB  . ASP A 1 22  ? 4.675   3.481   12.667  1.00 43.81 ? 22  ASP A CB  1 
ATOM   189 C CG  . ASP A 1 22  ? 5.036   3.831   14.102  1.00 52.79 ? 22  ASP A CG  1 
ATOM   190 O OD1 . ASP A 1 22  ? 6.071   3.330   14.597  1.00 55.01 ? 22  ASP A OD1 1 
ATOM   191 O OD2 . ASP A 1 22  ? 4.291   4.611   14.734  1.00 55.02 ? 22  ASP A OD2 1 
ATOM   192 N N   . ASP A 1 23  ? 7.668   2.875   11.608  1.00 30.59 ? 23  ASP A N   1 
ATOM   193 C CA  . ASP A 1 23  ? 9.063   2.598   11.937  1.00 35.26 ? 23  ASP A CA  1 
ATOM   194 C C   . ASP A 1 23  ? 10.025  3.271   10.959  1.00 35.41 ? 23  ASP A C   1 
ATOM   195 O O   . ASP A 1 23  ? 11.227  2.992   10.964  1.00 35.97 ? 23  ASP A O   1 
ATOM   196 C CB  . ASP A 1 23  ? 9.319   1.088   11.960  1.00 38.26 ? 23  ASP A CB  1 
ATOM   197 C CG  . ASP A 1 23  ? 8.580   0.388   13.090  1.00 44.22 ? 23  ASP A CG  1 
ATOM   198 O OD1 . ASP A 1 23  ? 8.705   0.838   14.247  1.00 47.09 ? 23  ASP A OD1 1 
ATOM   199 O OD2 . ASP A 1 23  ? 7.880   -0.610  12.824  1.00 47.72 ? 23  ASP A OD2 1 
ATOM   200 N N   . TRP A 1 24  ? 9.487   4.154   10.121  1.00 35.26 ? 24  TRP A N   1 
ATOM   201 C CA  . TRP A 1 24  ? 10.293  4.881   9.145   1.00 30.51 ? 24  TRP A CA  1 
ATOM   202 C C   . TRP A 1 24  ? 11.250  5.816   9.868   1.00 30.17 ? 24  TRP A C   1 
ATOM   203 O O   . TRP A 1 24  ? 10.824  6.654   10.661  1.00 32.08 ? 24  TRP A O   1 
ATOM   204 C CB  . TRP A 1 24  ? 9.390   5.691   8.210   1.00 28.02 ? 24  TRP A CB  1 
ATOM   205 C CG  . TRP A 1 24  ? 10.145  6.621   7.303   1.00 22.05 ? 24  TRP A CG  1 
ATOM   206 C CD1 . TRP A 1 24  ? 10.161  7.983   7.356   1.00 24.27 ? 24  TRP A CD1 1 
ATOM   207 C CD2 . TRP A 1 24  ? 11.003  6.249   6.223   1.00 19.11 ? 24  TRP A CD2 1 
ATOM   208 N NE1 . TRP A 1 24  ? 10.982  8.487   6.371   1.00 22.94 ? 24  TRP A NE1 1 
ATOM   209 C CE2 . TRP A 1 24  ? 11.512  7.443   5.661   1.00 19.90 ? 24  TRP A CE2 1 
ATOM   210 C CE3 . TRP A 1 24  ? 11.395  5.019   5.674   1.00 24.06 ? 24  TRP A CE3 1 
ATOM   211 C CZ2 . TRP A 1 24  ? 12.390  7.448   4.576   1.00 19.01 ? 24  TRP A CZ2 1 
ATOM   212 C CZ3 . TRP A 1 24  ? 12.272  5.023   4.591   1.00 23.59 ? 24  TRP A CZ3 1 
ATOM   213 C CH2 . TRP A 1 24  ? 12.758  6.228   4.057   1.00 22.88 ? 24  TRP A CH2 1 
ATOM   214 N N   . ASP A 1 25  ? 12.541  5.669   9.591   1.00 34.43 ? 25  ASP A N   1 
ATOM   215 C CA  . ASP A 1 25  ? 13.560  6.494   10.231  1.00 36.79 ? 25  ASP A CA  1 
ATOM   216 C C   . ASP A 1 25  ? 14.471  7.180   9.214   1.00 35.59 ? 25  ASP A C   1 
ATOM   217 O O   . ASP A 1 25  ? 15.590  7.576   9.541   1.00 36.36 ? 25  ASP A O   1 
ATOM   218 C CB  . ASP A 1 25  ? 14.413  5.638   11.178  1.00 41.89 ? 25  ASP A CB  1 
ATOM   219 C CG  . ASP A 1 25  ? 15.296  6.478   12.095  1.00 49.05 ? 25  ASP A CG  1 
ATOM   220 O OD1 . ASP A 1 25  ? 16.119  5.889   12.832  1.00 53.52 ? 25  ASP A OD1 1 
ATOM   221 O OD2 . ASP A 1 25  ? 15.164  7.723   12.085  1.00 52.06 ? 25  ASP A OD2 1 
ATOM   222 N N   . GLY A 1 26  ? 13.998  7.314   7.979   1.00 29.69 ? 26  GLY A N   1 
ATOM   223 C CA  . GLY A 1 26  ? 14.800  7.967   6.962   1.00 27.12 ? 26  GLY A CA  1 
ATOM   224 C C   . GLY A 1 26  ? 14.822  9.471   7.165   1.00 24.45 ? 26  GLY A C   1 
ATOM   225 O O   . GLY A 1 26  ? 14.244  9.988   8.124   1.00 26.13 ? 26  GLY A O   1 
ATOM   226 N N   . ASP A 1 27  ? 15.483  10.181  6.257   1.00 20.23 ? 27  ASP A N   1 
ATOM   227 C CA  . ASP A 1 27  ? 15.584  11.629  6.348   1.00 21.57 ? 27  ASP A CA  1 
ATOM   228 C C   . ASP A 1 27  ? 14.275  12.338  6.054   1.00 20.49 ? 27  ASP A C   1 
ATOM   229 O O   . ASP A 1 27  ? 13.964  13.372  6.641   1.00 21.62 ? 27  ASP A O   1 
ATOM   230 C CB  . ASP A 1 27  ? 16.651  12.145  5.379   1.00 26.64 ? 27  ASP A CB  1 
ATOM   231 C CG  . ASP A 1 27  ? 18.027  11.593  5.679   1.00 33.03 ? 27  ASP A CG  1 
ATOM   232 O OD1 . ASP A 1 27  ? 18.419  11.595  6.863   1.00 35.38 ? 27  ASP A OD1 1 
ATOM   233 O OD2 . ASP A 1 27  ? 18.719  11.168  4.730   1.00 39.10 ? 27  ASP A OD2 1 
ATOM   234 N N   . SER A 1 28  ? 13.498  11.772  5.140   1.00 17.22 ? 28  SER A N   1 
ATOM   235 C CA  . SER A 1 28  ? 12.246  12.375  4.735   1.00 15.35 ? 28  SER A CA  1 
ATOM   236 C C   . SER A 1 28  ? 11.155  12.239  5.780   1.00 15.26 ? 28  SER A C   1 
ATOM   237 O O   . SER A 1 28  ? 11.145  11.292  6.565   1.00 19.40 ? 28  SER A O   1 
ATOM   238 C CB  . SER A 1 28  ? 11.764  11.734  3.433   1.00 17.54 ? 28  SER A CB  1 
ATOM   239 O OG  . SER A 1 28  ? 12.772  11.805  2.434   1.00 16.75 ? 28  SER A OG  1 
ATOM   240 N N   . ASP A 1 29  ? 10.255  13.217  5.802   1.00 14.85 ? 29  ASP A N   1 
ATOM   241 C CA  . ASP A 1 29  ? 9.126   13.185  6.713   1.00 17.12 ? 29  ASP A CA  1 
ATOM   242 C C   . ASP A 1 29  ? 8.022   12.486  5.930   1.00 15.93 ? 29  ASP A C   1 
ATOM   243 O O   . ASP A 1 29  ? 7.613   12.950  4.865   1.00 15.44 ? 29  ASP A O   1 
ATOM   244 C CB  . ASP A 1 29  ? 8.682   14.606  7.076   1.00 18.34 ? 29  ASP A CB  1 
ATOM   245 C CG  . ASP A 1 29  ? 9.767   15.403  7.779   1.00 24.76 ? 29  ASP A CG  1 
ATOM   246 O OD1 . ASP A 1 29  ? 9.672   16.647  7.771   1.00 34.54 ? 29  ASP A OD1 1 
ATOM   247 O OD2 . ASP A 1 29  ? 10.698  14.795  8.344   1.00 29.92 ? 29  ASP A OD2 1 
ATOM   248 N N   . ILE A 1 30  ? 7.548   11.360  6.450   1.00 15.93 ? 30  ILE A N   1 
ATOM   249 C CA  . ILE A 1 30  ? 6.478   10.627  5.783   1.00 13.78 ? 30  ILE A CA  1 
ATOM   250 C C   . ILE A 1 30  ? 5.389   10.415  6.816   1.00 18.71 ? 30  ILE A C   1 
ATOM   251 O O   . ILE A 1 30  ? 5.650   9.914   7.913   1.00 20.15 ? 30  ILE A O   1 
ATOM   252 C CB  . ILE A 1 30  ? 6.963   9.263   5.267   1.00 14.15 ? 30  ILE A CB  1 
ATOM   253 C CG1 . ILE A 1 30  ? 8.080   9.450   4.230   1.00 14.65 ? 30  ILE A CG1 1 
ATOM   254 C CG2 . ILE A 1 30  ? 5.797   8.521   4.616   1.00 16.48 ? 30  ILE A CG2 1 
ATOM   255 C CD1 . ILE A 1 30  ? 8.699   8.130   3.738   1.00 16.68 ? 30  ILE A CD1 1 
ATOM   256 N N   . ASP A 1 31  ? 4.172   10.811  6.467   1.00 16.52 ? 31  ASP A N   1 
ATOM   257 C CA  . ASP A 1 31  ? 3.046   10.696  7.377   1.00 16.58 ? 31  ASP A CA  1 
ATOM   258 C C   . ASP A 1 31  ? 2.086   9.622   6.887   1.00 16.09 ? 31  ASP A C   1 
ATOM   259 O O   . ASP A 1 31  ? 1.848   9.491   5.690   1.00 15.67 ? 31  ASP A O   1 
ATOM   260 C CB  . ASP A 1 31  ? 2.305   12.043  7.447   1.00 20.26 ? 31  ASP A CB  1 
ATOM   261 C CG  . ASP A 1 31  ? 1.115   12.020  8.394   1.00 31.57 ? 31  ASP A CG  1 
ATOM   262 O OD1 . ASP A 1 31  ? 0.209   12.864  8.225   1.00 35.86 ? 31  ASP A OD1 1 
ATOM   263 O OD2 . ASP A 1 31  ? 1.090   11.177  9.309   1.00 31.53 ? 31  ASP A OD2 1 
ATOM   264 N N   . CYS A 1 32  ? 1.565   8.833   7.814   1.00 14.57 ? 32  CYS A N   1 
ATOM   265 C CA  . CYS A 1 32  ? 0.578   7.824   7.476   1.00 15.22 ? 32  CYS A CA  1 
ATOM   266 C C   . CYS A 1 32  ? -0.642  8.022   8.374   1.00 13.10 ? 32  CYS A C   1 
ATOM   267 O O   . CYS A 1 32  ? -0.507  8.149   9.591   1.00 17.24 ? 32  CYS A O   1 
ATOM   268 C CB  . CYS A 1 32  ? 1.132   6.414   7.683   1.00 14.69 ? 32  CYS A CB  1 
ATOM   269 S SG  . CYS A 1 32  ? -0.052  5.114   7.246   1.00 19.85 ? 32  CYS A SG  1 
ATOM   270 N N   . GLU A 1 33  ? -1.827  8.059   7.774   1.00 11.93 ? 33  GLU A N   1 
ATOM   271 C CA  . GLU A 1 33  ? -3.056  8.220   8.538   1.00 12.45 ? 33  GLU A CA  1 
ATOM   272 C C   . GLU A 1 33  ? -4.066  7.186   8.085   1.00 11.90 ? 33  GLU A C   1 
ATOM   273 O O   . GLU A 1 33  ? -4.009  6.696   6.955   1.00 11.35 ? 33  GLU A O   1 
ATOM   274 C CB  . GLU A 1 33  ? -3.646  9.627   8.346   1.00 13.54 ? 33  GLU A CB  1 
ATOM   275 C CG  . GLU A 1 33  ? -2.694  10.783  8.699   1.00 17.26 ? 33  GLU A CG  1 
ATOM   276 C CD  . GLU A 1 33  ? -2.356  10.859  10.174  1.00 15.77 ? 33  GLU A CD  1 
ATOM   277 O OE1 . GLU A 1 33  ? -1.286  11.414  10.494  1.00 19.09 ? 33  GLU A OE1 1 
ATOM   278 O OE2 . GLU A 1 33  ? -3.140  10.376  11.020  1.00 15.71 ? 33  GLU A OE2 1 
ATOM   279 N N   . ILE A 1 34  ? -4.968  6.810   8.981   1.00 11.12 ? 34  ILE A N   1 
ATOM   280 C CA  . ILE A 1 34  ? -6.029  5.867   8.641   1.00 11.32 ? 34  ILE A CA  1 
ATOM   281 C C   . ILE A 1 34  ? -7.355  6.584   8.903   1.00 11.04 ? 34  ILE A C   1 
ATOM   282 O O   . ILE A 1 34  ? -7.634  7.033   10.023  1.00 13.09 ? 34  ILE A O   1 
ATOM   283 C CB  . ILE A 1 34  ? -5.923  4.556   9.442   1.00 11.89 ? 34  ILE A CB  1 
ATOM   284 C CG1 . ILE A 1 34  ? -7.058  3.621   9.009   1.00 14.75 ? 34  ILE A CG1 1 
ATOM   285 C CG2 . ILE A 1 34  ? -5.956  4.830   10.930  1.00 16.43 ? 34  ILE A CG2 1 
ATOM   286 C CD1 . ILE A 1 34  ? -6.822  2.169   9.367   1.00 18.82 ? 34  ILE A CD1 1 
ATOM   287 N N   . ASN A 1 35  ? -8.157  6.721   7.847   1.00 10.89 ? 35  ASN A N   1 
ATOM   288 C CA  . ASN A 1 35  ? -9.428  7.433   7.902   1.00 12.01 ? 35  ASN A CA  1 
ATOM   289 C C   . ASN A 1 35  ? -10.489 6.610   7.208   1.00 12.89 ? 35  ASN A C   1 
ATOM   290 O O   . ASN A 1 35  ? -10.418 6.370   5.996   1.00 11.72 ? 35  ASN A O   1 
ATOM   291 C CB  . ASN A 1 35  ? -9.298  8.786   7.192   1.00 11.32 ? 35  ASN A CB  1 
ATOM   292 C CG  . ASN A 1 35  ? -8.123  9.592   7.672   1.00 12.87 ? 35  ASN A CG  1 
ATOM   293 O OD1 . ASN A 1 35  ? -8.194  10.269  8.710   1.00 16.52 ? 35  ASN A OD1 1 
ATOM   294 N ND2 . ASN A 1 35  ? -7.029  9.534   6.922   1.00 11.47 ? 35  ASN A ND2 1 
ATOM   295 N N   . GLY A 1 36  ? -11.486 6.188   7.978   1.00 13.54 ? 36  GLY A N   1 
ATOM   296 C CA  . GLY A 1 36  ? -12.547 5.374   7.415   1.00 12.47 ? 36  GLY A CA  1 
ATOM   297 C C   . GLY A 1 36  ? -11.986 4.071   6.888   1.00 12.02 ? 36  GLY A C   1 
ATOM   298 O O   . GLY A 1 36  ? -12.512 3.503   5.935   1.00 13.69 ? 36  GLY A O   1 
ATOM   299 N N   . GLY A 1 37  ? -10.894 3.625   7.496   1.00 12.74 ? 37  GLY A N   1 
ATOM   300 C CA  . GLY A 1 37  ? -10.252 2.387   7.095   1.00 11.45 ? 37  GLY A CA  1 
ATOM   301 C C   . GLY A 1 37  ? -9.296  2.529   5.927   1.00 11.28 ? 37  GLY A C   1 
ATOM   302 O O   . GLY A 1 37  ? -8.625  1.570   5.556   1.00 13.63 ? 37  GLY A O   1 
ATOM   303 N N   . VAL A 1 38  ? -9.220  3.730   5.373   1.00 11.33 ? 38  VAL A N   1 
ATOM   304 C CA  . VAL A 1 38  ? -8.364  3.999   4.219   1.00 12.07 ? 38  VAL A CA  1 
ATOM   305 C C   . VAL A 1 38  ? -7.037  4.570   4.681   1.00 10.51 ? 38  VAL A C   1 
ATOM   306 O O   . VAL A 1 38  ? -7.011  5.465   5.506   1.00 10.52 ? 38  VAL A O   1 
ATOM   307 C CB  . VAL A 1 38  ? -9.038  5.025   3.299   1.00 9.90  ? 38  VAL A CB  1 
ATOM   308 C CG1 . VAL A 1 38  ? -8.132  5.348   2.110   1.00 11.57 ? 38  VAL A CG1 1 
ATOM   309 C CG2 . VAL A 1 38  ? -10.394 4.474   2.837   1.00 11.28 ? 38  VAL A CG2 1 
ATOM   310 N N   . LEU A 1 39  ? -5.943  4.019   4.169   1.00 10.13 ? 39  LEU A N   1 
ATOM   311 C CA  . LEU A 1 39  ? -4.615  4.508   4.517   1.00 10.64 ? 39  LEU A CA  1 
ATOM   312 C C   . LEU A 1 39  ? -4.147  5.578   3.548   1.00 11.90 ? 39  LEU A C   1 
ATOM   313 O O   . LEU A 1 39  ? -4.175  5.378   2.336   1.00 11.22 ? 39  LEU A O   1 
ATOM   314 C CB  . LEU A 1 39  ? -3.597  3.376   4.498   1.00 11.40 ? 39  LEU A CB  1 
ATOM   315 C CG  . LEU A 1 39  ? -3.838  2.300   5.550   1.00 12.42 ? 39  LEU A CG  1 
ATOM   316 C CD1 . LEU A 1 39  ? -2.978  1.074   5.240   1.00 13.91 ? 39  LEU A CD1 1 
ATOM   317 C CD2 . LEU A 1 39  ? -3.497  2.862   6.917   1.00 15.69 ? 39  LEU A CD2 1 
ATOM   318 N N   . THR A 1 40  ? -3.723  6.716   4.081   1.00 12.30 ? 40  THR A N   1 
ATOM   319 C CA  . THR A 1 40  ? -3.180  7.781   3.242   1.00 11.20 ? 40  THR A CA  1 
ATOM   320 C C   . THR A 1 40  ? -1.774  8.114   3.737   1.00 13.89 ? 40  THR A C   1 
ATOM   321 O O   . THR A 1 40  ? -1.574  8.417   4.921   1.00 12.86 ? 40  THR A O   1 
ATOM   322 C CB  . THR A 1 40  ? -4.026  9.056   3.299   1.00 11.98 ? 40  THR A CB  1 
ATOM   323 O OG1 . THR A 1 40  ? -5.330  8.780   2.765   1.00 14.74 ? 40  THR A OG1 1 
ATOM   324 C CG2 . THR A 1 40  ? -3.368  10.164  2.466   1.00 12.71 ? 40  THR A CG2 1 
ATOM   325 N N   . ILE A 1 41  ? -0.809  8.013   2.828   1.00 11.86 ? 41  ILE A N   1 
ATOM   326 C CA  . ILE A 1 41  ? 0.593   8.297   3.108   1.00 10.60 ? 41  ILE A CA  1 
ATOM   327 C C   . ILE A 1 41  ? 0.862   9.628   2.427   1.00 10.45 ? 41  ILE A C   1 
ATOM   328 O O   . ILE A 1 41  ? 0.571   9.791   1.233   1.00 12.09 ? 41  ILE A O   1 
ATOM   329 C CB  . ILE A 1 41  ? 1.515   7.209   2.509   1.00 10.54 ? 41  ILE A CB  1 
ATOM   330 C CG1 . ILE A 1 41  ? 1.120   5.838   3.083   1.00 12.58 ? 41  ILE A CG1 1 
ATOM   331 C CG2 . ILE A 1 41  ? 2.984   7.518   2.840   1.00 14.27 ? 41  ILE A CG2 1 
ATOM   332 C CD1 . ILE A 1 41  ? 1.807   4.682   2.425   1.00 16.77 ? 41  ILE A CD1 1 
ATOM   333 N N   . THR A 1 42  ? 1.392   10.594  3.178   1.00 11.92 ? 42  THR A N   1 
ATOM   334 C CA  . THR A 1 42  ? 1.662   11.918  2.619   1.00 11.32 ? 42  THR A CA  1 
ATOM   335 C C   . THR A 1 42  ? 3.151   12.218  2.677   1.00 11.47 ? 42  THR A C   1 
ATOM   336 O O   . THR A 1 42  ? 3.807   11.977  3.688   1.00 12.76 ? 42  THR A O   1 
ATOM   337 C CB  . THR A 1 42  ? 0.882   13.043  3.367   1.00 13.28 ? 42  THR A CB  1 
ATOM   338 O OG1 . THR A 1 42  ? -0.526  12.767  3.302   1.00 15.90 ? 42  THR A OG1 1 
ATOM   339 C CG2 . THR A 1 42  ? 1.127   14.415  2.714   1.00 13.17 ? 42  THR A CG2 1 
ATOM   340 N N   . PHE A 1 43  ? 3.668   12.758  1.576   1.00 10.57 ? 43  PHE A N   1 
ATOM   341 C CA  . PHE A 1 43  ? 5.082   13.079  1.447   1.00 12.33 ? 43  PHE A CA  1 
ATOM   342 C C   . PHE A 1 43  ? 5.344   14.570  1.558   1.00 13.20 ? 43  PHE A C   1 
ATOM   343 O O   . PHE A 1 43  ? 4.420   15.376  1.458   1.00 12.52 ? 43  PHE A O   1 
ATOM   344 C CB  . PHE A 1 43  ? 5.606   12.520  0.114   1.00 10.99 ? 43  PHE A CB  1 
ATOM   345 C CG  . PHE A 1 43  ? 5.458   11.024  -0.001  1.00 9.80  ? 43  PHE A CG  1 
ATOM   346 C CD1 . PHE A 1 43  ? 4.275   10.453  -0.456  1.00 9.85  ? 43  PHE A CD1 1 
ATOM   347 C CD2 . PHE A 1 43  ? 6.472   10.182  0.437   1.00 11.37 ? 43  PHE A CD2 1 
ATOM   348 C CE1 . PHE A 1 43  ? 4.107   9.058   -0.464  1.00 10.71 ? 43  PHE A CE1 1 
ATOM   349 C CE2 . PHE A 1 43  ? 6.314   8.792   0.430   1.00 10.61 ? 43  PHE A CE2 1 
ATOM   350 C CZ  . PHE A 1 43  ? 5.134   8.226   -0.019  1.00 10.48 ? 43  PHE A CZ  1 
ATOM   351 N N   . GLU A 1 44  ? 6.611   14.938  1.747   1.00 12.43 ? 44  GLU A N   1 
ATOM   352 C CA  . GLU A 1 44  ? 6.961   16.351  1.901   1.00 12.61 ? 44  GLU A CA  1 
ATOM   353 C C   . GLU A 1 44  ? 6.590   17.250  0.740   1.00 14.54 ? 44  GLU A C   1 
ATOM   354 O O   . GLU A 1 44  ? 6.294   18.431  0.944   1.00 16.26 ? 44  GLU A O   1 
ATOM   355 C CB  . GLU A 1 44  ? 8.447   16.498  2.198   1.00 14.73 ? 44  GLU A CB  1 
ATOM   356 C CG  . GLU A 1 44  ? 8.786   16.116  3.593   1.00 14.14 ? 44  GLU A CG  1 
ATOM   357 C CD  . GLU A 1 44  ? 10.243  16.328  3.921   1.00 11.32 ? 44  GLU A CD  1 
ATOM   358 O OE1 . GLU A 1 44  ? 10.709  17.487  3.834   1.00 14.33 ? 44  GLU A OE1 1 
ATOM   359 O OE2 . GLU A 1 44  ? 10.904  15.337  4.273   1.00 14.94 ? 44  GLU A OE2 1 
ATOM   360 N N   . ASN A 1 45  ? 6.597   16.712  -0.478  1.00 12.79 ? 45  ASN A N   1 
ATOM   361 C CA  . ASN A 1 45  ? 6.230   17.518  -1.619  1.00 13.93 ? 45  ASN A CA  1 
ATOM   362 C C   . ASN A 1 45  ? 4.711   17.621  -1.780  1.00 14.70 ? 45  ASN A C   1 
ATOM   363 O O   . ASN A 1 45  ? 4.222   18.161  -2.773  1.00 18.16 ? 45  ASN A O   1 
ATOM   364 C CB  . ASN A 1 45  ? 6.892   16.996  -2.897  1.00 13.89 ? 45  ASN A CB  1 
ATOM   365 C CG  . ASN A 1 45  ? 6.512   15.565  -3.243  1.00 13.48 ? 45  ASN A CG  1 
ATOM   366 O OD1 . ASN A 1 45  ? 7.049   15.001  -4.191  1.00 18.49 ? 45  ASN A OD1 1 
ATOM   367 N ND2 . ASN A 1 45  ? 5.587   14.988  -2.508  1.00 10.20 ? 45  ASN A ND2 1 
ATOM   368 N N   . GLY A 1 46  ? 3.970   17.107  -0.796  1.00 15.20 ? 46  GLY A N   1 
ATOM   369 C CA  . GLY A 1 46  ? 2.520   17.177  -0.846  1.00 15.72 ? 46  GLY A CA  1 
ATOM   370 C C   . GLY A 1 46  ? 1.826   16.040  -1.565  1.00 13.13 ? 46  GLY A C   1 
ATOM   371 O O   . GLY A 1 46  ? 0.607   15.916  -1.496  1.00 15.72 ? 46  GLY A O   1 
ATOM   372 N N   . SER A 1 47  ? 2.595   15.210  -2.262  1.00 12.48 ? 47  SER A N   1 
ATOM   373 C CA  . SER A 1 47  ? 2.010   14.088  -2.985  1.00 13.25 ? 47  SER A CA  1 
ATOM   374 C C   . SER A 1 47  ? 1.543   13.041  -1.974  1.00 12.38 ? 47  SER A C   1 
ATOM   375 O O   . SER A 1 47  ? 1.956   13.054  -0.804  1.00 11.20 ? 47  SER A O   1 
ATOM   376 C CB  . SER A 1 47  ? 3.028   13.482  -3.959  1.00 10.67 ? 47  SER A CB  1 
ATOM   377 O OG  . SER A 1 47  ? 4.098   12.860  -3.269  1.00 12.56 ? 47  SER A OG  1 
ATOM   378 N N   . LYS A 1 48  ? 0.693   12.121  -2.421  1.00 11.23 ? 48  LYS A N   1 
ATOM   379 C CA  . LYS A 1 48  ? 0.157   11.101  -1.532  1.00 11.20 ? 48  LYS A CA  1 
ATOM   380 C C   . LYS A 1 48  ? 0.078   9.739   -2.183  1.00 11.47 ? 48  LYS A C   1 
ATOM   381 O O   . LYS A 1 48  ? 0.208   9.621   -3.395  1.00 11.18 ? 48  LYS A O   1 
ATOM   382 C CB  . LYS A 1 48  ? -1.261  11.499  -1.107  1.00 14.68 ? 48  LYS A CB  1 
ATOM   383 C CG  . LYS A 1 48  ? -1.327  12.809  -0.372  1.00 15.38 ? 48  LYS A CG  1 
ATOM   384 C CD  . LYS A 1 48  ? -2.771  13.198  -0.093  1.00 18.80 ? 48  LYS A CD  1 
ATOM   385 C CE  . LYS A 1 48  ? -2.840  14.574  0.558   1.00 21.09 ? 48  LYS A CE  1 
ATOM   386 N NZ  . LYS A 1 48  ? -4.242  15.015  0.747   1.00 34.89 ? 48  LYS A NZ  1 
ATOM   387 N N   . ILE A 1 49  ? -0.099  8.715   -1.347  1.00 10.86 ? 49  ILE A N   1 
ATOM   388 C CA  . ILE A 1 49  ? -0.323  7.355   -1.808  1.00 9.66  ? 49  ILE A CA  1 
ATOM   389 C C   . ILE A 1 49  ? -1.495  6.909   -0.947  1.00 11.84 ? 49  ILE A C   1 
ATOM   390 O O   . ILE A 1 49  ? -1.476  7.080   0.276   1.00 10.78 ? 49  ILE A O   1 
ATOM   391 C CB  . ILE A 1 49  ? 0.881   6.434   -1.589  1.00 10.11 ? 49  ILE A CB  1 
ATOM   392 C CG1 . ILE A 1 49  ? 1.982   6.807   -2.594  1.00 11.55 ? 49  ILE A CG1 1 
ATOM   393 C CG2 . ILE A 1 49  ? 0.435   4.971   -1.743  1.00 10.78 ? 49  ILE A CG2 1 
ATOM   394 C CD1 . ILE A 1 49  ? 3.325   6.076   -2.373  1.00 11.01 ? 49  ILE A CD1 1 
ATOM   395 N N   . ILE A 1 50  ? -2.527  6.366   -1.582  1.00 10.00 ? 50  ILE A N   1 
ATOM   396 C CA  . ILE A 1 50  ? -3.733  5.944   -0.892  1.00 10.63 ? 50  ILE A CA  1 
ATOM   397 C C   . ILE A 1 50  ? -3.948  4.455   -1.088  1.00 9.80  ? 50  ILE A C   1 
ATOM   398 O O   . ILE A 1 50  ? -3.795  3.938   -2.200  1.00 10.75 ? 50  ILE A O   1 
ATOM   399 C CB  . ILE A 1 50  ? -4.936  6.736   -1.417  1.00 11.29 ? 50  ILE A CB  1 
ATOM   400 C CG1 . ILE A 1 50  ? -4.613  8.231   -1.350  1.00 12.72 ? 50  ILE A CG1 1 
ATOM   401 C CG2 . ILE A 1 50  ? -6.181  6.415   -0.579  1.00 12.88 ? 50  ILE A CG2 1 
ATOM   402 C CD1 . ILE A 1 50  ? -5.575  9.128   -2.104  1.00 20.90 ? 50  ILE A CD1 1 
ATOM   403 N N   . ILE A 1 51  ? -4.280  3.762   -0.003  1.00 10.33 ? 51  ILE A N   1 
ATOM   404 C CA  . ILE A 1 51  ? -4.488  2.320   -0.036  1.00 10.32 ? 51  ILE A CA  1 
ATOM   405 C C   . ILE A 1 51  ? -5.852  2.041   0.574   1.00 8.95  ? 51  ILE A C   1 
ATOM   406 O O   . ILE A 1 51  ? -6.139  2.472   1.687   1.00 10.92 ? 51  ILE A O   1 
ATOM   407 C CB  . ILE A 1 51  ? -3.385  1.603   0.775   1.00 10.94 ? 51  ILE A CB  1 
ATOM   408 C CG1 . ILE A 1 51  ? -2.007  2.099   0.312   1.00 14.09 ? 51  ILE A CG1 1 
ATOM   409 C CG2 . ILE A 1 51  ? -3.487  0.090   0.584   1.00 12.53 ? 51  ILE A CG2 1 
ATOM   410 C CD1 . ILE A 1 51  ? -0.862  1.809   1.277   1.00 18.28 ? 51  ILE A CD1 1 
ATOM   411 N N   . ASN A 1 52  ? -6.701  1.324   -0.150  1.00 9.41  ? 52  ASN A N   1 
ATOM   412 C CA  . ASN A 1 52  ? -8.032  1.033   0.362   1.00 9.94  ? 52  ASN A CA  1 
ATOM   413 C C   . ASN A 1 52  ? -8.478  -0.353  -0.029  1.00 13.55 ? 52  ASN A C   1 
ATOM   414 O O   . ASN A 1 52  ? -7.958  -0.968  -0.959  1.00 11.97 ? 52  ASN A O   1 
ATOM   415 C CB  . ASN A 1 52  ? -9.051  2.056   -0.155  1.00 13.86 ? 52  ASN A CB  1 
ATOM   416 C CG  . ASN A 1 52  ? -9.449  1.802   -1.592  1.00 20.17 ? 52  ASN A CG  1 
ATOM   417 O OD1 . ASN A 1 52  ? -10.552 1.315   -1.872  1.00 28.77 ? 52  ASN A OD1 1 
ATOM   418 N ND2 . ASN A 1 52  ? -8.553  2.101   -2.506  1.00 16.41 ? 52  ASN A ND2 1 
ATOM   419 N N   . ARG A 1 53  ? -9.472  -0.839  0.695   1.00 14.46 ? 53  ARG A N   1 
ATOM   420 C CA  . ARG A 1 53  ? -10.021 -2.159  0.435   1.00 12.78 ? 53  ARG A CA  1 
ATOM   421 C C   . ARG A 1 53  ? -11.251 -2.053  -0.438  1.00 12.48 ? 53  ARG A C   1 
ATOM   422 O O   . ARG A 1 53  ? -12.041 -1.121  -0.293  1.00 14.59 ? 53  ARG A O   1 
ATOM   423 C CB  . ARG A 1 53  ? -10.434 -2.818  1.747   1.00 13.98 ? 53  ARG A CB  1 
ATOM   424 C CG  . ARG A 1 53  ? -9.300  -2.918  2.737   1.00 16.31 ? 53  ARG A CG  1 
ATOM   425 C CD  . ARG A 1 53  ? -9.746  -3.568  4.003   1.00 22.39 ? 53  ARG A CD  1 
ATOM   426 N NE  . ARG A 1 53  ? -8.760  -3.411  5.064   1.00 20.33 ? 53  ARG A NE  1 
ATOM   427 C CZ  . ARG A 1 53  ? -8.785  -4.126  6.177   1.00 22.48 ? 53  ARG A CZ  1 
ATOM   428 N NH1 . ARG A 1 53  ? -9.745  -5.031  6.339   1.00 23.89 ? 53  ARG A NH1 1 
ATOM   429 N NH2 . ARG A 1 53  ? -7.871  -3.934  7.117   1.00 23.10 ? 53  ARG A NH2 1 
ATOM   430 N N   . GLN A 1 54  ? -11.391 -2.999  -1.358  1.00 13.74 ? 54  GLN A N   1 
ATOM   431 C CA  . GLN A 1 54  ? -12.561 -3.093  -2.218  1.00 15.15 ? 54  GLN A CA  1 
ATOM   432 C C   . GLN A 1 54  ? -13.163 -4.434  -1.813  1.00 15.29 ? 54  GLN A C   1 
ATOM   433 O O   . GLN A 1 54  ? -12.911 -5.470  -2.435  1.00 15.68 ? 54  GLN A O   1 
ATOM   434 C CB  . GLN A 1 54  ? -12.166 -3.116  -3.685  1.00 20.39 ? 54  GLN A CB  1 
ATOM   435 C CG  . GLN A 1 54  ? -11.947 -1.757  -4.301  1.00 26.78 ? 54  GLN A CG  1 
ATOM   436 C CD  . GLN A 1 54  ? -13.174 -0.867  -4.215  1.00 26.66 ? 54  GLN A CD  1 
ATOM   437 O OE1 . GLN A 1 54  ? -14.311 -1.343  -4.248  1.00 26.79 ? 54  GLN A OE1 1 
ATOM   438 N NE2 . GLN A 1 54  ? -12.948 0.435   -4.121  1.00 34.82 ? 54  GLN A NE2 1 
ATOM   439 N N   . GLU A 1 55  ? -13.942 -4.401  -0.738  1.00 18.55 ? 55  GLU A N   1 
ATOM   440 C CA  . GLU A 1 55  ? -14.577 -5.583  -0.171  1.00 22.64 ? 55  GLU A CA  1 
ATOM   441 C C   . GLU A 1 55  ? -15.270 -6.538  -1.135  1.00 23.55 ? 55  GLU A C   1 
ATOM   442 O O   . GLU A 1 55  ? -14.965 -7.732  -1.161  1.00 23.84 ? 55  GLU A O   1 
ATOM   443 C CB  . GLU A 1 55  ? -15.586 -5.157  0.895   1.00 29.76 ? 55  GLU A CB  1 
ATOM   444 C CG  . GLU A 1 55  ? -15.593 -6.087  2.064   1.00 45.36 ? 55  GLU A CG  1 
ATOM   445 C CD  . GLU A 1 55  ? -14.263 -6.056  2.756   1.00 50.20 ? 55  GLU A CD  1 
ATOM   446 O OE1 . GLU A 1 55  ? -13.840 -7.091  3.300   1.00 58.10 ? 55  GLU A OE1 1 
ATOM   447 O OE2 . GLU A 1 55  ? -13.638 -4.976  2.750   1.00 54.62 ? 55  GLU A OE2 1 
ATOM   448 N N   . PRO A 1 56  ? -16.230 -6.029  -1.921  1.00 28.44 ? 56  PRO A N   1 
ATOM   449 C CA  . PRO A 1 56  ? -16.969 -6.854  -2.880  1.00 30.80 ? 56  PRO A CA  1 
ATOM   450 C C   . PRO A 1 56  ? -16.061 -7.687  -3.774  1.00 30.46 ? 56  PRO A C   1 
ATOM   451 O O   . PRO A 1 56  ? -16.323 -8.868  -4.024  1.00 32.41 ? 56  PRO A O   1 
ATOM   452 C CB  . PRO A 1 56  ? -17.759 -5.822  -3.681  1.00 33.32 ? 56  PRO A CB  1 
ATOM   453 C CG  . PRO A 1 56  ? -18.007 -4.739  -2.674  1.00 35.55 ? 56  PRO A CG  1 
ATOM   454 C CD  . PRO A 1 56  ? -16.665 -4.621  -2.003  1.00 32.18 ? 56  PRO A CD  1 
ATOM   455 N N   . LEU A 1 57  ? -14.988 -7.060  -4.241  1.00 22.46 ? 57  LEU A N   1 
ATOM   456 C CA  . LEU A 1 57  ? -14.039 -7.701  -5.142  1.00 19.91 ? 57  LEU A CA  1 
ATOM   457 C C   . LEU A 1 57  ? -12.908 -8.441  -4.448  1.00 13.91 ? 57  LEU A C   1 
ATOM   458 O O   . LEU A 1 57  ? -12.102 -9.106  -5.113  1.00 14.59 ? 57  LEU A O   1 
ATOM   459 C CB  . LEU A 1 57  ? -13.412 -6.655  -6.064  1.00 20.01 ? 57  LEU A CB  1 
ATOM   460 C CG  . LEU A 1 57  ? -14.341 -5.764  -6.892  1.00 24.85 ? 57  LEU A CG  1 
ATOM   461 C CD1 . LEU A 1 57  ? -13.519 -4.712  -7.622  1.00 28.38 ? 57  LEU A CD1 1 
ATOM   462 C CD2 . LEU A 1 57  ? -15.122 -6.620  -7.871  1.00 26.88 ? 57  LEU A CD2 1 
ATOM   463 N N   . HIS A 1 58  ? -12.843 -8.328  -3.124  1.00 14.51 ? 58  HIS A N   1 
ATOM   464 C CA  . HIS A 1 58  ? -11.750 -8.935  -2.367  1.00 14.52 ? 58  HIS A CA  1 
ATOM   465 C C   . HIS A 1 58  ? -10.417 -8.449  -2.925  1.00 12.20 ? 58  HIS A C   1 
ATOM   466 O O   . HIS A 1 58  ? -9.476  -9.228  -3.136  1.00 13.42 ? 58  HIS A O   1 
ATOM   467 C CB  . HIS A 1 58  ? -11.785 -10.471 -2.427  1.00 16.61 ? 58  HIS A CB  1 
ATOM   468 C CG  . HIS A 1 58  ? -13.037 -11.066 -1.869  1.00 19.06 ? 58  HIS A CG  1 
ATOM   469 N ND1 . HIS A 1 58  ? -13.633 -10.602 -0.718  1.00 20.90 ? 58  HIS A ND1 1 
ATOM   470 C CD2 . HIS A 1 58  ? -13.797 -12.100 -2.298  1.00 25.94 ? 58  HIS A CD2 1 
ATOM   471 C CE1 . HIS A 1 58  ? -14.710 -11.323 -0.463  1.00 19.01 ? 58  HIS A CE1 1 
ATOM   472 N NE2 . HIS A 1 58  ? -14.832 -12.239 -1.406  1.00 26.77 ? 58  HIS A NE2 1 
ATOM   473 N N   . GLN A 1 59  ? -10.342 -7.153  -3.195  1.00 11.62 ? 59  GLN A N   1 
ATOM   474 C CA  . GLN A 1 59  ? -9.108  -6.570  -3.694  1.00 11.96 ? 59  GLN A CA  1 
ATOM   475 C C   . GLN A 1 59  ? -8.633  -5.426  -2.820  1.00 11.10 ? 59  GLN A C   1 
ATOM   476 O O   . GLN A 1 59  ? -9.407  -4.827  -2.064  1.00 12.20 ? 59  GLN A O   1 
ATOM   477 C CB  . GLN A 1 59  ? -9.268  -6.006  -5.109  1.00 14.41 ? 59  GLN A CB  1 
ATOM   478 C CG  . GLN A 1 59  ? -9.521  -7.020  -6.211  1.00 13.16 ? 59  GLN A CG  1 
ATOM   479 C CD  . GLN A 1 59  ? -9.336  -6.389  -7.577  1.00 15.47 ? 59  GLN A CD  1 
ATOM   480 O OE1 . GLN A 1 59  ? -9.795  -5.273  -7.822  1.00 15.77 ? 59  GLN A OE1 1 
ATOM   481 N NE2 . GLN A 1 59  ? -8.662  -7.098  -8.472  1.00 19.22 ? 59  GLN A NE2 1 
ATOM   482 N N   . VAL A 1 60  ? -7.333  -5.154  -2.918  1.00 10.38 ? 60  VAL A N   1 
ATOM   483 C CA  . VAL A 1 60  ? -6.730  -4.010  -2.252  1.00 10.95 ? 60  VAL A CA  1 
ATOM   484 C C   . VAL A 1 60  ? -6.356  -3.088  -3.424  1.00 10.25 ? 60  VAL A C   1 
ATOM   485 O O   . VAL A 1 60  ? -5.827  -3.547  -4.445  1.00 10.84 ? 60  VAL A O   1 
ATOM   486 C CB  . VAL A 1 60  ? -5.468  -4.400  -1.419  1.00 10.31 ? 60  VAL A CB  1 
ATOM   487 C CG1 . VAL A 1 60  ? -4.696  -3.128  -1.003  1.00 10.78 ? 60  VAL A CG1 1 
ATOM   488 C CG2 . VAL A 1 60  ? -5.910  -5.160  -0.150  1.00 15.00 ? 60  VAL A CG2 1 
ATOM   489 N N   . TRP A 1 61  ? -6.676  -1.808  -3.297  1.00 10.46 ? 61  TRP A N   1 
ATOM   490 C CA  . TRP A 1 61  ? -6.382  -0.855  -4.356  1.00 9.83  ? 61  TRP A CA  1 
ATOM   491 C C   . TRP A 1 61  ? -5.344  0.145   -3.894  1.00 10.54 ? 61  TRP A C   1 
ATOM   492 O O   . TRP A 1 61  ? -5.330  0.549   -2.732  1.00 10.88 ? 61  TRP A O   1 
ATOM   493 C CB  . TRP A 1 61  ? -7.649  -0.118  -4.759  1.00 10.92 ? 61  TRP A CB  1 
ATOM   494 C CG  . TRP A 1 61  ? -8.583  -0.923  -5.649  1.00 10.44 ? 61  TRP A CG  1 
ATOM   495 C CD1 . TRP A 1 61  ? -8.576  -2.278  -5.874  1.00 10.96 ? 61  TRP A CD1 1 
ATOM   496 C CD2 . TRP A 1 61  ? -9.659  -0.393  -6.427  1.00 13.66 ? 61  TRP A CD2 1 
ATOM   497 N NE1 . TRP A 1 61  ? -9.590  -2.616  -6.757  1.00 11.90 ? 61  TRP A NE1 1 
ATOM   498 C CE2 . TRP A 1 61  ? -10.268 -1.478  -7.106  1.00 14.81 ? 61  TRP A CE2 1 
ATOM   499 C CE3 . TRP A 1 61  ? -10.170 0.900   -6.616  1.00 14.31 ? 61  TRP A CE3 1 
ATOM   500 C CZ2 . TRP A 1 61  ? -11.363 -1.307  -7.963  1.00 15.68 ? 61  TRP A CZ2 1 
ATOM   501 C CZ3 . TRP A 1 61  ? -11.264 1.068   -7.473  1.00 15.54 ? 61  TRP A CZ3 1 
ATOM   502 C CH2 . TRP A 1 61  ? -11.840 -0.034  -8.132  1.00 15.11 ? 61  TRP A CH2 1 
ATOM   503 N N   . LEU A 1 62  ? -4.500  0.568   -4.826  1.00 11.54 ? 62  LEU A N   1 
ATOM   504 C CA  . LEU A 1 62  ? -3.414  1.502   -4.556  1.00 11.91 ? 62  LEU A CA  1 
ATOM   505 C C   . LEU A 1 62  ? -3.522  2.671   -5.524  1.00 11.67 ? 62  LEU A C   1 
ATOM   506 O O   . LEU A 1 62  ? -3.740  2.473   -6.722  1.00 11.93 ? 62  LEU A O   1 
ATOM   507 C CB  . LEU A 1 62  ? -2.076  0.771   -4.761  1.00 11.25 ? 62  LEU A CB  1 
ATOM   508 C CG  . LEU A 1 62  ? -0.764  1.554   -4.615  1.00 12.64 ? 62  LEU A CG  1 
ATOM   509 C CD1 . LEU A 1 62  ? -0.568  1.960   -3.174  1.00 14.90 ? 62  LEU A CD1 1 
ATOM   510 C CD2 . LEU A 1 62  ? 0.415   0.688   -5.062  1.00 13.74 ? 62  LEU A CD2 1 
ATOM   511 N N   . ALA A 1 63  ? -3.413  3.888   -5.005  1.00 10.07 ? 63  ALA A N   1 
ATOM   512 C CA  . ALA A 1 63  ? -3.462  5.084   -5.855  1.00 8.98  ? 63  ALA A CA  1 
ATOM   513 C C   . ALA A 1 63  ? -2.193  5.851   -5.549  1.00 11.45 ? 63  ALA A C   1 
ATOM   514 O O   . ALA A 1 63  ? -1.916  6.160   -4.399  1.00 11.29 ? 63  ALA A O   1 
ATOM   515 C CB  . ALA A 1 63  ? -4.684  5.920   -5.531  1.00 11.41 ? 63  ALA A CB  1 
ATOM   516 N N   . THR A 1 64  ? -1.410  6.136   -6.575  1.00 11.68 ? 64  THR A N   1 
ATOM   517 C CA  . THR A 1 64  ? -0.165  6.867   -6.387  1.00 11.19 ? 64  THR A CA  1 
ATOM   518 C C   . THR A 1 64  ? -0.199  8.109   -7.262  1.00 11.20 ? 64  THR A C   1 
ATOM   519 O O   . THR A 1 64  ? -1.154  8.320   -7.994  1.00 12.69 ? 64  THR A O   1 
ATOM   520 C CB  . THR A 1 64  ? 1.051   6.026   -6.828  1.00 11.55 ? 64  THR A CB  1 
ATOM   521 O OG1 . THR A 1 64  ? 1.017   5.868   -8.255  1.00 11.90 ? 64  THR A OG1 1 
ATOM   522 C CG2 . THR A 1 64  ? 1.050   4.640   -6.159  1.00 12.45 ? 64  THR A CG2 1 
ATOM   523 N N   . LYS A 1 65  ? 0.833   8.940   -7.189  1.00 10.11 ? 65  LYS A N   1 
ATOM   524 C CA  . LYS A 1 65  ? 0.856   10.120  -8.035  1.00 12.66 ? 65  LYS A CA  1 
ATOM   525 C C   . LYS A 1 65  ? 0.846   9.684   -9.500  1.00 13.62 ? 65  LYS A C   1 
ATOM   526 O O   . LYS A 1 65  ? 0.261   10.366  -10.342 1.00 17.09 ? 65  LYS A O   1 
ATOM   527 C CB  . LYS A 1 65  ? 2.109   10.951  -7.770  1.00 13.53 ? 65  LYS A CB  1 
ATOM   528 C CG  . LYS A 1 65  ? 2.163   12.213  -8.630  1.00 17.72 ? 65  LYS A CG  1 
ATOM   529 C CD  . LYS A 1 65  ? 3.425   13.035  -8.388  1.00 24.31 ? 65  LYS A CD  1 
ATOM   530 C CE  . LYS A 1 65  ? 3.447   14.256  -9.305  1.00 24.82 ? 65  LYS A CE  1 
ATOM   531 N NZ  . LYS A 1 65  ? 4.738   14.992  -9.269  1.00 36.52 ? 65  LYS A NZ  1 
ATOM   532 N N   . GLN A 1 66  ? 1.477   8.547   -9.790  1.00 13.89 ? 66  GLN A N   1 
ATOM   533 C CA  . GLN A 1 66  ? 1.573   8.032   -11.159 1.00 16.75 ? 66  GLN A CA  1 
ATOM   534 C C   . GLN A 1 66  ? 0.344   7.290   -11.694 1.00 15.65 ? 66  GLN A C   1 
ATOM   535 O O   . GLN A 1 66  ? 0.046   7.393   -12.885 1.00 18.64 ? 66  GLN A O   1 
ATOM   536 C CB  . GLN A 1 66  ? 2.802   7.122   -11.279 1.00 18.94 ? 66  GLN A CB  1 
ATOM   537 C CG  . GLN A 1 66  ? 3.099   6.616   -12.679 1.00 34.24 ? 66  GLN A CG  1 
ATOM   538 C CD  . GLN A 1 66  ? 4.323   5.717   -12.710 1.00 42.32 ? 66  GLN A CD  1 
ATOM   539 O OE1 . GLN A 1 66  ? 5.371   6.051   -12.142 1.00 46.58 ? 66  GLN A OE1 1 
ATOM   540 N NE2 . GLN A 1 66  ? 4.203   4.575   -13.378 1.00 47.09 ? 66  GLN A NE2 1 
ATOM   541 N N   . GLY A 1 67  ? -0.362  6.535   -10.855 1.00 13.88 ? 67  GLY A N   1 
ATOM   542 C CA  . GLY A 1 67  ? -1.523  5.824   -11.365 1.00 13.61 ? 67  GLY A CA  1 
ATOM   543 C C   . GLY A 1 67  ? -2.351  5.089   -10.332 1.00 14.17 ? 67  GLY A C   1 
ATOM   544 O O   . GLY A 1 67  ? -2.325  5.434   -9.151  1.00 12.43 ? 67  GLY A O   1 
ATOM   545 N N   . GLY A 1 68  ? -3.088  4.082   -10.790 1.00 13.19 ? 68  GLY A N   1 
ATOM   546 C CA  . GLY A 1 68  ? -3.937  3.265   -9.933  1.00 11.69 ? 68  GLY A CA  1 
ATOM   547 C C   . GLY A 1 68  ? -3.654  1.802   -10.204 1.00 12.31 ? 68  GLY A C   1 
ATOM   548 O O   . GLY A 1 68  ? -3.429  1.414   -11.359 1.00 17.66 ? 68  GLY A O   1 
ATOM   549 N N   . TYR A 1 69  ? -3.678  0.981   -9.158  1.00 12.58 ? 69  TYR A N   1 
ATOM   550 C CA  . TYR A 1 69  ? -3.375  -0.440  -9.305  1.00 12.26 ? 69  TYR A CA  1 
ATOM   551 C C   . TYR A 1 69  ? -4.283  -1.246  -8.399  1.00 12.78 ? 69  TYR A C   1 
ATOM   552 O O   . TYR A 1 69  ? -4.454  -0.907  -7.223  1.00 12.05 ? 69  TYR A O   1 
ATOM   553 C CB  . TYR A 1 69  ? -1.918  -0.694  -8.935  1.00 15.48 ? 69  TYR A CB  1 
ATOM   554 C CG  . TYR A 1 69  ? -0.968  0.300   -9.556  1.00 16.59 ? 69  TYR A CG  1 
ATOM   555 C CD1 . TYR A 1 69  ? -0.735  1.536   -8.954  1.00 15.39 ? 69  TYR A CD1 1 
ATOM   556 C CD2 . TYR A 1 69  ? -0.329  0.024   -10.766 1.00 17.88 ? 69  TYR A CD2 1 
ATOM   557 C CE1 . TYR A 1 69  ? 0.114   2.477   -9.538  1.00 17.22 ? 69  TYR A CE1 1 
ATOM   558 C CE2 . TYR A 1 69  ? 0.518   0.958   -11.357 1.00 17.23 ? 69  TYR A CE2 1 
ATOM   559 C CZ  . TYR A 1 69  ? 0.733   2.179   -10.732 1.00 17.86 ? 69  TYR A CZ  1 
ATOM   560 O OH  . TYR A 1 69  ? 1.579   3.123   -11.281 1.00 19.67 ? 69  TYR A OH  1 
ATOM   561 N N   . HIS A 1 70  ? -4.860  -2.313  -8.943  1.00 12.71 ? 70  HIS A N   1 
ATOM   562 C CA  . HIS A 1 70  ? -5.782  -3.171  -8.203  1.00 12.11 ? 70  HIS A CA  1 
ATOM   563 C C   . HIS A 1 70  ? -5.128  -4.530  -7.975  1.00 14.18 ? 70  HIS A C   1 
ATOM   564 O O   . HIS A 1 70  ? -4.590  -5.136  -8.906  1.00 13.56 ? 70  HIS A O   1 
ATOM   565 C CB  . HIS A 1 70  ? -7.082  -3.329  -8.996  1.00 12.93 ? 70  HIS A CB  1 
ATOM   566 C CG  . HIS A 1 70  ? -7.716  -2.028  -9.384  1.00 15.28 ? 70  HIS A CG  1 
ATOM   567 N ND1 . HIS A 1 70  ? -7.314  -0.807  -8.880  1.00 16.75 ? 70  HIS A ND1 1 
ATOM   568 C CD2 . HIS A 1 70  ? -8.732  -1.762  -10.239 1.00 12.98 ? 70  HIS A CD2 1 
ATOM   569 C CE1 . HIS A 1 70  ? -8.056  0.151   -9.409  1.00 13.13 ? 70  HIS A CE1 1 
ATOM   570 N NE2 . HIS A 1 70  ? -8.922  -0.402  -10.236 1.00 19.24 ? 70  HIS A NE2 1 
ATOM   571 N N   . PHE A 1 71  ? -5.206  -5.024  -6.743  1.00 11.90 ? 71  PHE A N   1 
ATOM   572 C CA  . PHE A 1 71  ? -4.547  -6.271  -6.390  1.00 13.94 ? 71  PHE A CA  1 
ATOM   573 C C   . PHE A 1 71  ? -5.432  -7.397  -5.897  1.00 12.88 ? 71  PHE A C   1 
ATOM   574 O O   . PHE A 1 71  ? -6.371  -7.171  -5.142  1.00 13.61 ? 71  PHE A O   1 
ATOM   575 C CB  . PHE A 1 71  ? -3.508  -6.003  -5.290  1.00 12.18 ? 71  PHE A CB  1 
ATOM   576 C CG  . PHE A 1 71  ? -2.447  -5.006  -5.672  1.00 10.64 ? 71  PHE A CG  1 
ATOM   577 C CD1 . PHE A 1 71  ? -1.236  -5.440  -6.185  1.00 10.21 ? 71  PHE A CD1 1 
ATOM   578 C CD2 . PHE A 1 71  ? -2.681  -3.631  -5.554  1.00 11.46 ? 71  PHE A CD2 1 
ATOM   579 C CE1 . PHE A 1 71  ? -0.257  -4.533  -6.594  1.00 11.38 ? 71  PHE A CE1 1 
ATOM   580 C CE2 . PHE A 1 71  ? -1.717  -2.704  -5.953  1.00 11.34 ? 71  PHE A CE2 1 
ATOM   581 C CZ  . PHE A 1 71  ? -0.501  -3.144  -6.476  1.00 12.27 ? 71  PHE A CZ  1 
ATOM   582 N N   . ASP A 1 72  ? -5.096  -8.619  -6.312  1.00 13.68 ? 72  ASP A N   1 
ATOM   583 C CA  . ASP A 1 72  ? -5.788  -9.834  -5.871  1.00 17.64 ? 72  ASP A CA  1 
ATOM   584 C C   . ASP A 1 72  ? -4.736  -10.594 -5.071  1.00 19.75 ? 72  ASP A C   1 
ATOM   585 O O   . ASP A 1 72  ? -3.553  -10.334 -5.228  1.00 18.28 ? 72  ASP A O   1 
ATOM   586 C CB  . ASP A 1 72  ? -6.184  -10.721 -7.054  1.00 19.74 ? 72  ASP A CB  1 
ATOM   587 C CG  . ASP A 1 72  ? -7.193  -10.074 -7.955  1.00 20.25 ? 72  ASP A CG  1 
ATOM   588 O OD1 . ASP A 1 72  ? -8.303  -9.778  -7.479  1.00 21.02 ? 72  ASP A OD1 1 
ATOM   589 O OD2 . ASP A 1 72  ? -6.870  -9.870  -9.141  1.00 25.17 ? 72  ASP A OD2 1 
ATOM   590 N N   . LEU A 1 73  ? -5.141  -11.524 -4.211  1.00 25.89 ? 73  LEU A N   1 
ATOM   591 C CA  . LEU A 1 73  ? -4.136  -12.296 -3.480  1.00 32.33 ? 73  LEU A CA  1 
ATOM   592 C C   . LEU A 1 73  ? -3.894  -13.527 -4.345  1.00 32.58 ? 73  LEU A C   1 
ATOM   593 O O   . LEU A 1 73  ? -4.836  -14.234 -4.706  1.00 35.10 ? 73  LEU A O   1 
ATOM   594 C CB  . LEU A 1 73  ? -4.638  -12.716 -2.094  1.00 32.06 ? 73  LEU A CB  1 
ATOM   595 C CG  . LEU A 1 73  ? -3.609  -12.984 -0.973  1.00 35.76 ? 73  LEU A CG  1 
ATOM   596 C CD1 . LEU A 1 73  ? -2.499  -13.868 -1.446  1.00 18.78 ? 73  LEU A CD1 1 
ATOM   597 C CD2 . LEU A 1 73  ? -3.001  -11.690 -0.518  1.00 33.89 ? 73  LEU A CD2 1 
ATOM   598 N N   . LYS A 1 74  ? -2.636  -13.770 -4.695  1.00 37.71 ? 74  LYS A N   1 
ATOM   599 C CA  . LYS A 1 74  ? -2.283  -14.905 -5.542  1.00 41.35 ? 74  LYS A CA  1 
ATOM   600 C C   . LYS A 1 74  ? -0.933  -15.464 -5.102  1.00 42.90 ? 74  LYS A C   1 
ATOM   601 O O   . LYS A 1 74  ? 0.078   -14.766 -5.136  1.00 42.64 ? 74  LYS A O   1 
ATOM   602 C CB  . LYS A 1 74  ? -2.215  -14.448 -7.003  1.00 44.98 ? 74  LYS A CB  1 
ATOM   603 C CG  . LYS A 1 74  ? -2.435  -15.543 -8.040  1.00 51.53 ? 74  LYS A CG  1 
ATOM   604 C CD  . LYS A 1 74  ? -1.351  -16.609 -8.012  1.00 54.20 ? 74  LYS A CD  1 
ATOM   605 C CE  . LYS A 1 74  ? -1.586  -17.642 -9.107  1.00 55.85 ? 74  LYS A CE  1 
ATOM   606 N NZ  . LYS A 1 74  ? -0.608  -18.762 -9.048  1.00 58.54 ? 74  LYS A NZ  1 
ATOM   607 N N   . GLY A 1 75  ? -0.917  -16.725 -4.684  1.00 44.06 ? 75  GLY A N   1 
ATOM   608 C CA  . GLY A 1 75  ? 0.327   -17.329 -4.240  1.00 41.88 ? 75  GLY A CA  1 
ATOM   609 C C   . GLY A 1 75  ? 0.867   -16.667 -2.984  1.00 42.14 ? 75  GLY A C   1 
ATOM   610 O O   . GLY A 1 75  ? 2.077   -16.483 -2.834  1.00 42.45 ? 75  GLY A O   1 
ATOM   611 N N   . ASP A 1 76  ? -0.042  -16.300 -2.086  1.00 38.31 ? 76  ASP A N   1 
ATOM   612 C CA  . ASP A 1 76  ? 0.316   -15.660 -0.825  1.00 35.64 ? 76  ASP A CA  1 
ATOM   613 C C   . ASP A 1 76  ? 0.872   -14.248 -0.982  1.00 33.50 ? 76  ASP A C   1 
ATOM   614 O O   . ASP A 1 76  ? 1.481   -13.713 -0.058  1.00 32.32 ? 76  ASP A O   1 
ATOM   615 C CB  . ASP A 1 76  ? 1.324   -16.528 -0.068  1.00 38.67 ? 76  ASP A CB  1 
ATOM   616 C CG  . ASP A 1 76  ? 0.770   -17.899 0.264   1.00 43.82 ? 76  ASP A CG  1 
ATOM   617 O OD1 . ASP A 1 76  ? -0.239  -17.965 0.998   1.00 47.42 ? 76  ASP A OD1 1 
ATOM   618 O OD2 . ASP A 1 76  ? 1.337   -18.907 -0.211  1.00 48.42 ? 76  ASP A OD2 1 
ATOM   619 N N   . GLU A 1 77  ? 0.654   -13.643 -2.144  1.00 29.05 ? 77  GLU A N   1 
ATOM   620 C CA  . GLU A 1 77  ? 1.137   -12.287 -2.399  1.00 25.47 ? 77  GLU A CA  1 
ATOM   621 C C   . GLU A 1 77  ? 0.084   -11.464 -3.118  1.00 23.31 ? 77  GLU A C   1 
ATOM   622 O O   . GLU A 1 77  ? -0.648  -11.990 -3.950  1.00 25.25 ? 77  GLU A O   1 
ATOM   623 C CB  . GLU A 1 77  ? 2.381   -12.309 -3.286  1.00 28.95 ? 77  GLU A CB  1 
ATOM   624 C CG  . GLU A 1 77  ? 3.654   -12.747 -2.614  1.00 35.60 ? 77  GLU A CG  1 
ATOM   625 C CD  . GLU A 1 77  ? 4.811   -12.765 -3.586  1.00 37.80 ? 77  GLU A CD  1 
ATOM   626 O OE1 . GLU A 1 77  ? 4.816   -13.628 -4.492  1.00 42.46 ? 77  GLU A OE1 1 
ATOM   627 O OE2 . GLU A 1 77  ? 5.708   -11.911 -3.453  1.00 36.87 ? 77  GLU A OE2 1 
ATOM   628 N N   . TRP A 1 78  ? 0.024   -10.169 -2.814  1.00 16.15 ? 78  TRP A N   1 
ATOM   629 C CA  . TRP A 1 78  ? -0.921  -9.287  -3.481  1.00 15.55 ? 78  TRP A CA  1 
ATOM   630 C C   . TRP A 1 78  ? -0.298  -8.944  -4.828  1.00 14.73 ? 78  TRP A C   1 
ATOM   631 O O   . TRP A 1 78  ? 0.809   -8.405  -4.887  1.00 14.28 ? 78  TRP A O   1 
ATOM   632 C CB  . TRP A 1 78  ? -1.163  -8.036  -2.644  1.00 12.92 ? 78  TRP A CB  1 
ATOM   633 C CG  . TRP A 1 78  ? -1.898  -8.336  -1.369  1.00 15.95 ? 78  TRP A CG  1 
ATOM   634 C CD1 . TRP A 1 78  ? -1.348  -8.524  -0.136  1.00 17.55 ? 78  TRP A CD1 1 
ATOM   635 C CD2 . TRP A 1 78  ? -3.311  -8.488  -1.207  1.00 17.03 ? 78  TRP A CD2 1 
ATOM   636 N NE1 . TRP A 1 78  ? -2.328  -8.784  0.787   1.00 18.44 ? 78  TRP A NE1 1 
ATOM   637 C CE2 . TRP A 1 78  ? -3.544  -8.767  0.158   1.00 16.74 ? 78  TRP A CE2 1 
ATOM   638 C CE3 . TRP A 1 78  ? -4.405  -8.418  -2.081  1.00 17.56 ? 78  TRP A CE3 1 
ATOM   639 C CZ2 . TRP A 1 78  ? -4.827  -8.977  0.676   1.00 20.79 ? 78  TRP A CZ2 1 
ATOM   640 C CZ3 . TRP A 1 78  ? -5.686  -8.628  -1.564  1.00 20.91 ? 78  TRP A CZ3 1 
ATOM   641 C CH2 . TRP A 1 78  ? -5.878  -8.904  -0.197  1.00 20.16 ? 78  TRP A CH2 1 
ATOM   642 N N   . ILE A 1 79  ? -1.031  -9.252  -5.893  1.00 13.17 ? 79  ILE A N   1 
ATOM   643 C CA  . ILE A 1 79  ? -0.556  -9.088  -7.255  1.00 13.88 ? 79  ILE A CA  1 
ATOM   644 C C   . ILE A 1 79  ? -1.432  -8.151  -8.059  1.00 14.32 ? 79  ILE A C   1 
ATOM   645 O O   . ILE A 1 79  ? -2.649  -8.242  -8.021  1.00 13.92 ? 79  ILE A O   1 
ATOM   646 C CB  . ILE A 1 79  ? -0.550  -10.477 -7.948  1.00 21.09 ? 79  ILE A CB  1 
ATOM   647 C CG1 . ILE A 1 79  ? 0.307   -11.451 -7.133  1.00 25.31 ? 79  ILE A CG1 1 
ATOM   648 C CG2 . ILE A 1 79  ? -0.066  -10.365 -9.374  1.00 24.01 ? 79  ILE A CG2 1 
ATOM   649 C CD1 . ILE A 1 79  ? 1.708   -10.972 -6.895  1.00 22.70 ? 79  ILE A CD1 1 
ATOM   650 N N   . CYS A 1 80  ? -0.810  -7.255  -8.810  1.00 13.28 ? 80  CYS A N   1 
ATOM   651 C CA  . CYS A 1 80  ? -1.570  -6.316  -9.627  1.00 15.09 ? 80  CYS A CA  1 
ATOM   652 C C   . CYS A 1 80  ? -2.302  -7.085  -10.726 1.00 17.83 ? 80  CYS A C   1 
ATOM   653 O O   . CYS A 1 80  ? -1.675  -7.825  -11.483 1.00 16.63 ? 80  CYS A O   1 
ATOM   654 C CB  . CYS A 1 80  ? -0.624  -5.276  -10.229 1.00 14.59 ? 80  CYS A CB  1 
ATOM   655 S SG  . CYS A 1 80  ? -1.487  -4.054  -11.199 1.00 18.78 ? 80  CYS A SG  1 
ATOM   656 N N   . ASP A 1 81  ? -3.616  -6.898  -10.826 1.00 17.22 ? 81  ASP A N   1 
ATOM   657 C CA  . ASP A 1 81  ? -4.408  -7.638  -11.808 1.00 19.24 ? 81  ASP A CA  1 
ATOM   658 C C   . ASP A 1 81  ? -4.276  -7.229  -13.274 1.00 23.53 ? 81  ASP A C   1 
ATOM   659 O O   . ASP A 1 81  ? -5.060  -7.674  -14.122 1.00 28.37 ? 81  ASP A O   1 
ATOM   660 C CB  . ASP A 1 81  ? -5.890  -7.664  -11.385 1.00 21.32 ? 81  ASP A CB  1 
ATOM   661 C CG  . ASP A 1 81  ? -6.586  -6.326  -11.549 1.00 21.50 ? 81  ASP A CG  1 
ATOM   662 O OD1 . ASP A 1 81  ? -7.765  -6.229  -11.138 1.00 22.72 ? 81  ASP A OD1 1 
ATOM   663 O OD2 . ASP A 1 81  ? -5.977  -5.376  -12.084 1.00 21.98 ? 81  ASP A OD2 1 
ATOM   664 N N   . ARG A 1 82  ? -3.292  -6.391  -13.582 1.00 18.92 ? 82  ARG A N   1 
ATOM   665 C CA  . ARG A 1 82  ? -3.059  -5.978  -14.968 1.00 25.86 ? 82  ARG A CA  1 
ATOM   666 C C   . ARG A 1 82  ? -1.624  -6.264  -15.398 1.00 28.88 ? 82  ARG A C   1 
ATOM   667 O O   . ARG A 1 82  ? -1.365  -6.553  -16.567 1.00 33.48 ? 82  ARG A O   1 
ATOM   668 C CB  . ARG A 1 82  ? -3.345  -4.486  -15.151 1.00 27.87 ? 82  ARG A CB  1 
ATOM   669 C CG  . ARG A 1 82  ? -4.820  -4.103  -15.097 1.00 36.47 ? 82  ARG A CG  1 
ATOM   670 C CD  . ARG A 1 82  ? -4.979  -2.596  -15.237 1.00 44.34 ? 82  ARG A CD  1 
ATOM   671 N NE  . ARG A 1 82  ? -6.376  -2.167  -15.301 1.00 53.87 ? 82  ARG A NE  1 
ATOM   672 C CZ  . ARG A 1 82  ? -6.763  -0.893  -15.338 1.00 55.69 ? 82  ARG A CZ  1 
ATOM   673 N NH1 . ARG A 1 82  ? -5.857  0.079   -15.315 1.00 56.10 ? 82  ARG A NH1 1 
ATOM   674 N NH2 . ARG A 1 82  ? -8.053  -0.589  -15.391 1.00 58.11 ? 82  ARG A NH2 1 
ATOM   675 N N   . SER A 1 83  ? -0.697  -6.194  -14.448 1.00 25.69 ? 83  SER A N   1 
ATOM   676 C CA  . SER A 1 83  ? 0.719   -6.402  -14.743 1.00 23.72 ? 83  SER A CA  1 
ATOM   677 C C   . SER A 1 83  ? 1.346   -7.590  -14.027 1.00 20.55 ? 83  SER A C   1 
ATOM   678 O O   . SER A 1 83  ? 2.410   -8.056  -14.426 1.00 21.80 ? 83  SER A O   1 
ATOM   679 C CB  . SER A 1 83  ? 1.510   -5.151  -14.365 1.00 22.50 ? 83  SER A CB  1 
ATOM   680 O OG  . SER A 1 83  ? 1.555   -4.982  -12.950 1.00 22.42 ? 83  SER A OG  1 
ATOM   681 N N   . GLY A 1 84  ? 0.708   -8.062  -12.961 1.00 17.59 ? 84  GLY A N   1 
ATOM   682 C CA  . GLY A 1 84  ? 1.272   -9.165  -12.206 1.00 16.72 ? 84  GLY A CA  1 
ATOM   683 C C   . GLY A 1 84  ? 2.345   -8.707  -11.214 1.00 13.52 ? 84  GLY A C   1 
ATOM   684 O O   . GLY A 1 84  ? 2.928   -9.517  -10.514 1.00 15.66 ? 84  GLY A O   1 
ATOM   685 N N   . GLU A 1 85  ? 2.604   -7.405  -11.150 1.00 13.66 ? 85  GLU A N   1 
ATOM   686 C CA  . GLU A 1 85  ? 3.623   -6.892  -10.228 1.00 15.33 ? 85  GLU A CA  1 
ATOM   687 C C   . GLU A 1 85  ? 3.121   -6.941  -8.787  1.00 14.45 ? 85  GLU A C   1 
ATOM   688 O O   . GLU A 1 85  ? 1.927   -6.794  -8.538  1.00 14.53 ? 85  GLU A O   1 
ATOM   689 C CB  . GLU A 1 85  ? 4.011   -5.463  -10.612 1.00 17.32 ? 85  GLU A CB  1 
ATOM   690 C CG  . GLU A 1 85  ? 4.804   -5.402  -11.911 1.00 20.22 ? 85  GLU A CG  1 
ATOM   691 C CD  . GLU A 1 85  ? 5.141   -3.987  -12.329 1.00 28.48 ? 85  GLU A CD  1 
ATOM   692 O OE1 . GLU A 1 85  ? 5.501   -3.173  -11.454 1.00 26.33 ? 85  GLU A OE1 1 
ATOM   693 O OE2 . GLU A 1 85  ? 5.057   -3.699  -13.546 1.00 37.18 ? 85  GLU A OE2 1 
ATOM   694 N N   . THR A 1 86  ? 4.022   -7.144  -7.836  1.00 14.45 ? 86  THR A N   1 
ATOM   695 C CA  . THR A 1 86  ? 3.589   -7.240  -6.445  1.00 13.17 ? 86  THR A CA  1 
ATOM   696 C C   . THR A 1 86  ? 3.256   -5.911  -5.798  1.00 13.97 ? 86  THR A C   1 
ATOM   697 O O   . THR A 1 86  ? 3.801   -4.864  -6.151  1.00 12.11 ? 86  THR A O   1 
ATOM   698 C CB  . THR A 1 86  ? 4.643   -7.926  -5.560  1.00 14.31 ? 86  THR A CB  1 
ATOM   699 O OG1 . THR A 1 86  ? 5.822   -7.112  -5.501  1.00 15.23 ? 86  THR A OG1 1 
ATOM   700 C CG2 . THR A 1 86  ? 5.002   -9.291  -6.124  1.00 16.40 ? 86  THR A CG2 1 
ATOM   701 N N   . PHE A 1 87  ? 2.347   -5.975  -4.839  1.00 12.77 ? 87  PHE A N   1 
ATOM   702 C CA  . PHE A 1 87  ? 1.941   -4.794  -4.099  1.00 12.25 ? 87  PHE A CA  1 
ATOM   703 C C   . PHE A 1 87  ? 3.149   -4.109  -3.468  1.00 12.31 ? 87  PHE A C   1 
ATOM   704 O O   . PHE A 1 87  ? 3.312   -2.902  -3.585  1.00 11.37 ? 87  PHE A O   1 
ATOM   705 C CB  . PHE A 1 87  ? 0.950   -5.186  -2.997  1.00 12.09 ? 87  PHE A CB  1 
ATOM   706 C CG  . PHE A 1 87  ? 0.583   -4.046  -2.078  1.00 10.41 ? 87  PHE A CG  1 
ATOM   707 C CD1 . PHE A 1 87  ? -0.450  -3.173  -2.408  1.00 12.48 ? 87  PHE A CD1 1 
ATOM   708 C CD2 . PHE A 1 87  ? 1.292   -3.834  -0.903  1.00 10.65 ? 87  PHE A CD2 1 
ATOM   709 C CE1 . PHE A 1 87  ? -0.771  -2.097  -1.573  1.00 11.64 ? 87  PHE A CE1 1 
ATOM   710 C CE2 . PHE A 1 87  ? 0.982   -2.760  -0.062  1.00 12.30 ? 87  PHE A CE2 1 
ATOM   711 C CZ  . PHE A 1 87  ? -0.055  -1.889  -0.398  1.00 11.76 ? 87  PHE A CZ  1 
ATOM   712 N N   . TRP A 1 88  ? 4.017   -4.865  -2.801  1.00 11.87 ? 88  TRP A N   1 
ATOM   713 C CA  . TRP A 1 88  ? 5.153   -4.219  -2.162  1.00 12.29 ? 88  TRP A CA  1 
ATOM   714 C C   . TRP A 1 88  ? 6.139   -3.602  -3.133  1.00 11.13 ? 88  TRP A C   1 
ATOM   715 O O   . TRP A 1 88  ? 6.714   -2.572  -2.851  1.00 12.87 ? 88  TRP A O   1 
ATOM   716 C CB  . TRP A 1 88  ? 5.858   -5.180  -1.191  1.00 13.47 ? 88  TRP A CB  1 
ATOM   717 C CG  . TRP A 1 88  ? 5.011   -5.410  0.030   1.00 17.95 ? 88  TRP A CG  1 
ATOM   718 C CD1 . TRP A 1 88  ? 4.282   -6.520  0.328   1.00 25.86 ? 88  TRP A CD1 1 
ATOM   719 C CD2 . TRP A 1 88  ? 4.730   -4.454  1.062   1.00 22.53 ? 88  TRP A CD2 1 
ATOM   720 N NE1 . TRP A 1 88  ? 3.559   -6.315  1.481   1.00 23.95 ? 88  TRP A NE1 1 
ATOM   721 C CE2 . TRP A 1 88  ? 3.814   -5.057  1.952   1.00 21.72 ? 88  TRP A CE2 1 
ATOM   722 C CE3 . TRP A 1 88  ? 5.162   -3.149  1.318   1.00 21.00 ? 88  TRP A CE3 1 
ATOM   723 C CZ2 . TRP A 1 88  ? 3.319   -4.397  3.083   1.00 25.08 ? 88  TRP A CZ2 1 
ATOM   724 C CZ3 . TRP A 1 88  ? 4.672   -2.488  2.447   1.00 27.00 ? 88  TRP A CZ3 1 
ATOM   725 C CH2 . TRP A 1 88  ? 3.759   -3.117  3.312   1.00 24.52 ? 88  TRP A CH2 1 
ATOM   726 N N   . ASP A 1 89  ? 6.346   -4.231  -4.282  1.00 12.21 ? 89  ASP A N   1 
ATOM   727 C CA  . ASP A 1 89  ? 7.259   -3.644  -5.261  1.00 12.57 ? 89  ASP A CA  1 
ATOM   728 C C   . ASP A 1 89  ? 6.665   -2.320  -5.766  1.00 13.78 ? 89  ASP A C   1 
ATOM   729 O O   . ASP A 1 89  ? 7.372   -1.325  -5.886  1.00 13.82 ? 89  ASP A O   1 
ATOM   730 C CB  . ASP A 1 89  ? 7.468   -4.580  -6.456  1.00 12.66 ? 89  ASP A CB  1 
ATOM   731 C CG  . ASP A 1 89  ? 8.426   -5.713  -6.172  1.00 16.07 ? 89  ASP A CG  1 
ATOM   732 O OD1 . ASP A 1 89  ? 8.948   -5.830  -5.047  1.00 17.46 ? 89  ASP A OD1 1 
ATOM   733 O OD2 . ASP A 1 89  ? 8.664   -6.501  -7.107  1.00 14.89 ? 89  ASP A OD2 1 
ATOM   734 N N   . LEU A 1 90  ? 5.365   -2.301  -6.052  1.00 11.69 ? 90  LEU A N   1 
ATOM   735 C CA  . LEU A 1 90  ? 4.726   -1.074  -6.547  1.00 10.65 ? 90  LEU A CA  1 
ATOM   736 C C   . LEU A 1 90  ? 4.635   0.023   -5.496  1.00 10.61 ? 90  LEU A C   1 
ATOM   737 O O   . LEU A 1 90  ? 4.827   1.204   -5.799  1.00 11.66 ? 90  LEU A O   1 
ATOM   738 C CB  . LEU A 1 90  ? 3.336   -1.379  -7.119  1.00 11.43 ? 90  LEU A CB  1 
ATOM   739 C CG  . LEU A 1 90  ? 3.432   -2.059  -8.485  1.00 12.45 ? 90  LEU A CG  1 
ATOM   740 C CD1 . LEU A 1 90  ? 2.068   -2.594  -8.868  1.00 15.52 ? 90  LEU A CD1 1 
ATOM   741 C CD2 . LEU A 1 90  ? 3.942   -1.071  -9.541  1.00 16.59 ? 90  LEU A CD2 1 
ATOM   742 N N   . LEU A 1 91  ? 4.328   -0.357  -4.264  1.00 11.39 ? 91  LEU A N   1 
ATOM   743 C CA  . LEU A 1 91  ? 4.257   0.627   -3.192  1.00 10.49 ? 91  LEU A CA  1 
ATOM   744 C C   . LEU A 1 91  ? 5.649   1.212   -2.930  1.00 11.76 ? 91  LEU A C   1 
ATOM   745 O O   . LEU A 1 91  ? 5.814   2.438   -2.827  1.00 12.34 ? 91  LEU A O   1 
ATOM   746 C CB  . LEU A 1 91  ? 3.721   -0.021  -1.915  1.00 11.30 ? 91  LEU A CB  1 
ATOM   747 C CG  . LEU A 1 91  ? 3.710   0.895   -0.690  1.00 12.65 ? 91  LEU A CG  1 
ATOM   748 C CD1 . LEU A 1 91  ? 2.866   2.137   -0.975  1.00 13.94 ? 91  LEU A CD1 1 
ATOM   749 C CD2 . LEU A 1 91  ? 3.152   0.136   0.521   1.00 15.21 ? 91  LEU A CD2 1 
ATOM   750 N N   . GLU A 1 92  ? 6.656   0.345   -2.861  1.00 11.57 ? 92  GLU A N   1 
ATOM   751 C CA  . GLU A 1 92  ? 8.009   0.825   -2.614  1.00 11.47 ? 92  GLU A CA  1 
ATOM   752 C C   . GLU A 1 92  ? 8.493   1.700   -3.759  1.00 12.44 ? 92  GLU A C   1 
ATOM   753 O O   . GLU A 1 92  ? 9.130   2.723   -3.532  1.00 11.80 ? 92  GLU A O   1 
ATOM   754 C CB  . GLU A 1 92  ? 8.979   -0.340  -2.397  1.00 10.96 ? 92  GLU A CB  1 
ATOM   755 C CG  . GLU A 1 92  ? 8.776   -1.039  -1.068  1.00 11.61 ? 92  GLU A CG  1 
ATOM   756 C CD  . GLU A 1 92  ? 9.702   -2.225  -0.877  1.00 14.46 ? 92  GLU A CD  1 
ATOM   757 O OE1 . GLU A 1 92  ? 10.476  -2.544  -1.808  1.00 14.83 ? 92  GLU A OE1 1 
ATOM   758 O OE2 . GLU A 1 92  ? 9.646   -2.844  0.209   1.00 17.00 ? 92  GLU A OE2 1 
ATOM   759 N N   . GLN A 1 93  ? 8.197   1.304   -4.990  1.00 11.67 ? 93  GLN A N   1 
ATOM   760 C CA  . GLN A 1 93  ? 8.633   2.115   -6.119  1.00 10.55 ? 93  GLN A CA  1 
ATOM   761 C C   . GLN A 1 93  ? 8.000   3.505   -6.055  1.00 11.26 ? 93  GLN A C   1 
ATOM   762 O O   . GLN A 1 93  ? 8.679   4.526   -6.214  1.00 11.89 ? 93  GLN A O   1 
ATOM   763 C CB  . GLN A 1 93  ? 8.285   1.440   -7.447  1.00 15.50 ? 93  GLN A CB  1 
ATOM   764 C CG  . GLN A 1 93  ? 8.893   2.146   -8.643  1.00 27.11 ? 93  GLN A CG  1 
ATOM   765 C CD  . GLN A 1 93  ? 7.860   2.802   -9.529  1.00 38.23 ? 93  GLN A CD  1 
ATOM   766 O OE1 . GLN A 1 93  ? 7.170   3.742   -9.119  1.00 39.20 ? 93  GLN A OE1 1 
ATOM   767 N NE2 . GLN A 1 93  ? 7.745   2.309   -10.765 1.00 41.70 ? 93  GLN A NE2 1 
ATOM   768 N N   . ALA A 1 94  ? 6.697   3.547   -5.796  1.00 11.12 ? 94  ALA A N   1 
ATOM   769 C CA  . ALA A 1 94  ? 5.996   4.830   -5.727  1.00 11.63 ? 94  ALA A CA  1 
ATOM   770 C C   . ALA A 1 94  ? 6.475   5.677   -4.555  1.00 10.94 ? 94  ALA A C   1 
ATOM   771 O O   . ALA A 1 94  ? 6.698   6.881   -4.718  1.00 10.56 ? 94  ALA A O   1 
ATOM   772 C CB  . ALA A 1 94  ? 4.493   4.608   -5.621  1.00 12.41 ? 94  ALA A CB  1 
ATOM   773 N N   . ALA A 1 95  ? 6.617   5.056   -3.386  1.00 10.76 ? 95  ALA A N   1 
ATOM   774 C CA  . ALA A 1 95  ? 7.062   5.775   -2.193  1.00 12.07 ? 95  ALA A CA  1 
ATOM   775 C C   . ALA A 1 95  ? 8.460   6.333   -2.388  1.00 12.10 ? 95  ALA A C   1 
ATOM   776 O O   . ALA A 1 95  ? 8.752   7.451   -1.981  1.00 12.23 ? 95  ALA A O   1 
ATOM   777 C CB  . ALA A 1 95  ? 7.025   4.853   -0.971  1.00 13.06 ? 95  ALA A CB  1 
ATOM   778 N N   . THR A 1 96  ? 9.330   5.549   -3.012  1.00 12.90 ? 96  THR A N   1 
ATOM   779 C CA  . THR A 1 96  ? 10.690  5.991   -3.270  1.00 12.83 ? 96  THR A CA  1 
ATOM   780 C C   . THR A 1 96  ? 10.679  7.184   -4.211  1.00 13.69 ? 96  THR A C   1 
ATOM   781 O O   . THR A 1 96  ? 11.373  8.175   -3.986  1.00 13.45 ? 96  THR A O   1 
ATOM   782 C CB  . THR A 1 96  ? 11.518  4.853   -3.889  1.00 13.96 ? 96  THR A CB  1 
ATOM   783 O OG1 . THR A 1 96  ? 11.683  3.812   -2.921  1.00 13.93 ? 96  THR A OG1 1 
ATOM   784 C CG2 . THR A 1 96  ? 12.883  5.348   -4.313  1.00 13.59 ? 96  THR A CG2 1 
ATOM   785 N N   . GLN A 1 97  ? 9.877   7.105   -5.258  1.00 12.62 ? 97  GLN A N   1 
ATOM   786 C CA  . GLN A 1 97  ? 9.797   8.198   -6.204  1.00 13.48 ? 97  GLN A CA  1 
ATOM   787 C C   . GLN A 1 97  ? 9.204   9.454   -5.559  1.00 13.21 ? 97  GLN A C   1 
ATOM   788 O O   . GLN A 1 97  ? 9.731   10.550  -5.727  1.00 13.58 ? 97  GLN A O   1 
ATOM   789 C CB  . GLN A 1 97  ? 8.943   7.781   -7.404  1.00 15.47 ? 97  GLN A CB  1 
ATOM   790 C CG  . GLN A 1 97  ? 9.041   8.711   -8.605  1.00 30.88 ? 97  GLN A CG  1 
ATOM   791 C CD  . GLN A 1 97  ? 8.484   8.081   -9.875  1.00 37.49 ? 97  GLN A CD  1 
ATOM   792 O OE1 . GLN A 1 97  ? 8.864   6.969   -10.248 1.00 37.95 ? 97  GLN A OE1 1 
ATOM   793 N NE2 . GLN A 1 97  ? 7.584   8.792   -10.545 1.00 38.73 ? 97  GLN A NE2 1 
ATOM   794 N N   . GLN A 1 98  ? 8.124   9.296   -4.802  1.00 10.55 ? 98  GLN A N   1 
ATOM   795 C CA  . GLN A 1 98  ? 7.471   10.447  -4.189  1.00 12.29 ? 98  GLN A CA  1 
ATOM   796 C C   . GLN A 1 98  ? 8.206   11.053  -2.989  1.00 11.80 ? 98  GLN A C   1 
ATOM   797 O O   . GLN A 1 98  ? 8.032   12.241  -2.702  1.00 13.43 ? 98  GLN A O   1 
ATOM   798 C CB  . GLN A 1 98  ? 6.026   10.084  -3.840  1.00 11.12 ? 98  GLN A CB  1 
ATOM   799 C CG  . GLN A 1 98  ? 5.206   9.811   -5.098  1.00 10.39 ? 98  GLN A CG  1 
ATOM   800 C CD  . GLN A 1 98  ? 3.754   9.506   -4.818  1.00 9.23  ? 98  GLN A CD  1 
ATOM   801 O OE1 . GLN A 1 98  ? 3.086   10.165  -3.995  1.00 12.96 ? 98  GLN A OE1 1 
ATOM   802 N NE2 . GLN A 1 98  ? 3.239   8.518   -5.517  1.00 8.43  ? 98  GLN A NE2 1 
ATOM   803 N N   . ALA A 1 99  ? 9.024   10.260  -2.305  1.00 10.84 ? 99  ALA A N   1 
ATOM   804 C CA  . ALA A 1 99  ? 9.808   10.774  -1.181  1.00 12.18 ? 99  ALA A CA  1 
ATOM   805 C C   . ALA A 1 99  ? 11.153  11.280  -1.681  1.00 13.13 ? 99  ALA A C   1 
ATOM   806 O O   . ALA A 1 99  ? 11.783  12.108  -1.039  1.00 14.14 ? 99  ALA A O   1 
ATOM   807 C CB  . ALA A 1 99  ? 10.052  9.692   -0.149  1.00 13.13 ? 99  ALA A CB  1 
ATOM   808 N N   . GLY A 1 100 ? 11.599  10.768  -2.821  1.00 12.78 ? 100 GLY A N   1 
ATOM   809 C CA  . GLY A 1 100 ? 12.906  11.162  -3.324  1.00 15.50 ? 100 GLY A CA  1 
ATOM   810 C C   . GLY A 1 100 ? 13.978  10.532  -2.442  1.00 15.18 ? 100 GLY A C   1 
ATOM   811 O O   . GLY A 1 100 ? 15.059  11.089  -2.249  1.00 19.84 ? 100 GLY A O   1 
ATOM   812 N N   . GLU A 1 101 ? 13.677  9.363   -1.892  1.00 14.03 ? 101 GLU A N   1 
ATOM   813 C CA  . GLU A 1 101 ? 14.601  8.649   -1.009  1.00 17.54 ? 101 GLU A CA  1 
ATOM   814 C C   . GLU A 1 101 ? 14.167  7.199   -1.015  1.00 18.53 ? 101 GLU A C   1 
ATOM   815 O O   . GLU A 1 101 ? 12.978  6.910   -1.129  1.00 15.90 ? 101 GLU A O   1 
ATOM   816 C CB  . GLU A 1 101 ? 14.511  9.190   0.426   1.00 18.99 ? 101 GLU A CB  1 
ATOM   817 C CG  . GLU A 1 101 ? 15.384  8.453   1.431   1.00 22.81 ? 101 GLU A CG  1 
ATOM   818 C CD  . GLU A 1 101 ? 15.292  9.039   2.831   1.00 23.35 ? 101 GLU A CD  1 
ATOM   819 O OE1 . GLU A 1 101 ? 14.499  9.982   3.039   1.00 21.99 ? 101 GLU A OE1 1 
ATOM   820 O OE2 . GLU A 1 101 ? 16.015  8.554   3.728   1.00 23.40 ? 101 GLU A OE2 1 
ATOM   821 N N   . THR A 1 102 ? 15.123  6.288   -0.882  1.00 17.04 ? 102 THR A N   1 
ATOM   822 C CA  . THR A 1 102 ? 14.809  4.868   -0.874  1.00 16.86 ? 102 THR A CA  1 
ATOM   823 C C   . THR A 1 102 ? 13.841  4.519   0.239   1.00 17.72 ? 102 THR A C   1 
ATOM   824 O O   . THR A 1 102 ? 14.098  4.812   1.408   1.00 18.23 ? 102 THR A O   1 
ATOM   825 C CB  . THR A 1 102 ? 16.074  4.012   -0.666  1.00 16.46 ? 102 THR A CB  1 
ATOM   826 O OG1 . THR A 1 102 ? 17.023  4.310   -1.689  1.00 18.66 ? 102 THR A OG1 1 
ATOM   827 C CG2 . THR A 1 102 ? 15.725  2.514   -0.701  1.00 20.13 ? 102 THR A CG2 1 
ATOM   828 N N   . VAL A 1 103 ? 12.722  3.905   -0.134  1.00 17.86 ? 103 VAL A N   1 
ATOM   829 C CA  . VAL A 1 103 ? 11.726  3.440   0.819   1.00 16.81 ? 103 VAL A CA  1 
ATOM   830 C C   . VAL A 1 103 ? 11.591  1.956   0.505   1.00 23.28 ? 103 VAL A C   1 
ATOM   831 O O   . VAL A 1 103 ? 10.813  1.564   -0.363  1.00 24.28 ? 103 VAL A O   1 
ATOM   832 C CB  . VAL A 1 103 ? 10.345  4.113   0.638   1.00 15.75 ? 103 VAL A CB  1 
ATOM   833 C CG1 . VAL A 1 103 ? 9.365   3.560   1.682   1.00 20.52 ? 103 VAL A CG1 1 
ATOM   834 C CG2 . VAL A 1 103 ? 10.472  5.607   0.810   1.00 14.45 ? 103 VAL A CG2 1 
ATOM   835 N N   . SER A 1 104 ? 12.391  1.147   1.197   1.00 21.48 ? 104 SER A N   1 
ATOM   836 C CA  . SER A 1 104 ? 12.413  -0.302  1.018   1.00 19.63 ? 104 SER A CA  1 
ATOM   837 C C   . SER A 1 104 ? 12.211  -1.002  2.346   1.00 20.01 ? 104 SER A C   1 
ATOM   838 O O   . SER A 1 104 ? 12.812  -0.611  3.347   1.00 21.26 ? 104 SER A O   1 
ATOM   839 C CB  . SER A 1 104 ? 13.760  -0.738  0.442   1.00 21.62 ? 104 SER A CB  1 
ATOM   840 O OG  . SER A 1 104 ? 13.865  -2.150  0.441   1.00 25.83 ? 104 SER A OG  1 
ATOM   841 N N   . PHE A 1 105 ? 11.393  -2.052  2.347   1.00 21.86 ? 105 PHE A N   1 
ATOM   842 C CA  . PHE A 1 105 ? 11.114  -2.813  3.561   1.00 21.40 ? 105 PHE A CA  1 
ATOM   843 C C   . PHE A 1 105 ? 11.497  -4.287  3.428   1.00 27.46 ? 105 PHE A C   1 
ATOM   844 O O   . PHE A 1 105 ? 10.877  -5.150  4.046   1.00 25.49 ? 105 PHE A O   1 
ATOM   845 C CB  . PHE A 1 105 ? 9.624   -2.689  3.899   1.00 22.47 ? 105 PHE A CB  1 
ATOM   846 C CG  . PHE A 1 105 ? 9.151   -1.261  4.008   1.00 22.26 ? 105 PHE A CG  1 
ATOM   847 C CD1 . PHE A 1 105 ? 9.596   -0.445  5.047   1.00 22.60 ? 105 PHE A CD1 1 
ATOM   848 C CD2 . PHE A 1 105 ? 8.289   -0.725  3.056   1.00 22.91 ? 105 PHE A CD2 1 
ATOM   849 C CE1 . PHE A 1 105 ? 9.187   0.887   5.130   1.00 22.34 ? 105 PHE A CE1 1 
ATOM   850 C CE2 . PHE A 1 105 ? 7.877   0.600   3.134   1.00 23.64 ? 105 PHE A CE2 1 
ATOM   851 C CZ  . PHE A 1 105 ? 8.326   1.406   4.171   1.00 25.45 ? 105 PHE A CZ  1 
ATOM   852 N N   . ARG A 1 106 ? 12.523  -4.574  2.632   1.00 31.10 ? 106 ARG A N   1 
ATOM   853 C CA  . ARG A 1 106 ? 12.976  -5.950  2.441   1.00 41.54 ? 106 ARG A CA  1 
ATOM   854 C C   . ARG A 1 106 ? 13.677  -6.532  3.655   1.00 46.70 ? 106 ARG A C   1 
ATOM   855 O O   . ARG A 1 106 ? 13.227  -7.599  4.131   1.00 51.41 ? 106 ARG A O   1 
ATOM   856 C CB  . ARG A 1 106 ? 13.915  -6.048  1.239   1.00 43.74 ? 106 ARG A CB  1 
ATOM   857 C CG  . ARG A 1 106 ? 13.239  -5.739  -0.059  1.00 41.12 ? 106 ARG A CG  1 
ATOM   858 C CD  . ARG A 1 106 ? 11.920  -6.467  -0.131  1.00 43.10 ? 106 ARG A CD  1 
ATOM   859 N NE  . ARG A 1 106 ? 11.123  -6.025  -1.265  1.00 40.61 ? 106 ARG A NE  1 
ATOM   860 C CZ  . ARG A 1 106 ? 9.837   -5.703  -1.190  1.00 27.85 ? 106 ARG A CZ  1 
ATOM   861 N NH1 . ARG A 1 106 ? 9.208   -5.771  -0.029  1.00 19.59 ? 106 ARG A NH1 1 
ATOM   862 N NH2 . ARG A 1 106 ? 9.205   -5.304  -2.279  1.00 13.99 ? 106 ARG A NH2 1 
ATOM   863 O OXT . ARG A 1 106 ? 14.674  -5.927  4.106   1.00 49.98 ? 106 ARG A OXT 1 
HETATM 864 O O   . HOH B 2 .   ? -7.018  7.983   4.673   1.00 12.09 ? 107 HOH A O   1 
HETATM 865 O O   . HOH B 2 .   ? 8.338   12.791  2.217   1.00 13.35 ? 108 HOH A O   1 
HETATM 866 O O   . HOH B 2 .   ? -4.558  8.020   11.609  1.00 13.30 ? 109 HOH A O   1 
HETATM 867 O O   . HOH B 2 .   ? 8.674   14.547  -1.173  1.00 12.52 ? 110 HOH A O   1 
HETATM 868 O O   . HOH B 2 .   ? -8.577  8.792   11.823  1.00 13.25 ? 111 HOH A O   1 
HETATM 869 O O   . HOH B 2 .   ? 3.090   4.258   -9.228  1.00 16.12 ? 112 HOH A O   1 
HETATM 870 O O   . HOH B 2 .   ? 4.215   7.931   -8.055  1.00 16.49 ? 113 HOH A O   1 
HETATM 871 O O   . HOH B 2 .   ? -4.501  -2.973  -11.865 1.00 19.72 ? 114 HOH A O   1 
HETATM 872 O O   . HOH B 2 .   ? -5.061  -4.466  10.837  1.00 14.94 ? 115 HOH A O   1 
HETATM 873 O O   . HOH B 2 .   ? -6.558  3.616   -3.179  1.00 17.29 ? 116 HOH A O   1 
HETATM 874 O O   . HOH B 2 .   ? -2.276  10.561  13.714  1.00 20.11 ? 117 HOH A O   1 
HETATM 875 O O   . HOH B 2 .   ? 9.348   19.627  4.313   1.00 24.40 ? 118 HOH A O   1 
HETATM 876 O O   . HOH B 2 .   ? -12.694 -4.937  4.647   1.00 23.45 ? 119 HOH A O   1 
HETATM 877 O O   . HOH B 2 .   ? -1.777  -9.760  3.478   1.00 18.57 ? 120 HOH A O   1 
HETATM 878 O O   . HOH B 2 .   ? -3.613  -2.734  12.441  1.00 19.52 ? 121 HOH A O   1 
HETATM 879 O O   . HOH B 2 .   ? -1.128  11.087  5.481   1.00 16.12 ? 122 HOH A O   1 
HETATM 880 O O   . HOH B 2 .   ? -8.624  -9.847  12.178  1.00 16.48 ? 123 HOH A O   1 
HETATM 881 O O   . HOH B 2 .   ? 5.220   14.353  4.731   1.00 20.00 ? 124 HOH A O   1 
HETATM 882 O O   . HOH B 2 .   ? -10.093 0.745   3.004   1.00 21.34 ? 125 HOH A O   1 
HETATM 883 O O   . HOH B 2 .   ? -4.864  -11.434 9.957   1.00 18.41 ? 126 HOH A O   1 
HETATM 884 O O   . HOH B 2 .   ? 4.753   2.261   -8.454  1.00 18.99 ? 127 HOH A O   1 
HETATM 885 O O   . HOH B 2 .   ? -7.745  3.701   -5.367  1.00 17.00 ? 128 HOH A O   1 
HETATM 886 O O   . HOH B 2 .   ? -10.006 -4.337  -10.348 1.00 22.57 ? 129 HOH A O   1 
HETATM 887 O O   . HOH B 2 .   ? -7.331  -3.332  10.001  1.00 23.04 ? 130 HOH A O   1 
HETATM 888 O O   . HOH B 2 .   ? -6.806  10.405  1.160   1.00 24.28 ? 131 HOH A O   1 
HETATM 889 O O   . HOH B 2 .   ? -5.690  -0.414  11.009  1.00 25.63 ? 132 HOH A O   1 
HETATM 890 O O   . HOH B 2 .   ? -9.850  -5.062  11.369  1.00 23.42 ? 133 HOH A O   1 
HETATM 891 O O   . HOH B 2 .   ? -2.184  7.040   12.461  1.00 27.59 ? 134 HOH A O   1 
HETATM 892 O O   . HOH B 2 .   ? -11.200 -6.822  8.237   1.00 23.96 ? 135 HOH A O   1 
HETATM 893 O O   . HOH B 2 .   ? 13.190  -3.642  -1.989  1.00 24.61 ? 136 HOH A O   1 
HETATM 894 O O   . HOH B 2 .   ? -9.186  9.181   3.079   1.00 24.93 ? 137 HOH A O   1 
HETATM 895 O O   . HOH B 2 .   ? 8.527   10.746  9.140   1.00 24.89 ? 138 HOH A O   1 
HETATM 896 O O   . HOH B 2 .   ? -3.510  12.552  5.466   1.00 24.28 ? 139 HOH A O   1 
HETATM 897 O O   . HOH B 2 .   ? 16.612  13.002  -2.063  1.00 24.19 ? 140 HOH A O   1 
HETATM 898 O O   . HOH B 2 .   ? 3.187   17.315  3.170   1.00 28.32 ? 141 HOH A O   1 
HETATM 899 O O   . HOH B 2 .   ? -12.414 1.402   4.061   1.00 26.21 ? 142 HOH A O   1 
HETATM 900 O O   . HOH B 2 .   ? -3.042  -0.853  -13.130 1.00 28.62 ? 143 HOH A O   1 
HETATM 901 O O   . HOH B 2 .   ? -1.689  10.256  16.668  1.00 24.99 ? 144 HOH A O   1 
HETATM 902 O O   . HOH B 2 .   ? 0.678   -8.607  4.722   1.00 27.47 ? 145 HOH A O   1 
HETATM 903 O O   . HOH B 2 .   ? 13.992  2.512   3.195   1.00 27.43 ? 146 HOH A O   1 
HETATM 904 O O   . HOH B 2 .   ? -14.947 -2.129  0.364   1.00 28.33 ? 147 HOH A O   1 
HETATM 905 O O   . HOH B 2 .   ? -0.825  -0.004  13.660  1.00 25.99 ? 148 HOH A O   1 
HETATM 906 O O   . HOH B 2 .   ? -12.035 7.495   4.141   1.00 25.66 ? 149 HOH A O   1 
HETATM 907 O O   . HOH B 2 .   ? 3.497   -9.048  -16.698 1.00 26.93 ? 150 HOH A O   1 
HETATM 908 O O   . HOH B 2 .   ? 18.062  7.263   -1.046  1.00 29.07 ? 151 HOH A O   1 
HETATM 909 O O   . HOH B 2 .   ? -2.242  3.338   -13.705 1.00 25.85 ? 152 HOH A O   1 
HETATM 910 O O   . HOH B 2 .   ? 8.446   -7.334  2.191   1.00 34.10 ? 153 HOH A O   1 
HETATM 911 O O   . HOH B 2 .   ? 1.493   15.581  -6.213  1.00 33.07 ? 154 HOH A O   1 
HETATM 912 O O   . HOH B 2 .   ? -5.761  -17.687 6.522   1.00 33.33 ? 155 HOH A O   1 
HETATM 913 O O   . HOH B 2 .   ? -2.155  -10.279 -13.017 1.00 28.86 ? 156 HOH A O   1 
HETATM 914 O O   . HOH B 2 .   ? -3.124  -2.635  15.075  1.00 30.53 ? 157 HOH A O   1 
HETATM 915 O O   . HOH B 2 .   ? 6.877   -7.488  -8.954  1.00 24.09 ? 158 HOH A O   1 
HETATM 916 O O   . HOH B 2 .   ? 6.676   19.674  3.640   1.00 29.40 ? 159 HOH A O   1 
HETATM 917 O O   . HOH B 2 .   ? 5.338   17.217  5.362   1.00 46.21 ? 160 HOH A O   1 
HETATM 918 O O   . HOH B 2 .   ? 2.065   4.531   10.392  1.00 33.69 ? 161 HOH A O   1 
HETATM 919 O O   . HOH B 2 .   ? 12.167  11.125  -7.238  1.00 27.95 ? 162 HOH A O   1 
HETATM 920 O O   . HOH B 2 .   ? 1.605   -2.386  -12.538 1.00 33.38 ? 163 HOH A O   1 
HETATM 921 O O   . HOH B 2 .   ? -14.007 -2.434  3.699   1.00 33.61 ? 164 HOH A O   1 
HETATM 922 O O   . HOH B 2 .   ? -9.126  -11.066 -5.128  1.00 32.97 ? 165 HOH A O   1 
HETATM 923 O O   . HOH B 2 .   ? 11.411  18.528  8.098   1.00 33.33 ? 166 HOH A O   1 
HETATM 924 O O   . HOH B 2 .   ? 7.041   21.007  -0.558  1.00 32.55 ? 167 HOH A O   1 
HETATM 925 O O   . HOH B 2 .   ? -17.707 -14.875 1.047   1.00 35.57 ? 168 HOH A O   1 
HETATM 926 O O   . HOH B 2 .   ? -1.074  17.566  -0.151  1.00 32.29 ? 169 HOH A O   1 
HETATM 927 O O   . HOH B 2 .   ? 16.222  5.415   2.915   1.00 31.33 ? 170 HOH A O   1 
HETATM 928 O O   . HOH B 2 .   ? 2.129   1.033   13.284  1.00 42.54 ? 171 HOH A O   1 
HETATM 929 O O   . HOH B 2 .   ? 13.725  3.863   8.335   1.00 33.19 ? 172 HOH A O   1 
HETATM 930 O O   . HOH B 2 .   ? -12.050 -9.794  -7.783  1.00 31.09 ? 173 HOH A O   1 
HETATM 931 O O   . HOH B 2 .   ? -1.581  6.227   -14.743 1.00 31.22 ? 174 HOH A O   1 
HETATM 932 O O   . HOH B 2 .   ? -16.981 -0.374  -4.688  1.00 34.80 ? 175 HOH A O   1 
HETATM 933 O O   . HOH B 2 .   ? 0.498   9.678   12.225  1.00 49.94 ? 176 HOH A O   1 
HETATM 934 O O   . HOH B 2 .   ? 1.004   12.264  -12.121 1.00 41.98 ? 177 HOH A O   1 
HETATM 935 O O   . HOH B 2 .   ? -18.511 -10.576 -3.029  1.00 37.52 ? 178 HOH A O   1 
HETATM 936 O O   . HOH B 2 .   ? -9.672  -8.404  -11.641 1.00 37.60 ? 179 HOH A O   1 
HETATM 937 O O   . HOH B 2 .   ? -4.090  -10.227 -9.663  1.00 26.85 ? 180 HOH A O   1 
HETATM 938 O O   . HOH B 2 .   ? -13.824 -0.609  2.046   1.00 39.42 ? 181 HOH A O   1 
HETATM 939 O O   . HOH B 2 .   ? 1.905   2.848   -13.910 1.00 37.36 ? 182 HOH A O   1 
HETATM 940 O O   . HOH B 2 .   ? -0.260  10.254  -14.183 1.00 50.60 ? 183 HOH A O   1 
HETATM 941 O O   . HOH B 2 .   ? 17.807  -5.483  3.920   1.00 49.06 ? 184 HOH A O   1 
HETATM 942 O O   . HOH B 2 .   ? 10.060  0.716   8.337   1.00 36.59 ? 185 HOH A O   1 
HETATM 943 O O   . HOH B 2 .   ? 6.785   -2.941  -9.266  1.00 35.18 ? 186 HOH A O   1 
HETATM 944 O O   . HOH B 2 .   ? 2.798   8.519   10.502  1.00 38.25 ? 187 HOH A O   1 
HETATM 945 O O   . HOH B 2 .   ? -7.398  -13.365 -5.190  1.00 38.59 ? 188 HOH A O   1 
HETATM 946 O O   . HOH B 2 .   ? -9.759  -0.603  5.281   1.00 42.15 ? 189 HOH A O   1 
HETATM 947 O O   . HOH B 2 .   ? 2.018   -14.839 -6.961  1.00 36.70 ? 190 HOH A O   1 
HETATM 948 O O   . HOH B 2 .   ? 4.749   15.571  -6.753  1.00 41.98 ? 191 HOH A O   1 
HETATM 949 O O   . HOH B 2 .   ? -6.571  -0.699  -12.589 1.00 30.83 ? 192 HOH A O   1 
HETATM 950 O O   . HOH B 2 .   ? -9.804  -1.711  -13.091 1.00 40.89 ? 193 HOH A O   1 
HETATM 951 O O   . HOH B 2 .   ? 18.470  13.093  2.753   1.00 37.60 ? 194 HOH A O   1 
HETATM 952 O O   . HOH B 2 .   ? 3.642   17.106  -5.274  1.00 40.67 ? 195 HOH A O   1 
HETATM 953 O O   . HOH B 2 .   ? -3.155  -20.078 -7.922  1.00 43.20 ? 196 HOH A O   1 
HETATM 954 O O   . HOH B 2 .   ? -12.676 -13.659 -4.265  1.00 35.23 ? 197 HOH A O   1 
HETATM 955 O O   . HOH B 2 .   ? -11.178 -12.482 -5.531  1.00 39.88 ? 198 HOH A O   1 
HETATM 956 O O   . HOH B 2 .   ? -14.916 -11.286 -5.627  1.00 38.42 ? 199 HOH A O   1 
HETATM 957 O O   . HOH B 2 .   ? -8.148  -13.940 -7.555  1.00 38.46 ? 200 HOH A O   1 
HETATM 958 O O   . HOH B 2 .   ? -15.962 -17.900 -1.872  1.00 34.38 ? 201 HOH A O   1 
HETATM 959 O O   . HOH B 2 .   ? -17.064 -14.457 -1.651  1.00 39.83 ? 202 HOH A O   1 
HETATM 960 O O   . HOH B 2 .   ? -4.154  -16.705 -11.242 1.00 38.56 ? 203 HOH A O   1 
HETATM 961 O O   . HOH B 2 .   ? -18.606 -12.234 -1.233  1.00 33.68 ? 204 HOH A O   1 
HETATM 962 O O   . HOH B 2 .   ? -16.429 -16.222 4.779   1.00 7.81  ? 205 HOH A O   1 
HETATM 963 O O   . HOH B 2 .   ? -17.428 -13.424 -9.189  1.00 43.70 ? 206 HOH A O   1 
HETATM 964 O O   . HOH B 2 .   ? -0.608  -12.236 4.015   1.00 30.79 ? 207 HOH A O   1 
HETATM 965 O O   . HOH B 2 .   ? -0.971  -14.886 2.622   1.00 37.08 ? 208 HOH A O   1 
HETATM 966 O O   . HOH B 2 .   ? 2.795   -12.103 3.827   1.00 42.02 ? 209 HOH A O   1 
HETATM 967 O O   . HOH B 2 .   ? 2.792   -11.987 1.207   1.00 38.62 ? 210 HOH A O   1 
HETATM 968 O O   . HOH B 2 .   ? 5.317   -10.213 0.425   1.00 33.46 ? 211 HOH A O   1 
HETATM 969 O O   . HOH B 2 .   ? 4.737   -8.952  4.484   1.00 37.78 ? 212 HOH A O   1 
HETATM 970 O O   . HOH B 2 .   ? 1.253   -11.187 6.148   1.00 37.41 ? 213 HOH A O   1 
HETATM 971 O O   . HOH B 2 .   ? 11.662  1.915   6.662   1.00 43.15 ? 214 HOH A O   1 
HETATM 972 O O   . HOH B 2 .   ? -0.644  -1.744  15.694  1.00 35.77 ? 215 HOH A O   1 
HETATM 973 O O   . HOH B 2 .   ? 13.454  -0.269  5.882   1.00 37.73 ? 216 HOH A O   1 
HETATM 974 O O   . HOH B 2 .   ? 11.415  10.675  9.517   1.00 37.39 ? 217 HOH A O   1 
HETATM 975 O O   . HOH B 2 .   ? 1.272   -20.324 -10.881 1.00 38.96 ? 218 HOH A O   1 
HETATM 976 O O   . HOH B 2 .   ? 1.017   -14.142 -9.528  1.00 29.22 ? 219 HOH A O   1 
HETATM 977 O O   . HOH B 2 .   ? -11.812 -1.374  7.049   1.00 33.68 ? 220 HOH A O   1 
HETATM 978 O O   . HOH B 2 .   ? -12.925 3.039   1.318   1.00 37.03 ? 221 HOH A O   1 
HETATM 979 O O   . HOH B 2 .   ? -14.299 0.950   -1.673  1.00 43.07 ? 222 HOH A O   1 
HETATM 980 O O   . HOH B 2 .   ? -15.502 -8.904  2.161   1.00 39.13 ? 223 HOH A O   1 
HETATM 981 O O   . HOH B 2 .   ? 5.513   5.795   -9.303  1.00 21.84 ? 224 HOH A O   1 
HETATM 982 O O   . HOH B 2 .   ? 4.160   10.895  -11.701 1.00 31.80 ? 225 HOH A O   1 
HETATM 983 O O   . HOH B 2 .   ? -0.465  -1.343  -14.092 1.00 35.02 ? 226 HOH A O   1 
HETATM 984 O O   . HOH B 2 .   ? -7.199  -7.253  -15.464 1.00 38.22 ? 227 HOH A O   1 
HETATM 985 O O   . HOH B 2 .   ? -8.282  -10.376 -10.958 1.00 42.77 ? 228 HOH A O   1 
# 
